data_2B02
# 
_entry.id   2B02 
# 
_audit_conform.dict_name       mmcif_pdbx.dic 
_audit_conform.dict_version    5.398 
_audit_conform.dict_location   http://mmcif.pdb.org/dictionaries/ascii/mmcif_pdbx.dic 
# 
loop_
_database_2.database_id 
_database_2.database_code 
_database_2.pdbx_database_accession 
_database_2.pdbx_DOI 
PDB   2B02         pdb_00002b02 10.2210/pdb2b02/pdb 
RCSB  RCSB034506   ?            ?                   
WWPDB D_1000034506 ?            ?                   
# 
loop_
_pdbx_audit_revision_history.ordinal 
_pdbx_audit_revision_history.data_content_type 
_pdbx_audit_revision_history.major_revision 
_pdbx_audit_revision_history.minor_revision 
_pdbx_audit_revision_history.revision_date 
1 'Structure model' 1 0 2006-10-24 
2 'Structure model' 1 1 2008-05-01 
3 'Structure model' 1 2 2011-07-13 
4 'Structure model' 1 3 2021-10-20 
5 'Structure model' 1 4 2024-11-13 
# 
_pdbx_audit_revision_details.ordinal             1 
_pdbx_audit_revision_details.revision_ordinal    1 
_pdbx_audit_revision_details.data_content_type   'Structure model' 
_pdbx_audit_revision_details.provider            repository 
_pdbx_audit_revision_details.type                'Initial release' 
_pdbx_audit_revision_details.description         ? 
_pdbx_audit_revision_details.details             ? 
# 
loop_
_pdbx_audit_revision_group.ordinal 
_pdbx_audit_revision_group.revision_ordinal 
_pdbx_audit_revision_group.data_content_type 
_pdbx_audit_revision_group.group 
1 2 'Structure model' 'Version format compliance' 
2 3 'Structure model' Advisory                    
3 3 'Structure model' 'Version format compliance' 
4 4 'Structure model' 'Database references'       
5 4 'Structure model' 'Derived calculations'      
6 5 'Structure model' 'Data collection'           
7 5 'Structure model' 'Structure summary'         
# 
loop_
_pdbx_audit_revision_category.ordinal 
_pdbx_audit_revision_category.revision_ordinal 
_pdbx_audit_revision_category.data_content_type 
_pdbx_audit_revision_category.category 
1 4 'Structure model' database_2                
2 4 'Structure model' struct_conn               
3 4 'Structure model' struct_ref_seq_dif        
4 5 'Structure model' chem_comp_atom            
5 5 'Structure model' chem_comp_bond            
6 5 'Structure model' pdbx_entry_details        
7 5 'Structure model' pdbx_modification_feature 
# 
loop_
_pdbx_audit_revision_item.ordinal 
_pdbx_audit_revision_item.revision_ordinal 
_pdbx_audit_revision_item.data_content_type 
_pdbx_audit_revision_item.item 
1 4 'Structure model' '_database_2.pdbx_DOI'                
2 4 'Structure model' '_database_2.pdbx_database_accession' 
3 4 'Structure model' '_struct_conn.pdbx_leaving_atom_flag' 
4 4 'Structure model' '_struct_ref_seq_dif.details'         
# 
_pdbx_database_status.status_code                     REL 
_pdbx_database_status.entry_id                        2B02 
_pdbx_database_status.recvd_initial_deposition_date   2005-09-12 
_pdbx_database_status.deposit_site                    RCSB 
_pdbx_database_status.process_site                    RCSB 
_pdbx_database_status.status_code_sf                  REL 
_pdbx_database_status.status_code_mr                  ? 
_pdbx_database_status.SG_entry                        ? 
_pdbx_database_status.pdb_format_compatible           Y 
_pdbx_database_status.status_code_cs                  ? 
_pdbx_database_status.status_code_nmr_data            ? 
_pdbx_database_status.methods_development_category    ? 
# 
loop_
_audit_author.name 
_audit_author.pdbx_ordinal 
'Lee, J.'        1 
'Botuyan, M.V.'  2 
'Nomine, Y.'     3 
'Ohh, M.'        4 
'Thompson, J.R.' 5 
'Mer, G.'        6 
# 
_citation.id                        primary 
_citation.title                     'Crystal Structure and Binding Properties of ARNT PAS-B Heterodimerization Domain' 
_citation.journal_abbrev            'To be Published' 
_citation.journal_volume            ? 
_citation.page_first                ? 
_citation.page_last                 ? 
_citation.year                      ? 
_citation.journal_id_ASTM           ? 
_citation.country                   ? 
_citation.journal_id_ISSN           ? 
_citation.journal_id_CSD            0353 
_citation.book_publisher            ? 
_citation.pdbx_database_id_PubMed   ? 
_citation.pdbx_database_id_DOI      ? 
# 
loop_
_citation_author.citation_id 
_citation_author.name 
_citation_author.ordinal 
_citation_author.identifier_ORCID 
primary 'Lee, J.'        1 ? 
primary 'Botuyan, M.V.'  2 ? 
primary 'Nomine, Y.'     3 ? 
primary 'Ohh, M.'        4 ? 
primary 'Thompson, J.R.' 5 ? 
primary 'Mer, G.'        6 ? 
# 
loop_
_entity.id 
_entity.type 
_entity.src_method 
_entity.pdbx_description 
_entity.formula_weight 
_entity.pdbx_number_of_molecules 
_entity.pdbx_ec 
_entity.pdbx_mutation 
_entity.pdbx_fragment 
_entity.details 
1 polymer man 'Aryl hydrocarbon receptor nuclear translocator' 14120.381 1   ? C358S 'PAS-B Domain' ? 
2 water   nat water                                            18.015    111 ? ?     ?              ? 
# 
_entity_name_com.entity_id   1 
_entity_name_com.name        'ARNT protein, Dioxin receptor, nuclear translocator, Hypoxia-inducible factor 1 beta, HIF-1 beta' 
# 
_entity_poly.entity_id                      1 
_entity_poly.type                           'polypeptide(L)' 
_entity_poly.nstd_linkage                   no 
_entity_poly.nstd_monomer                   yes 
_entity_poly.pdbx_seq_one_letter_code       
;GH(MSE)SNVSQPTEFISRHNIEGIFTFVDHRCVATVGYQPQELLGKNIVEFCHPEDQQLLRDSFQQVVKLKGQVLSV
(MSE)FRFRSKNQEWLW(MSE)RTSSFTFQNPYSDEIEYIICTNTNVKNSSQE
;
_entity_poly.pdbx_seq_one_letter_code_can   
;GHMSNVSQPTEFISRHNIEGIFTFVDHRCVATVGYQPQELLGKNIVEFCHPEDQQLLRDSFQQVVKLKGQVLSVMFRFRS
KNQEWLWMRTSSFTFQNPYSDEIEYIICTNTNVKNSSQE
;
_entity_poly.pdbx_strand_id                 A 
_entity_poly.pdbx_target_identifier         ? 
# 
_pdbx_entity_nonpoly.entity_id   2 
_pdbx_entity_nonpoly.name        water 
_pdbx_entity_nonpoly.comp_id     HOH 
# 
loop_
_entity_poly_seq.entity_id 
_entity_poly_seq.num 
_entity_poly_seq.mon_id 
_entity_poly_seq.hetero 
1 1   GLY n 
1 2   HIS n 
1 3   MSE n 
1 4   SER n 
1 5   ASN n 
1 6   VAL n 
1 7   SER n 
1 8   GLN n 
1 9   PRO n 
1 10  THR n 
1 11  GLU n 
1 12  PHE n 
1 13  ILE n 
1 14  SER n 
1 15  ARG n 
1 16  HIS n 
1 17  ASN n 
1 18  ILE n 
1 19  GLU n 
1 20  GLY n 
1 21  ILE n 
1 22  PHE n 
1 23  THR n 
1 24  PHE n 
1 25  VAL n 
1 26  ASP n 
1 27  HIS n 
1 28  ARG n 
1 29  CYS n 
1 30  VAL n 
1 31  ALA n 
1 32  THR n 
1 33  VAL n 
1 34  GLY n 
1 35  TYR n 
1 36  GLN n 
1 37  PRO n 
1 38  GLN n 
1 39  GLU n 
1 40  LEU n 
1 41  LEU n 
1 42  GLY n 
1 43  LYS n 
1 44  ASN n 
1 45  ILE n 
1 46  VAL n 
1 47  GLU n 
1 48  PHE n 
1 49  CYS n 
1 50  HIS n 
1 51  PRO n 
1 52  GLU n 
1 53  ASP n 
1 54  GLN n 
1 55  GLN n 
1 56  LEU n 
1 57  LEU n 
1 58  ARG n 
1 59  ASP n 
1 60  SER n 
1 61  PHE n 
1 62  GLN n 
1 63  GLN n 
1 64  VAL n 
1 65  VAL n 
1 66  LYS n 
1 67  LEU n 
1 68  LYS n 
1 69  GLY n 
1 70  GLN n 
1 71  VAL n 
1 72  LEU n 
1 73  SER n 
1 74  VAL n 
1 75  MSE n 
1 76  PHE n 
1 77  ARG n 
1 78  PHE n 
1 79  ARG n 
1 80  SER n 
1 81  LYS n 
1 82  ASN n 
1 83  GLN n 
1 84  GLU n 
1 85  TRP n 
1 86  LEU n 
1 87  TRP n 
1 88  MSE n 
1 89  ARG n 
1 90  THR n 
1 91  SER n 
1 92  SER n 
1 93  PHE n 
1 94  THR n 
1 95  PHE n 
1 96  GLN n 
1 97  ASN n 
1 98  PRO n 
1 99  TYR n 
1 100 SER n 
1 101 ASP n 
1 102 GLU n 
1 103 ILE n 
1 104 GLU n 
1 105 TYR n 
1 106 ILE n 
1 107 ILE n 
1 108 CYS n 
1 109 THR n 
1 110 ASN n 
1 111 THR n 
1 112 ASN n 
1 113 VAL n 
1 114 LYS n 
1 115 ASN n 
1 116 SER n 
1 117 SER n 
1 118 GLN n 
1 119 GLU n 
# 
_entity_src_gen.entity_id                          1 
_entity_src_gen.pdbx_src_id                        1 
_entity_src_gen.pdbx_alt_source_flag               sample 
_entity_src_gen.pdbx_seq_type                      ? 
_entity_src_gen.pdbx_beg_seq_num                   ? 
_entity_src_gen.pdbx_end_seq_num                   ? 
_entity_src_gen.gene_src_common_name               human 
_entity_src_gen.gene_src_genus                     Homo 
_entity_src_gen.pdbx_gene_src_gene                 ARNT 
_entity_src_gen.gene_src_species                   ? 
_entity_src_gen.gene_src_strain                    ? 
_entity_src_gen.gene_src_tissue                    ? 
_entity_src_gen.gene_src_tissue_fraction           ? 
_entity_src_gen.gene_src_details                   ? 
_entity_src_gen.pdbx_gene_src_fragment             ? 
_entity_src_gen.pdbx_gene_src_scientific_name      'Homo sapiens' 
_entity_src_gen.pdbx_gene_src_ncbi_taxonomy_id     9606 
_entity_src_gen.pdbx_gene_src_variant              ? 
_entity_src_gen.pdbx_gene_src_cell_line            ? 
_entity_src_gen.pdbx_gene_src_atcc                 ? 
_entity_src_gen.pdbx_gene_src_organ                ? 
_entity_src_gen.pdbx_gene_src_organelle            ? 
_entity_src_gen.pdbx_gene_src_cell                 ? 
_entity_src_gen.pdbx_gene_src_cellular_location    ? 
_entity_src_gen.host_org_common_name               ? 
_entity_src_gen.pdbx_host_org_scientific_name      'Escherichia coli' 
_entity_src_gen.pdbx_host_org_ncbi_taxonomy_id     562 
_entity_src_gen.host_org_genus                     Escherichia 
_entity_src_gen.pdbx_host_org_gene                 ? 
_entity_src_gen.pdbx_host_org_organ                ? 
_entity_src_gen.host_org_species                   ? 
_entity_src_gen.pdbx_host_org_tissue               ? 
_entity_src_gen.pdbx_host_org_tissue_fraction      ? 
_entity_src_gen.pdbx_host_org_strain               'B834(DE3)' 
_entity_src_gen.pdbx_host_org_variant              ? 
_entity_src_gen.pdbx_host_org_cell_line            ? 
_entity_src_gen.pdbx_host_org_atcc                 ? 
_entity_src_gen.pdbx_host_org_culture_collection   ? 
_entity_src_gen.pdbx_host_org_cell                 ? 
_entity_src_gen.pdbx_host_org_organelle            ? 
_entity_src_gen.pdbx_host_org_cellular_location    ? 
_entity_src_gen.pdbx_host_org_vector_type          PLASMID 
_entity_src_gen.pdbx_host_org_vector               ? 
_entity_src_gen.host_org_details                   ? 
_entity_src_gen.expression_system_id               ? 
_entity_src_gen.plasmid_name                       ? 
_entity_src_gen.plasmid_details                    ? 
_entity_src_gen.pdbx_description                   ? 
# 
loop_
_chem_comp.id 
_chem_comp.type 
_chem_comp.mon_nstd_flag 
_chem_comp.name 
_chem_comp.pdbx_synonyms 
_chem_comp.formula 
_chem_comp.formula_weight 
ALA 'L-peptide linking' y ALANINE          ? 'C3 H7 N O2'     89.093  
ARG 'L-peptide linking' y ARGININE         ? 'C6 H15 N4 O2 1' 175.209 
ASN 'L-peptide linking' y ASPARAGINE       ? 'C4 H8 N2 O3'    132.118 
ASP 'L-peptide linking' y 'ASPARTIC ACID'  ? 'C4 H7 N O4'     133.103 
CYS 'L-peptide linking' y CYSTEINE         ? 'C3 H7 N O2 S'   121.158 
GLN 'L-peptide linking' y GLUTAMINE        ? 'C5 H10 N2 O3'   146.144 
GLU 'L-peptide linking' y 'GLUTAMIC ACID'  ? 'C5 H9 N O4'     147.129 
GLY 'peptide linking'   y GLYCINE          ? 'C2 H5 N O2'     75.067  
HIS 'L-peptide linking' y HISTIDINE        ? 'C6 H10 N3 O2 1' 156.162 
HOH non-polymer         . WATER            ? 'H2 O'           18.015  
ILE 'L-peptide linking' y ISOLEUCINE       ? 'C6 H13 N O2'    131.173 
LEU 'L-peptide linking' y LEUCINE          ? 'C6 H13 N O2'    131.173 
LYS 'L-peptide linking' y LYSINE           ? 'C6 H15 N2 O2 1' 147.195 
MET 'L-peptide linking' y METHIONINE       ? 'C5 H11 N O2 S'  149.211 
MSE 'L-peptide linking' n SELENOMETHIONINE ? 'C5 H11 N O2 Se' 196.106 
PHE 'L-peptide linking' y PHENYLALANINE    ? 'C9 H11 N O2'    165.189 
PRO 'L-peptide linking' y PROLINE          ? 'C5 H9 N O2'     115.130 
SER 'L-peptide linking' y SERINE           ? 'C3 H7 N O3'     105.093 
THR 'L-peptide linking' y THREONINE        ? 'C4 H9 N O3'     119.119 
TRP 'L-peptide linking' y TRYPTOPHAN       ? 'C11 H12 N2 O2'  204.225 
TYR 'L-peptide linking' y TYROSINE         ? 'C9 H11 N O3'    181.189 
VAL 'L-peptide linking' y VALINE           ? 'C5 H11 N O2'    117.146 
# 
loop_
_pdbx_poly_seq_scheme.asym_id 
_pdbx_poly_seq_scheme.entity_id 
_pdbx_poly_seq_scheme.seq_id 
_pdbx_poly_seq_scheme.mon_id 
_pdbx_poly_seq_scheme.ndb_seq_num 
_pdbx_poly_seq_scheme.pdb_seq_num 
_pdbx_poly_seq_scheme.auth_seq_num 
_pdbx_poly_seq_scheme.pdb_mon_id 
_pdbx_poly_seq_scheme.auth_mon_id 
_pdbx_poly_seq_scheme.pdb_strand_id 
_pdbx_poly_seq_scheme.pdb_ins_code 
_pdbx_poly_seq_scheme.hetero 
A 1 1   GLY 1   352 ?   ?   ?   A . n 
A 1 2   HIS 2   353 ?   ?   ?   A . n 
A 1 3   MSE 3   354 354 MSE MSE A . n 
A 1 4   SER 4   355 355 SER SER A . n 
A 1 5   ASN 5   356 356 ASN ASN A . n 
A 1 6   VAL 6   357 357 VAL VAL A . n 
A 1 7   SER 7   358 358 SER SER A . n 
A 1 8   GLN 8   359 359 GLN GLN A . n 
A 1 9   PRO 9   360 360 PRO PRO A . n 
A 1 10  THR 10  361 361 THR THR A . n 
A 1 11  GLU 11  362 362 GLU GLU A . n 
A 1 12  PHE 12  363 363 PHE PHE A . n 
A 1 13  ILE 13  364 364 ILE ILE A . n 
A 1 14  SER 14  365 365 SER SER A . n 
A 1 15  ARG 15  366 366 ARG ARG A . n 
A 1 16  HIS 16  367 367 HIS HIS A . n 
A 1 17  ASN 17  368 368 ASN ASN A . n 
A 1 18  ILE 18  369 369 ILE ILE A . n 
A 1 19  GLU 19  370 370 GLU GLU A . n 
A 1 20  GLY 20  371 371 GLY GLY A . n 
A 1 21  ILE 21  372 372 ILE ILE A . n 
A 1 22  PHE 22  373 373 PHE PHE A . n 
A 1 23  THR 23  374 374 THR THR A . n 
A 1 24  PHE 24  375 375 PHE PHE A . n 
A 1 25  VAL 25  376 376 VAL VAL A . n 
A 1 26  ASP 26  377 377 ASP ASP A . n 
A 1 27  HIS 27  378 378 HIS HIS A . n 
A 1 28  ARG 28  379 379 ARG ARG A . n 
A 1 29  CYS 29  380 380 CYS CYS A . n 
A 1 30  VAL 30  381 381 VAL VAL A . n 
A 1 31  ALA 31  382 382 ALA ALA A . n 
A 1 32  THR 32  383 383 THR THR A . n 
A 1 33  VAL 33  384 384 VAL VAL A . n 
A 1 34  GLY 34  385 385 GLY GLY A . n 
A 1 35  TYR 35  386 386 TYR TYR A . n 
A 1 36  GLN 36  387 387 GLN GLN A . n 
A 1 37  PRO 37  388 388 PRO PRO A . n 
A 1 38  GLN 38  389 389 GLN GLN A . n 
A 1 39  GLU 39  390 390 GLU GLU A . n 
A 1 40  LEU 40  391 391 LEU LEU A . n 
A 1 41  LEU 41  392 392 LEU LEU A . n 
A 1 42  GLY 42  393 393 GLY GLY A . n 
A 1 43  LYS 43  394 394 LYS LYS A . n 
A 1 44  ASN 44  395 395 ASN ASN A . n 
A 1 45  ILE 45  396 396 ILE ILE A . n 
A 1 46  VAL 46  397 397 VAL VAL A . n 
A 1 47  GLU 47  398 398 GLU GLU A . n 
A 1 48  PHE 48  399 399 PHE PHE A . n 
A 1 49  CYS 49  400 400 CYS CYS A . n 
A 1 50  HIS 50  401 401 HIS HIS A . n 
A 1 51  PRO 51  402 402 PRO PRO A . n 
A 1 52  GLU 52  403 403 GLU GLU A . n 
A 1 53  ASP 53  404 404 ASP ASP A . n 
A 1 54  GLN 54  405 405 GLN GLN A . n 
A 1 55  GLN 55  406 406 GLN GLN A . n 
A 1 56  LEU 56  407 407 LEU LEU A . n 
A 1 57  LEU 57  408 408 LEU LEU A . n 
A 1 58  ARG 58  409 409 ARG ARG A . n 
A 1 59  ASP 59  410 410 ASP ASP A . n 
A 1 60  SER 60  411 411 SER SER A . n 
A 1 61  PHE 61  412 412 PHE PHE A . n 
A 1 62  GLN 62  413 413 GLN GLN A . n 
A 1 63  GLN 63  414 414 GLN GLN A . n 
A 1 64  VAL 64  415 415 VAL VAL A . n 
A 1 65  VAL 65  416 416 VAL VAL A . n 
A 1 66  LYS 66  417 417 LYS LYS A . n 
A 1 67  LEU 67  418 418 LEU LEU A . n 
A 1 68  LYS 68  419 419 LYS LYS A . n 
A 1 69  GLY 69  420 420 GLY GLY A . n 
A 1 70  GLN 70  421 421 GLN GLN A . n 
A 1 71  VAL 71  422 422 VAL VAL A . n 
A 1 72  LEU 72  423 423 LEU LEU A . n 
A 1 73  SER 73  424 424 SER SER A . n 
A 1 74  VAL 74  425 425 VAL VAL A . n 
A 1 75  MSE 75  426 426 MSE MSE A . n 
A 1 76  PHE 76  427 427 PHE PHE A . n 
A 1 77  ARG 77  428 428 ARG ARG A . n 
A 1 78  PHE 78  429 429 PHE PHE A . n 
A 1 79  ARG 79  430 430 ARG ARG A . n 
A 1 80  SER 80  431 431 SER SER A . n 
A 1 81  LYS 81  432 432 LYS LYS A . n 
A 1 82  ASN 82  433 433 ASN ASN A . n 
A 1 83  GLN 83  434 434 GLN GLN A . n 
A 1 84  GLU 84  435 435 GLU GLU A . n 
A 1 85  TRP 85  436 436 TRP TRP A . n 
A 1 86  LEU 86  437 437 LEU LEU A . n 
A 1 87  TRP 87  438 438 TRP TRP A . n 
A 1 88  MSE 88  439 439 MSE MSE A . n 
A 1 89  ARG 89  440 440 ARG ARG A . n 
A 1 90  THR 90  441 441 THR THR A . n 
A 1 91  SER 91  442 442 SER SER A . n 
A 1 92  SER 92  443 443 SER SER A . n 
A 1 93  PHE 93  444 444 PHE PHE A . n 
A 1 94  THR 94  445 445 THR THR A . n 
A 1 95  PHE 95  446 446 PHE PHE A . n 
A 1 96  GLN 96  447 447 GLN GLN A . n 
A 1 97  ASN 97  448 448 ASN ASN A . n 
A 1 98  PRO 98  449 449 PRO PRO A . n 
A 1 99  TYR 99  450 450 TYR TYR A . n 
A 1 100 SER 100 451 451 SER SER A . n 
A 1 101 ASP 101 452 452 ASP ASP A . n 
A 1 102 GLU 102 453 453 GLU GLU A . n 
A 1 103 ILE 103 454 454 ILE ILE A . n 
A 1 104 GLU 104 455 455 GLU GLU A . n 
A 1 105 TYR 105 456 456 TYR TYR A . n 
A 1 106 ILE 106 457 457 ILE ILE A . n 
A 1 107 ILE 107 458 458 ILE ILE A . n 
A 1 108 CYS 108 459 459 CYS CYS A . n 
A 1 109 THR 109 460 460 THR THR A . n 
A 1 110 ASN 110 461 461 ASN ASN A . n 
A 1 111 THR 111 462 462 THR THR A . n 
A 1 112 ASN 112 463 463 ASN ASN A . n 
A 1 113 VAL 113 464 464 VAL VAL A . n 
A 1 114 LYS 114 465 ?   ?   ?   A . n 
A 1 115 ASN 115 466 ?   ?   ?   A . n 
A 1 116 SER 116 467 ?   ?   ?   A . n 
A 1 117 SER 117 468 ?   ?   ?   A . n 
A 1 118 GLN 118 469 ?   ?   ?   A . n 
A 1 119 GLU 119 470 ?   ?   ?   A . n 
# 
loop_
_pdbx_nonpoly_scheme.asym_id 
_pdbx_nonpoly_scheme.entity_id 
_pdbx_nonpoly_scheme.mon_id 
_pdbx_nonpoly_scheme.ndb_seq_num 
_pdbx_nonpoly_scheme.pdb_seq_num 
_pdbx_nonpoly_scheme.auth_seq_num 
_pdbx_nonpoly_scheme.pdb_mon_id 
_pdbx_nonpoly_scheme.auth_mon_id 
_pdbx_nonpoly_scheme.pdb_strand_id 
_pdbx_nonpoly_scheme.pdb_ins_code 
B 2 HOH 1   1   1   HOH HOH A . 
B 2 HOH 2   2   2   HOH HOH A . 
B 2 HOH 3   3   3   HOH HOH A . 
B 2 HOH 4   4   4   HOH HOH A . 
B 2 HOH 5   5   5   HOH HOH A . 
B 2 HOH 6   6   6   HOH HOH A . 
B 2 HOH 7   7   7   HOH HOH A . 
B 2 HOH 8   8   8   HOH HOH A . 
B 2 HOH 9   9   9   HOH HOH A . 
B 2 HOH 10  10  10  HOH HOH A . 
B 2 HOH 11  11  11  HOH HOH A . 
B 2 HOH 12  12  12  HOH HOH A . 
B 2 HOH 13  13  13  HOH HOH A . 
B 2 HOH 14  14  14  HOH HOH A . 
B 2 HOH 15  15  15  HOH HOH A . 
B 2 HOH 16  16  16  HOH HOH A . 
B 2 HOH 17  17  17  HOH HOH A . 
B 2 HOH 18  18  18  HOH HOH A . 
B 2 HOH 19  19  19  HOH HOH A . 
B 2 HOH 20  20  20  HOH HOH A . 
B 2 HOH 21  21  21  HOH HOH A . 
B 2 HOH 22  22  22  HOH HOH A . 
B 2 HOH 23  23  23  HOH HOH A . 
B 2 HOH 24  24  24  HOH HOH A . 
B 2 HOH 25  25  25  HOH HOH A . 
B 2 HOH 26  26  26  HOH HOH A . 
B 2 HOH 27  27  27  HOH HOH A . 
B 2 HOH 28  28  28  HOH HOH A . 
B 2 HOH 29  29  29  HOH HOH A . 
B 2 HOH 30  30  30  HOH HOH A . 
B 2 HOH 31  31  31  HOH HOH A . 
B 2 HOH 32  32  32  HOH HOH A . 
B 2 HOH 33  33  33  HOH HOH A . 
B 2 HOH 34  34  34  HOH HOH A . 
B 2 HOH 35  35  35  HOH HOH A . 
B 2 HOH 36  36  36  HOH HOH A . 
B 2 HOH 37  37  37  HOH HOH A . 
B 2 HOH 38  38  38  HOH HOH A . 
B 2 HOH 39  39  39  HOH HOH A . 
B 2 HOH 40  40  40  HOH HOH A . 
B 2 HOH 41  41  41  HOH HOH A . 
B 2 HOH 42  42  42  HOH HOH A . 
B 2 HOH 43  43  43  HOH HOH A . 
B 2 HOH 44  44  44  HOH HOH A . 
B 2 HOH 45  45  45  HOH HOH A . 
B 2 HOH 46  46  46  HOH HOH A . 
B 2 HOH 47  47  47  HOH HOH A . 
B 2 HOH 48  48  48  HOH HOH A . 
B 2 HOH 49  49  49  HOH HOH A . 
B 2 HOH 50  50  50  HOH HOH A . 
B 2 HOH 51  51  51  HOH HOH A . 
B 2 HOH 52  52  52  HOH HOH A . 
B 2 HOH 53  53  53  HOH HOH A . 
B 2 HOH 54  54  54  HOH HOH A . 
B 2 HOH 55  55  55  HOH HOH A . 
B 2 HOH 56  56  56  HOH HOH A . 
B 2 HOH 57  57  57  HOH HOH A . 
B 2 HOH 58  58  58  HOH HOH A . 
B 2 HOH 59  59  59  HOH HOH A . 
B 2 HOH 60  60  60  HOH HOH A . 
B 2 HOH 61  61  61  HOH HOH A . 
B 2 HOH 62  62  62  HOH HOH A . 
B 2 HOH 63  63  63  HOH HOH A . 
B 2 HOH 64  64  64  HOH HOH A . 
B 2 HOH 65  65  65  HOH HOH A . 
B 2 HOH 66  66  66  HOH HOH A . 
B 2 HOH 67  67  67  HOH HOH A . 
B 2 HOH 68  68  68  HOH HOH A . 
B 2 HOH 69  69  69  HOH HOH A . 
B 2 HOH 70  70  70  HOH HOH A . 
B 2 HOH 71  71  71  HOH HOH A . 
B 2 HOH 72  72  72  HOH HOH A . 
B 2 HOH 73  73  73  HOH HOH A . 
B 2 HOH 74  74  74  HOH HOH A . 
B 2 HOH 75  75  75  HOH HOH A . 
B 2 HOH 76  76  76  HOH HOH A . 
B 2 HOH 77  77  77  HOH HOH A . 
B 2 HOH 78  78  78  HOH HOH A . 
B 2 HOH 79  79  79  HOH HOH A . 
B 2 HOH 80  80  80  HOH HOH A . 
B 2 HOH 81  81  81  HOH HOH A . 
B 2 HOH 82  82  82  HOH HOH A . 
B 2 HOH 83  83  83  HOH HOH A . 
B 2 HOH 84  84  84  HOH HOH A . 
B 2 HOH 85  85  85  HOH HOH A . 
B 2 HOH 86  86  86  HOH HOH A . 
B 2 HOH 87  87  87  HOH HOH A . 
B 2 HOH 88  88  88  HOH HOH A . 
B 2 HOH 89  89  89  HOH HOH A . 
B 2 HOH 90  90  90  HOH HOH A . 
B 2 HOH 91  91  91  HOH HOH A . 
B 2 HOH 92  92  92  HOH HOH A . 
B 2 HOH 93  93  93  HOH HOH A . 
B 2 HOH 94  94  94  HOH HOH A . 
B 2 HOH 95  95  95  HOH HOH A . 
B 2 HOH 96  96  96  HOH HOH A . 
B 2 HOH 97  97  97  HOH HOH A . 
B 2 HOH 98  98  98  HOH HOH A . 
B 2 HOH 99  99  99  HOH HOH A . 
B 2 HOH 100 100 100 HOH HOH A . 
B 2 HOH 101 101 101 HOH HOH A . 
B 2 HOH 102 102 102 HOH HOH A . 
B 2 HOH 103 103 103 HOH HOH A . 
B 2 HOH 104 104 104 HOH HOH A . 
B 2 HOH 105 105 105 HOH HOH A . 
B 2 HOH 106 106 106 HOH HOH A . 
B 2 HOH 107 107 107 HOH HOH A . 
B 2 HOH 108 108 108 HOH HOH A . 
B 2 HOH 109 109 109 HOH HOH A . 
B 2 HOH 110 110 110 HOH HOH A . 
B 2 HOH 111 111 111 HOH HOH A . 
# 
loop_
_software.name 
_software.classification 
_software.version 
_software.citation_id 
_software.pdbx_ordinal 
REFMAC   refinement       5.2.0005 ? 1 
HKL-2000 'data reduction' .        ? 2 
HKL-2000 'data scaling'   .        ? 3 
SOLVE    phasing          .        ? 4 
# 
_cell.entry_id           2B02 
_cell.length_a           55.321 
_cell.length_b           61.610 
_cell.length_c           76.711 
_cell.angle_alpha        90.00 
_cell.angle_beta         90.00 
_cell.angle_gamma        90.00 
_cell.Z_PDB              8 
_cell.pdbx_unique_axis   ? 
# 
_symmetry.entry_id                         2B02 
_symmetry.space_group_name_H-M             'I 2 2 2' 
_symmetry.pdbx_full_space_group_name_H-M   ? 
_symmetry.cell_setting                     ? 
_symmetry.Int_Tables_number                23 
_symmetry.space_group_name_Hall            ? 
# 
_exptl.entry_id          2B02 
_exptl.method            'X-RAY DIFFRACTION' 
_exptl.crystals_number   1 
# 
_exptl_crystal.id                    1 
_exptl_crystal.density_meas          ? 
_exptl_crystal.density_Matthews      2.3 
_exptl_crystal.density_percent_sol   47 
_exptl_crystal.description           ? 
_exptl_crystal.F_000                 ? 
_exptl_crystal.preparation           ? 
# 
_exptl_crystal_grow.crystal_id      1 
_exptl_crystal_grow.method          ? 
_exptl_crystal_grow.temp            295 
_exptl_crystal_grow.temp_details    ? 
_exptl_crystal_grow.pH              8.65 
_exptl_crystal_grow.pdbx_details    'Ammonium sulfate, PEG 400, HEPES, pH 8.65, VAPOR DIFFUSION, HANGING DROP, temperature 295K' 
_exptl_crystal_grow.pdbx_pH_range   . 
# 
_diffrn.id                     1 
_diffrn.ambient_temp           100.0 
_diffrn.ambient_temp_details   ? 
_diffrn.crystal_id             1 
# 
_diffrn_detector.diffrn_id              1 
_diffrn_detector.detector               CCD 
_diffrn_detector.type                   CUSTOM-MADE 
_diffrn_detector.pdbx_collection_date   ? 
_diffrn_detector.details                ? 
# 
_diffrn_radiation.diffrn_id                        1 
_diffrn_radiation.wavelength_id                    1 
_diffrn_radiation.pdbx_monochromatic_or_laue_m_l   M 
_diffrn_radiation.monochromator                    ? 
_diffrn_radiation.pdbx_diffrn_protocol             MAD 
_diffrn_radiation.pdbx_scattering_type             x-ray 
# 
loop_
_diffrn_radiation_wavelength.id 
_diffrn_radiation_wavelength.wavelength 
_diffrn_radiation_wavelength.wt 
1 0.96209 1.0 
2 0.97932 1.0 
3 0.97942 1.0 
4 0.99503 1.0 
# 
_diffrn_source.diffrn_id                   1 
_diffrn_source.source                      SYNCHROTRON 
_diffrn_source.type                        'APS BEAMLINE 19-BM' 
_diffrn_source.pdbx_synchrotron_site       APS 
_diffrn_source.pdbx_synchrotron_beamline   19-BM 
_diffrn_source.pdbx_wavelength             ? 
_diffrn_source.pdbx_wavelength_list        '0.96209, 0.97932, 0.97942, 0.99503' 
# 
_reflns.entry_id                     2B02 
_reflns.observed_criterion_sigma_I   0 
_reflns.observed_criterion_sigma_F   ? 
_reflns.d_resolution_low             48.06 
_reflns.d_resolution_high            1.50 
_reflns.number_obs                   4398 
_reflns.number_all                   ? 
_reflns.percent_possible_obs         99.6 
_reflns.pdbx_Rmerge_I_obs            0.04 
_reflns.pdbx_Rsym_value              ? 
_reflns.pdbx_netI_over_sigmaI        396.7 
_reflns.B_iso_Wilson_estimate        ? 
_reflns.pdbx_redundancy              4.6 
_reflns.R_free_details               ? 
_reflns.limit_h_max                  ? 
_reflns.limit_h_min                  ? 
_reflns.limit_k_max                  ? 
_reflns.limit_k_min                  ? 
_reflns.limit_l_max                  ? 
_reflns.limit_l_min                  ? 
_reflns.observed_criterion_F_max     ? 
_reflns.observed_criterion_F_min     ? 
_reflns.pdbx_chi_squared             ? 
_reflns.pdbx_scaling_rejects         ? 
_reflns.pdbx_ordinal                 1 
_reflns.pdbx_diffrn_id               1 
# 
_reflns_shell.d_res_high             1.50 
_reflns_shell.d_res_low              1.55 
_reflns_shell.percent_possible_all   99.3 
_reflns_shell.Rmerge_I_obs           0.473 
_reflns_shell.pdbx_Rsym_value        ? 
_reflns_shell.meanI_over_sigI_obs    13.2 
_reflns_shell.pdbx_redundancy        4.4 
_reflns_shell.percent_possible_obs   ? 
_reflns_shell.number_unique_all      ? 
_reflns_shell.number_measured_all    ? 
_reflns_shell.number_measured_obs    ? 
_reflns_shell.number_unique_obs      ? 
_reflns_shell.pdbx_chi_squared       ? 
_reflns_shell.pdbx_ordinal           1 
_reflns_shell.pdbx_diffrn_id         1 
# 
_refine.entry_id                                 2B02 
_refine.ls_number_reflns_obs                     20229 
_refine.ls_number_reflns_all                     ? 
_refine.pdbx_ls_sigma_I                          ? 
_refine.pdbx_ls_sigma_F                          ? 
_refine.pdbx_data_cutoff_high_absF               ? 
_refine.pdbx_data_cutoff_low_absF                ? 
_refine.pdbx_data_cutoff_high_rms_absF           ? 
_refine.ls_d_res_low                             48.06 
_refine.ls_d_res_high                            1.50 
_refine.ls_percent_reflns_obs                    99.5 
_refine.ls_R_factor_obs                          0.188 
_refine.ls_R_factor_all                          ? 
_refine.ls_R_factor_R_work                       0.187 
_refine.ls_R_factor_R_free                       0.208 
_refine.ls_R_factor_R_free_error                 ? 
_refine.ls_R_factor_R_free_error_details         ? 
_refine.ls_percent_reflns_R_free                 5.100 
_refine.ls_number_reflns_R_free                  1093 
_refine.ls_number_parameters                     ? 
_refine.ls_number_restraints                     ? 
_refine.occupancy_min                            ? 
_refine.occupancy_max                            ? 
_refine.correlation_coeff_Fo_to_Fc               0.963 
_refine.correlation_coeff_Fo_to_Fc_free          0.952 
_refine.B_iso_mean                               21.71 
_refine.aniso_B[1][1]                            -0.28000 
_refine.aniso_B[2][2]                            -0.55000 
_refine.aniso_B[3][3]                            0.83000 
_refine.aniso_B[1][2]                            0.00000 
_refine.aniso_B[1][3]                            0.00000 
_refine.aniso_B[2][3]                            0.00000 
_refine.solvent_model_details                    MASK 
_refine.solvent_model_param_ksol                 ? 
_refine.solvent_model_param_bsol                 ? 
_refine.pdbx_solvent_vdw_probe_radii             1.20 
_refine.pdbx_solvent_ion_probe_radii             0.80 
_refine.pdbx_solvent_shrinkage_radii             0.80 
_refine.pdbx_ls_cross_valid_method               THROUGHOUT 
_refine.details                                  'HYDROGENS HAVE BEEN ADDED IN THE RIDING POSITIONS' 
_refine.pdbx_starting_model                      ? 
_refine.pdbx_method_to_determine_struct          MAD 
_refine.pdbx_isotropic_thermal_model             ? 
_refine.pdbx_stereochemistry_target_values       'MAXIMUM LIKELIHOOD WITH PHASES' 
_refine.pdbx_stereochem_target_val_spec_case     ? 
_refine.pdbx_R_Free_selection_details            RANDOM 
_refine.pdbx_overall_ESU_R                       0.076 
_refine.pdbx_overall_ESU_R_Free                  0.075 
_refine.overall_SU_ML                            0.043 
_refine.overall_SU_B                             2.327 
_refine.ls_redundancy_reflns_obs                 ? 
_refine.B_iso_min                                ? 
_refine.B_iso_max                                ? 
_refine.overall_SU_R_Cruickshank_DPI             ? 
_refine.overall_SU_R_free                        ? 
_refine.ls_wR_factor_R_free                      ? 
_refine.ls_wR_factor_R_work                      ? 
_refine.overall_FOM_free_R_set                   ? 
_refine.overall_FOM_work_R_set                   ? 
_refine.pdbx_refine_id                           'X-RAY DIFFRACTION' 
_refine.pdbx_TLS_residual_ADP_flag               'LIKELY RESIDUAL' 
_refine.pdbx_diffrn_id                           1 
_refine.pdbx_overall_phase_error                 ? 
_refine.pdbx_overall_SU_R_free_Cruickshank_DPI   ? 
_refine.pdbx_overall_SU_R_Blow_DPI               ? 
_refine.pdbx_overall_SU_R_free_Blow_DPI          ? 
# 
_refine_hist.pdbx_refine_id                   'X-RAY DIFFRACTION' 
_refine_hist.cycle_id                         LAST 
_refine_hist.pdbx_number_atoms_protein        921 
_refine_hist.pdbx_number_atoms_nucleic_acid   0 
_refine_hist.pdbx_number_atoms_ligand         0 
_refine_hist.number_atoms_solvent             111 
_refine_hist.number_atoms_total               1032 
_refine_hist.d_res_high                       1.50 
_refine_hist.d_res_low                        48.06 
# 
loop_
_refine_ls_restr.type 
_refine_ls_restr.dev_ideal 
_refine_ls_restr.dev_ideal_target 
_refine_ls_restr.weight 
_refine_ls_restr.number 
_refine_ls_restr.pdbx_refine_id 
_refine_ls_restr.pdbx_restraint_function 
r_bond_refined_d             0.009  0.022  ? 1029 'X-RAY DIFFRACTION' ? 
r_bond_other_d               ?      ?      ? ?    'X-RAY DIFFRACTION' ? 
r_angle_refined_deg          1.187  1.923  ? 1406 'X-RAY DIFFRACTION' ? 
r_angle_other_deg            ?      ?      ? ?    'X-RAY DIFFRACTION' ? 
r_dihedral_angle_1_deg       5.561  5.000  ? 129  'X-RAY DIFFRACTION' ? 
r_dihedral_angle_2_deg       40.109 24.259 ? 54   'X-RAY DIFFRACTION' ? 
r_dihedral_angle_3_deg       11.978 15.000 ? 182  'X-RAY DIFFRACTION' ? 
r_dihedral_angle_4_deg       24.580 15.000 ? 7    'X-RAY DIFFRACTION' ? 
r_chiral_restr               0.086  0.200  ? 152  'X-RAY DIFFRACTION' ? 
r_gen_planes_refined         0.005  0.020  ? 812  'X-RAY DIFFRACTION' ? 
r_gen_planes_other           ?      ?      ? ?    'X-RAY DIFFRACTION' ? 
r_nbd_refined                0.211  0.200  ? 464  'X-RAY DIFFRACTION' ? 
r_nbd_other                  ?      ?      ? ?    'X-RAY DIFFRACTION' ? 
r_nbtor_refined              0.300  0.200  ? 737  'X-RAY DIFFRACTION' ? 
r_nbtor_other                ?      ?      ? ?    'X-RAY DIFFRACTION' ? 
r_xyhbond_nbd_refined        0.145  0.200  ? 100  'X-RAY DIFFRACTION' ? 
r_xyhbond_nbd_other          ?      ?      ? ?    'X-RAY DIFFRACTION' ? 
r_metal_ion_refined          ?      ?      ? ?    'X-RAY DIFFRACTION' ? 
r_metal_ion_other            ?      ?      ? ?    'X-RAY DIFFRACTION' ? 
r_symmetry_vdw_refined       0.178  0.200  ? 55   'X-RAY DIFFRACTION' ? 
r_symmetry_vdw_other         ?      ?      ? ?    'X-RAY DIFFRACTION' ? 
r_symmetry_hbond_refined     0.137  0.200  ? 16   'X-RAY DIFFRACTION' ? 
r_symmetry_hbond_other       ?      ?      ? ?    'X-RAY DIFFRACTION' ? 
r_symmetry_metal_ion_refined ?      ?      ? ?    'X-RAY DIFFRACTION' ? 
r_symmetry_metal_ion_other   ?      ?      ? ?    'X-RAY DIFFRACTION' ? 
r_mcbond_it                  0.921  1.500  ? 634  'X-RAY DIFFRACTION' ? 
r_mcbond_other               ?      ?      ? ?    'X-RAY DIFFRACTION' ? 
r_mcangle_it                 1.216  2.000  ? 1018 'X-RAY DIFFRACTION' ? 
r_scbond_it                  2.062  3.000  ? 449  'X-RAY DIFFRACTION' ? 
r_scangle_it                 3.073  4.500  ? 388  'X-RAY DIFFRACTION' ? 
r_rigid_bond_restr           ?      ?      ? ?    'X-RAY DIFFRACTION' ? 
r_sphericity_free            ?      ?      ? ?    'X-RAY DIFFRACTION' ? 
r_sphericity_bonded          ?      ?      ? ?    'X-RAY DIFFRACTION' ? 
# 
_refine_ls_shell.pdbx_total_number_of_bins_used   20 
_refine_ls_shell.d_res_high                       1.50 
_refine_ls_shell.d_res_low                        1.54 
_refine_ls_shell.number_reflns_R_work             1452 
_refine_ls_shell.R_factor_R_work                  0.237 
_refine_ls_shell.percent_reflns_obs               99.03 
_refine_ls_shell.R_factor_R_free                  0.272 
_refine_ls_shell.R_factor_R_free_error            ? 
_refine_ls_shell.percent_reflns_R_free            ? 
_refine_ls_shell.number_reflns_R_free             83 
_refine_ls_shell.redundancy_reflns_obs            ? 
_refine_ls_shell.number_reflns_all                ? 
_refine_ls_shell.number_reflns_obs                ? 
_refine_ls_shell.pdbx_refine_id                   'X-RAY DIFFRACTION' 
_refine_ls_shell.R_factor_all                     ? 
# 
_struct.entry_id                  2B02 
_struct.title                     'Crystal Structure of ARNT PAS-B Domain' 
_struct.pdbx_model_details        ? 
_struct.pdbx_CASP_flag            ? 
_struct.pdbx_model_type_details   ? 
# 
_struct_keywords.entry_id        2B02 
_struct_keywords.pdbx_keywords   TRANSCRIPTION 
_struct_keywords.text            'PAS DOMAIN, ARNT, HIF, AHR, TRANSCRIPTION' 
# 
loop_
_struct_asym.id 
_struct_asym.pdbx_blank_PDB_chainid_flag 
_struct_asym.pdbx_modified 
_struct_asym.entity_id 
_struct_asym.details 
A N N 1 ? 
B N N 2 ? 
# 
_struct_ref.id                         1 
_struct_ref.db_name                    UNP 
_struct_ref.db_code                    ARNT_HUMAN 
_struct_ref.pdbx_db_accession          P27540 
_struct_ref.entity_id                  1 
_struct_ref.pdbx_align_begin           354 
_struct_ref.pdbx_db_isoform            ? 
_struct_ref.pdbx_seq_one_letter_code   ? 
# 
_struct_ref_seq.align_id                      1 
_struct_ref_seq.ref_id                        1 
_struct_ref_seq.pdbx_PDB_id_code              2B02 
_struct_ref_seq.pdbx_strand_id                A 
_struct_ref_seq.seq_align_beg                 3 
_struct_ref_seq.pdbx_seq_align_beg_ins_code   ? 
_struct_ref_seq.seq_align_end                 119 
_struct_ref_seq.pdbx_seq_align_end_ins_code   ? 
_struct_ref_seq.pdbx_db_accession             P27540 
_struct_ref_seq.db_align_beg                  354 
_struct_ref_seq.pdbx_db_align_beg_ins_code    ? 
_struct_ref_seq.db_align_end                  470 
_struct_ref_seq.pdbx_db_align_end_ins_code    ? 
_struct_ref_seq.pdbx_auth_seq_align_beg       354 
_struct_ref_seq.pdbx_auth_seq_align_end       470 
# 
loop_
_struct_ref_seq_dif.align_id 
_struct_ref_seq_dif.pdbx_pdb_id_code 
_struct_ref_seq_dif.mon_id 
_struct_ref_seq_dif.pdbx_pdb_strand_id 
_struct_ref_seq_dif.seq_num 
_struct_ref_seq_dif.pdbx_pdb_ins_code 
_struct_ref_seq_dif.pdbx_seq_db_name 
_struct_ref_seq_dif.pdbx_seq_db_accession_code 
_struct_ref_seq_dif.db_mon_id 
_struct_ref_seq_dif.pdbx_seq_db_seq_num 
_struct_ref_seq_dif.details 
_struct_ref_seq_dif.pdbx_auth_seq_num 
_struct_ref_seq_dif.pdbx_ordinal 
1 2B02 GLY A 1  ? UNP P27540 ?   ?   'cloning artifact'    352 1 
1 2B02 HIS A 2  ? UNP P27540 ?   ?   'cloning artifact'    353 2 
1 2B02 MSE A 3  ? UNP P27540 MET 354 'modified residue'    354 3 
1 2B02 SER A 7  ? UNP P27540 CYS 358 'engineered mutation' 358 4 
1 2B02 MSE A 75 ? UNP P27540 MET 426 'modified residue'    426 5 
1 2B02 MSE A 88 ? UNP P27540 MET 439 'modified residue'    439 6 
# 
_pdbx_struct_assembly.id                   1 
_pdbx_struct_assembly.details              author_defined_assembly 
_pdbx_struct_assembly.method_details       ? 
_pdbx_struct_assembly.oligomeric_details   monomeric 
_pdbx_struct_assembly.oligomeric_count     1 
# 
_pdbx_struct_assembly_gen.assembly_id       1 
_pdbx_struct_assembly_gen.oper_expression   1 
_pdbx_struct_assembly_gen.asym_id_list      A,B 
# 
_pdbx_struct_oper_list.id                   1 
_pdbx_struct_oper_list.type                 'identity operation' 
_pdbx_struct_oper_list.name                 1_555 
_pdbx_struct_oper_list.symmetry_operation   x,y,z 
_pdbx_struct_oper_list.matrix[1][1]         1.0000000000 
_pdbx_struct_oper_list.matrix[1][2]         0.0000000000 
_pdbx_struct_oper_list.matrix[1][3]         0.0000000000 
_pdbx_struct_oper_list.vector[1]            0.0000000000 
_pdbx_struct_oper_list.matrix[2][1]         0.0000000000 
_pdbx_struct_oper_list.matrix[2][2]         1.0000000000 
_pdbx_struct_oper_list.matrix[2][3]         0.0000000000 
_pdbx_struct_oper_list.vector[2]            0.0000000000 
_pdbx_struct_oper_list.matrix[3][1]         0.0000000000 
_pdbx_struct_oper_list.matrix[3][2]         0.0000000000 
_pdbx_struct_oper_list.matrix[3][3]         1.0000000000 
_pdbx_struct_oper_list.vector[3]            0.0000000000 
# 
_struct_biol.id                    1 
_struct_biol.pdbx_parent_biol_id   ? 
_struct_biol.details               ? 
# 
loop_
_struct_conf.conf_type_id 
_struct_conf.id 
_struct_conf.pdbx_PDB_helix_id 
_struct_conf.beg_label_comp_id 
_struct_conf.beg_label_asym_id 
_struct_conf.beg_label_seq_id 
_struct_conf.pdbx_beg_PDB_ins_code 
_struct_conf.end_label_comp_id 
_struct_conf.end_label_asym_id 
_struct_conf.end_label_seq_id 
_struct_conf.pdbx_end_PDB_ins_code 
_struct_conf.beg_auth_comp_id 
_struct_conf.beg_auth_asym_id 
_struct_conf.beg_auth_seq_id 
_struct_conf.end_auth_comp_id 
_struct_conf.end_auth_asym_id 
_struct_conf.end_auth_seq_id 
_struct_conf.pdbx_PDB_helix_class 
_struct_conf.details 
_struct_conf.pdbx_PDB_helix_length 
HELX_P HELX_P1 1 ARG A 28 ? GLY A 34 ? ARG A 379 GLY A 385 1 ? 7  
HELX_P HELX_P2 2 GLN A 36 ? LEU A 40 ? GLN A 387 LEU A 391 5 ? 5  
HELX_P HELX_P3 3 ASN A 44 ? CYS A 49 ? ASN A 395 CYS A 400 5 ? 6  
HELX_P HELX_P4 4 HIS A 50 ? GLU A 52 ? HIS A 401 GLU A 403 5 ? 3  
HELX_P HELX_P5 5 ASP A 53 ? LEU A 67 ? ASP A 404 LEU A 418 1 ? 15 
# 
_struct_conf_type.id          HELX_P 
_struct_conf_type.criteria    ? 
_struct_conf_type.reference   ? 
# 
loop_
_struct_conn.id 
_struct_conn.conn_type_id 
_struct_conn.pdbx_leaving_atom_flag 
_struct_conn.pdbx_PDB_id 
_struct_conn.ptnr1_label_asym_id 
_struct_conn.ptnr1_label_comp_id 
_struct_conn.ptnr1_label_seq_id 
_struct_conn.ptnr1_label_atom_id 
_struct_conn.pdbx_ptnr1_label_alt_id 
_struct_conn.pdbx_ptnr1_PDB_ins_code 
_struct_conn.pdbx_ptnr1_standard_comp_id 
_struct_conn.ptnr1_symmetry 
_struct_conn.ptnr2_label_asym_id 
_struct_conn.ptnr2_label_comp_id 
_struct_conn.ptnr2_label_seq_id 
_struct_conn.ptnr2_label_atom_id 
_struct_conn.pdbx_ptnr2_label_alt_id 
_struct_conn.pdbx_ptnr2_PDB_ins_code 
_struct_conn.ptnr1_auth_asym_id 
_struct_conn.ptnr1_auth_comp_id 
_struct_conn.ptnr1_auth_seq_id 
_struct_conn.ptnr2_auth_asym_id 
_struct_conn.ptnr2_auth_comp_id 
_struct_conn.ptnr2_auth_seq_id 
_struct_conn.ptnr2_symmetry 
_struct_conn.pdbx_ptnr3_label_atom_id 
_struct_conn.pdbx_ptnr3_label_seq_id 
_struct_conn.pdbx_ptnr3_label_comp_id 
_struct_conn.pdbx_ptnr3_label_asym_id 
_struct_conn.pdbx_ptnr3_label_alt_id 
_struct_conn.pdbx_ptnr3_PDB_ins_code 
_struct_conn.details 
_struct_conn.pdbx_dist_value 
_struct_conn.pdbx_value_order 
_struct_conn.pdbx_role 
covale1 covale both ? A MSE 3  C ? ? ? 1_555 A SER 4  N ? ? A MSE 354 A SER 355 1_555 ? ? ? ? ? ? ? 1.329 ? ? 
covale2 covale both ? A VAL 74 C ? ? ? 1_555 A MSE 75 N B ? A VAL 425 A MSE 426 1_555 ? ? ? ? ? ? ? 1.328 ? ? 
covale3 covale both ? A VAL 74 C ? ? ? 1_555 A MSE 75 N A ? A VAL 425 A MSE 426 1_555 ? ? ? ? ? ? ? 1.333 ? ? 
covale4 covale both ? A MSE 75 C B ? ? 1_555 A PHE 76 N ? ? A MSE 426 A PHE 427 1_555 ? ? ? ? ? ? ? 1.323 ? ? 
covale5 covale both ? A MSE 75 C A ? ? 1_555 A PHE 76 N ? ? A MSE 426 A PHE 427 1_555 ? ? ? ? ? ? ? 1.338 ? ? 
covale6 covale both ? A TRP 87 C ? ? ? 1_555 A MSE 88 N B ? A TRP 438 A MSE 439 1_555 ? ? ? ? ? ? ? 1.329 ? ? 
covale7 covale both ? A TRP 87 C ? ? ? 1_555 A MSE 88 N A ? A TRP 438 A MSE 439 1_555 ? ? ? ? ? ? ? 1.327 ? ? 
covale8 covale both ? A MSE 88 C B ? ? 1_555 A ARG 89 N ? ? A MSE 439 A ARG 440 1_555 ? ? ? ? ? ? ? 1.338 ? ? 
covale9 covale both ? A MSE 88 C A ? ? 1_555 A ARG 89 N ? ? A MSE 439 A ARG 440 1_555 ? ? ? ? ? ? ? 1.323 ? ? 
# 
_struct_conn_type.id          covale 
_struct_conn_type.criteria    ? 
_struct_conn_type.reference   ? 
# 
loop_
_pdbx_modification_feature.ordinal 
_pdbx_modification_feature.label_comp_id 
_pdbx_modification_feature.label_asym_id 
_pdbx_modification_feature.label_seq_id 
_pdbx_modification_feature.label_alt_id 
_pdbx_modification_feature.modified_residue_label_comp_id 
_pdbx_modification_feature.modified_residue_label_asym_id 
_pdbx_modification_feature.modified_residue_label_seq_id 
_pdbx_modification_feature.modified_residue_label_alt_id 
_pdbx_modification_feature.auth_comp_id 
_pdbx_modification_feature.auth_asym_id 
_pdbx_modification_feature.auth_seq_id 
_pdbx_modification_feature.PDB_ins_code 
_pdbx_modification_feature.symmetry 
_pdbx_modification_feature.modified_residue_auth_comp_id 
_pdbx_modification_feature.modified_residue_auth_asym_id 
_pdbx_modification_feature.modified_residue_auth_seq_id 
_pdbx_modification_feature.modified_residue_PDB_ins_code 
_pdbx_modification_feature.modified_residue_symmetry 
_pdbx_modification_feature.comp_id_linking_atom 
_pdbx_modification_feature.modified_residue_id_linking_atom 
_pdbx_modification_feature.modified_residue_id 
_pdbx_modification_feature.ref_pcm_id 
_pdbx_modification_feature.ref_comp_id 
_pdbx_modification_feature.type 
_pdbx_modification_feature.category 
1 MSE A 3  ? . . . . MSE A 354 ? 1_555 . . . . . . . MET 1 MSE Selenomethionine 'Named protein modification' 
2 MSE A 75 A . . . . MSE A 426 ? 1_555 . . . . . . . MET 1 MSE Selenomethionine 'Named protein modification' 
3 MSE A 75 B . . . . MSE A 426 ? 1_555 . . . . . . . MET 1 MSE Selenomethionine 'Named protein modification' 
4 MSE A 88 A . . . . MSE A 439 ? 1_555 . . . . . . . MET 1 MSE Selenomethionine 'Named protein modification' 
5 MSE A 88 B . . . . MSE A 439 ? 1_555 . . . . . . . MET 1 MSE Selenomethionine 'Named protein modification' 
# 
_struct_sheet.id               A 
_struct_sheet.type             ? 
_struct_sheet.number_strands   5 
_struct_sheet.details          ? 
# 
loop_
_struct_sheet_order.sheet_id 
_struct_sheet_order.range_id_1 
_struct_sheet_order.range_id_2 
_struct_sheet_order.offset 
_struct_sheet_order.sense 
A 1 2 ? anti-parallel 
A 2 3 ? anti-parallel 
A 3 4 ? anti-parallel 
A 4 5 ? anti-parallel 
# 
loop_
_struct_sheet_range.sheet_id 
_struct_sheet_range.id 
_struct_sheet_range.beg_label_comp_id 
_struct_sheet_range.beg_label_asym_id 
_struct_sheet_range.beg_label_seq_id 
_struct_sheet_range.pdbx_beg_PDB_ins_code 
_struct_sheet_range.end_label_comp_id 
_struct_sheet_range.end_label_asym_id 
_struct_sheet_range.end_label_seq_id 
_struct_sheet_range.pdbx_end_PDB_ins_code 
_struct_sheet_range.beg_auth_comp_id 
_struct_sheet_range.beg_auth_asym_id 
_struct_sheet_range.beg_auth_seq_id 
_struct_sheet_range.end_auth_comp_id 
_struct_sheet_range.end_auth_asym_id 
_struct_sheet_range.end_auth_seq_id 
A 1 PHE A 22  ? VAL A 25  ? PHE A 373 VAL A 376 
A 2 GLU A 11  ? HIS A 16  ? GLU A 362 HIS A 367 
A 3 ILE A 103 ? ASN A 112 ? ILE A 454 ASN A 463 
A 4 TRP A 85  ? GLN A 96  ? TRP A 436 GLN A 447 
A 5 LEU A 72  ? ARG A 79  ? LEU A 423 ARG A 430 
# 
loop_
_pdbx_struct_sheet_hbond.sheet_id 
_pdbx_struct_sheet_hbond.range_id_1 
_pdbx_struct_sheet_hbond.range_id_2 
_pdbx_struct_sheet_hbond.range_1_label_atom_id 
_pdbx_struct_sheet_hbond.range_1_label_comp_id 
_pdbx_struct_sheet_hbond.range_1_label_asym_id 
_pdbx_struct_sheet_hbond.range_1_label_seq_id 
_pdbx_struct_sheet_hbond.range_1_PDB_ins_code 
_pdbx_struct_sheet_hbond.range_1_auth_atom_id 
_pdbx_struct_sheet_hbond.range_1_auth_comp_id 
_pdbx_struct_sheet_hbond.range_1_auth_asym_id 
_pdbx_struct_sheet_hbond.range_1_auth_seq_id 
_pdbx_struct_sheet_hbond.range_2_label_atom_id 
_pdbx_struct_sheet_hbond.range_2_label_comp_id 
_pdbx_struct_sheet_hbond.range_2_label_asym_id 
_pdbx_struct_sheet_hbond.range_2_label_seq_id 
_pdbx_struct_sheet_hbond.range_2_PDB_ins_code 
_pdbx_struct_sheet_hbond.range_2_auth_atom_id 
_pdbx_struct_sheet_hbond.range_2_auth_comp_id 
_pdbx_struct_sheet_hbond.range_2_auth_asym_id 
_pdbx_struct_sheet_hbond.range_2_auth_seq_id 
A 1 2 O THR A 23  ? O THR A 374 N ARG A 15  ? N ARG A 366 
A 2 3 N SER A 14  ? N SER A 365 O CYS A 108 ? O CYS A 459 
A 3 4 O GLU A 104 ? O GLU A 455 N PHE A 95  ? N PHE A 446 
A 4 5 O MSE A 88  ? O MSE A 439 N PHE A 76  ? N PHE A 427 
# 
_pdbx_entry_details.entry_id                   2B02 
_pdbx_entry_details.compound_details           ? 
_pdbx_entry_details.source_details             ? 
_pdbx_entry_details.nonpolymer_details         ? 
_pdbx_entry_details.sequence_details           ? 
_pdbx_entry_details.has_ligand_of_interest     ? 
_pdbx_entry_details.has_protein_modification   Y 
# 
_pdbx_validate_close_contact.id               1 
_pdbx_validate_close_contact.PDB_model_num    1 
_pdbx_validate_close_contact.auth_atom_id_1   OE2 
_pdbx_validate_close_contact.auth_asym_id_1   A 
_pdbx_validate_close_contact.auth_comp_id_1   GLU 
_pdbx_validate_close_contact.auth_seq_id_1    403 
_pdbx_validate_close_contact.PDB_ins_code_1   ? 
_pdbx_validate_close_contact.label_alt_id_1   B 
_pdbx_validate_close_contact.auth_atom_id_2   O 
_pdbx_validate_close_contact.auth_asym_id_2   A 
_pdbx_validate_close_contact.auth_comp_id_2   HOH 
_pdbx_validate_close_contact.auth_seq_id_2    37 
_pdbx_validate_close_contact.PDB_ins_code_2   ? 
_pdbx_validate_close_contact.label_alt_id_2   ? 
_pdbx_validate_close_contact.dist             2.19 
# 
loop_
_pdbx_struct_mod_residue.id 
_pdbx_struct_mod_residue.label_asym_id 
_pdbx_struct_mod_residue.label_comp_id 
_pdbx_struct_mod_residue.label_seq_id 
_pdbx_struct_mod_residue.auth_asym_id 
_pdbx_struct_mod_residue.auth_comp_id 
_pdbx_struct_mod_residue.auth_seq_id 
_pdbx_struct_mod_residue.PDB_ins_code 
_pdbx_struct_mod_residue.parent_comp_id 
_pdbx_struct_mod_residue.details 
1 A MSE 3  A MSE 354 ? MET SELENOMETHIONINE 
2 A MSE 75 A MSE 426 ? MET SELENOMETHIONINE 
3 A MSE 88 A MSE 439 ? MET SELENOMETHIONINE 
# 
_pdbx_struct_special_symmetry.id              1 
_pdbx_struct_special_symmetry.PDB_model_num   1 
_pdbx_struct_special_symmetry.auth_asym_id    A 
_pdbx_struct_special_symmetry.auth_comp_id    HOH 
_pdbx_struct_special_symmetry.auth_seq_id     43 
_pdbx_struct_special_symmetry.PDB_ins_code    ? 
_pdbx_struct_special_symmetry.label_asym_id   B 
_pdbx_struct_special_symmetry.label_comp_id   HOH 
_pdbx_struct_special_symmetry.label_seq_id    . 
# 
_pdbx_refine_tls.id               1 
_pdbx_refine_tls.details          ? 
_pdbx_refine_tls.method           refined 
_pdbx_refine_tls.origin_x         0.3049 
_pdbx_refine_tls.origin_y         0.0267 
_pdbx_refine_tls.origin_z         -0.3934 
_pdbx_refine_tls.T[1][1]          -0.0188 
_pdbx_refine_tls.T[2][2]          -0.0365 
_pdbx_refine_tls.T[3][3]          -0.0203 
_pdbx_refine_tls.T[1][2]          -0.0048 
_pdbx_refine_tls.T[1][3]          -0.0117 
_pdbx_refine_tls.T[2][3]          0.0113 
_pdbx_refine_tls.L[1][1]          0.6850 
_pdbx_refine_tls.L[2][2]          1.5408 
_pdbx_refine_tls.L[3][3]          0.7449 
_pdbx_refine_tls.L[1][2]          -0.1404 
_pdbx_refine_tls.L[1][3]          -0.0706 
_pdbx_refine_tls.L[2][3]          0.3183 
_pdbx_refine_tls.S[1][1]          0.0728 
_pdbx_refine_tls.S[1][2]          0.0408 
_pdbx_refine_tls.S[1][3]          -0.0695 
_pdbx_refine_tls.S[2][1]          -0.0132 
_pdbx_refine_tls.S[2][2]          -0.0336 
_pdbx_refine_tls.S[2][3]          0.0527 
_pdbx_refine_tls.S[3][1]          0.0200 
_pdbx_refine_tls.S[3][2]          -0.0409 
_pdbx_refine_tls.S[3][3]          -0.0392 
_pdbx_refine_tls.pdbx_refine_id   'X-RAY DIFFRACTION' 
# 
_pdbx_refine_tls_group.id                  1 
_pdbx_refine_tls_group.refine_tls_id       1 
_pdbx_refine_tls_group.beg_auth_asym_id    A 
_pdbx_refine_tls_group.beg_auth_seq_id     354 
_pdbx_refine_tls_group.beg_label_asym_id   A 
_pdbx_refine_tls_group.beg_label_seq_id    3 
_pdbx_refine_tls_group.end_auth_asym_id    A 
_pdbx_refine_tls_group.end_auth_seq_id     464 
_pdbx_refine_tls_group.end_label_asym_id   A 
_pdbx_refine_tls_group.end_label_seq_id    113 
_pdbx_refine_tls_group.selection           ? 
_pdbx_refine_tls_group.pdbx_refine_id      'X-RAY DIFFRACTION' 
_pdbx_refine_tls_group.selection_details   ? 
# 
loop_
_pdbx_unobs_or_zero_occ_residues.id 
_pdbx_unobs_or_zero_occ_residues.PDB_model_num 
_pdbx_unobs_or_zero_occ_residues.polymer_flag 
_pdbx_unobs_or_zero_occ_residues.occupancy_flag 
_pdbx_unobs_or_zero_occ_residues.auth_asym_id 
_pdbx_unobs_or_zero_occ_residues.auth_comp_id 
_pdbx_unobs_or_zero_occ_residues.auth_seq_id 
_pdbx_unobs_or_zero_occ_residues.PDB_ins_code 
_pdbx_unobs_or_zero_occ_residues.label_asym_id 
_pdbx_unobs_or_zero_occ_residues.label_comp_id 
_pdbx_unobs_or_zero_occ_residues.label_seq_id 
1 1 Y 1 A GLY 352 ? A GLY 1   
2 1 Y 1 A HIS 353 ? A HIS 2   
3 1 Y 1 A LYS 465 ? A LYS 114 
4 1 Y 1 A ASN 466 ? A ASN 115 
5 1 Y 1 A SER 467 ? A SER 116 
6 1 Y 1 A SER 468 ? A SER 117 
7 1 Y 1 A GLN 469 ? A GLN 118 
8 1 Y 1 A GLU 470 ? A GLU 119 
# 
loop_
_chem_comp_atom.comp_id 
_chem_comp_atom.atom_id 
_chem_comp_atom.type_symbol 
_chem_comp_atom.pdbx_aromatic_flag 
_chem_comp_atom.pdbx_stereo_config 
_chem_comp_atom.pdbx_ordinal 
ALA N    N  N N 1   
ALA CA   C  N S 2   
ALA C    C  N N 3   
ALA O    O  N N 4   
ALA CB   C  N N 5   
ALA OXT  O  N N 6   
ALA H    H  N N 7   
ALA H2   H  N N 8   
ALA HA   H  N N 9   
ALA HB1  H  N N 10  
ALA HB2  H  N N 11  
ALA HB3  H  N N 12  
ALA HXT  H  N N 13  
ARG N    N  N N 14  
ARG CA   C  N S 15  
ARG C    C  N N 16  
ARG O    O  N N 17  
ARG CB   C  N N 18  
ARG CG   C  N N 19  
ARG CD   C  N N 20  
ARG NE   N  N N 21  
ARG CZ   C  N N 22  
ARG NH1  N  N N 23  
ARG NH2  N  N N 24  
ARG OXT  O  N N 25  
ARG H    H  N N 26  
ARG H2   H  N N 27  
ARG HA   H  N N 28  
ARG HB2  H  N N 29  
ARG HB3  H  N N 30  
ARG HG2  H  N N 31  
ARG HG3  H  N N 32  
ARG HD2  H  N N 33  
ARG HD3  H  N N 34  
ARG HE   H  N N 35  
ARG HH11 H  N N 36  
ARG HH12 H  N N 37  
ARG HH21 H  N N 38  
ARG HH22 H  N N 39  
ARG HXT  H  N N 40  
ASN N    N  N N 41  
ASN CA   C  N S 42  
ASN C    C  N N 43  
ASN O    O  N N 44  
ASN CB   C  N N 45  
ASN CG   C  N N 46  
ASN OD1  O  N N 47  
ASN ND2  N  N N 48  
ASN OXT  O  N N 49  
ASN H    H  N N 50  
ASN H2   H  N N 51  
ASN HA   H  N N 52  
ASN HB2  H  N N 53  
ASN HB3  H  N N 54  
ASN HD21 H  N N 55  
ASN HD22 H  N N 56  
ASN HXT  H  N N 57  
ASP N    N  N N 58  
ASP CA   C  N S 59  
ASP C    C  N N 60  
ASP O    O  N N 61  
ASP CB   C  N N 62  
ASP CG   C  N N 63  
ASP OD1  O  N N 64  
ASP OD2  O  N N 65  
ASP OXT  O  N N 66  
ASP H    H  N N 67  
ASP H2   H  N N 68  
ASP HA   H  N N 69  
ASP HB2  H  N N 70  
ASP HB3  H  N N 71  
ASP HD2  H  N N 72  
ASP HXT  H  N N 73  
CYS N    N  N N 74  
CYS CA   C  N R 75  
CYS C    C  N N 76  
CYS O    O  N N 77  
CYS CB   C  N N 78  
CYS SG   S  N N 79  
CYS OXT  O  N N 80  
CYS H    H  N N 81  
CYS H2   H  N N 82  
CYS HA   H  N N 83  
CYS HB2  H  N N 84  
CYS HB3  H  N N 85  
CYS HG   H  N N 86  
CYS HXT  H  N N 87  
GLN N    N  N N 88  
GLN CA   C  N S 89  
GLN C    C  N N 90  
GLN O    O  N N 91  
GLN CB   C  N N 92  
GLN CG   C  N N 93  
GLN CD   C  N N 94  
GLN OE1  O  N N 95  
GLN NE2  N  N N 96  
GLN OXT  O  N N 97  
GLN H    H  N N 98  
GLN H2   H  N N 99  
GLN HA   H  N N 100 
GLN HB2  H  N N 101 
GLN HB3  H  N N 102 
GLN HG2  H  N N 103 
GLN HG3  H  N N 104 
GLN HE21 H  N N 105 
GLN HE22 H  N N 106 
GLN HXT  H  N N 107 
GLU N    N  N N 108 
GLU CA   C  N S 109 
GLU C    C  N N 110 
GLU O    O  N N 111 
GLU CB   C  N N 112 
GLU CG   C  N N 113 
GLU CD   C  N N 114 
GLU OE1  O  N N 115 
GLU OE2  O  N N 116 
GLU OXT  O  N N 117 
GLU H    H  N N 118 
GLU H2   H  N N 119 
GLU HA   H  N N 120 
GLU HB2  H  N N 121 
GLU HB3  H  N N 122 
GLU HG2  H  N N 123 
GLU HG3  H  N N 124 
GLU HE2  H  N N 125 
GLU HXT  H  N N 126 
GLY N    N  N N 127 
GLY CA   C  N N 128 
GLY C    C  N N 129 
GLY O    O  N N 130 
GLY OXT  O  N N 131 
GLY H    H  N N 132 
GLY H2   H  N N 133 
GLY HA2  H  N N 134 
GLY HA3  H  N N 135 
GLY HXT  H  N N 136 
HIS N    N  N N 137 
HIS CA   C  N S 138 
HIS C    C  N N 139 
HIS O    O  N N 140 
HIS CB   C  N N 141 
HIS CG   C  Y N 142 
HIS ND1  N  Y N 143 
HIS CD2  C  Y N 144 
HIS CE1  C  Y N 145 
HIS NE2  N  Y N 146 
HIS OXT  O  N N 147 
HIS H    H  N N 148 
HIS H2   H  N N 149 
HIS HA   H  N N 150 
HIS HB2  H  N N 151 
HIS HB3  H  N N 152 
HIS HD1  H  N N 153 
HIS HD2  H  N N 154 
HIS HE1  H  N N 155 
HIS HE2  H  N N 156 
HIS HXT  H  N N 157 
HOH O    O  N N 158 
HOH H1   H  N N 159 
HOH H2   H  N N 160 
ILE N    N  N N 161 
ILE CA   C  N S 162 
ILE C    C  N N 163 
ILE O    O  N N 164 
ILE CB   C  N S 165 
ILE CG1  C  N N 166 
ILE CG2  C  N N 167 
ILE CD1  C  N N 168 
ILE OXT  O  N N 169 
ILE H    H  N N 170 
ILE H2   H  N N 171 
ILE HA   H  N N 172 
ILE HB   H  N N 173 
ILE HG12 H  N N 174 
ILE HG13 H  N N 175 
ILE HG21 H  N N 176 
ILE HG22 H  N N 177 
ILE HG23 H  N N 178 
ILE HD11 H  N N 179 
ILE HD12 H  N N 180 
ILE HD13 H  N N 181 
ILE HXT  H  N N 182 
LEU N    N  N N 183 
LEU CA   C  N S 184 
LEU C    C  N N 185 
LEU O    O  N N 186 
LEU CB   C  N N 187 
LEU CG   C  N N 188 
LEU CD1  C  N N 189 
LEU CD2  C  N N 190 
LEU OXT  O  N N 191 
LEU H    H  N N 192 
LEU H2   H  N N 193 
LEU HA   H  N N 194 
LEU HB2  H  N N 195 
LEU HB3  H  N N 196 
LEU HG   H  N N 197 
LEU HD11 H  N N 198 
LEU HD12 H  N N 199 
LEU HD13 H  N N 200 
LEU HD21 H  N N 201 
LEU HD22 H  N N 202 
LEU HD23 H  N N 203 
LEU HXT  H  N N 204 
LYS N    N  N N 205 
LYS CA   C  N S 206 
LYS C    C  N N 207 
LYS O    O  N N 208 
LYS CB   C  N N 209 
LYS CG   C  N N 210 
LYS CD   C  N N 211 
LYS CE   C  N N 212 
LYS NZ   N  N N 213 
LYS OXT  O  N N 214 
LYS H    H  N N 215 
LYS H2   H  N N 216 
LYS HA   H  N N 217 
LYS HB2  H  N N 218 
LYS HB3  H  N N 219 
LYS HG2  H  N N 220 
LYS HG3  H  N N 221 
LYS HD2  H  N N 222 
LYS HD3  H  N N 223 
LYS HE2  H  N N 224 
LYS HE3  H  N N 225 
LYS HZ1  H  N N 226 
LYS HZ2  H  N N 227 
LYS HZ3  H  N N 228 
LYS HXT  H  N N 229 
MET N    N  N N 230 
MET CA   C  N S 231 
MET C    C  N N 232 
MET O    O  N N 233 
MET CB   C  N N 234 
MET CG   C  N N 235 
MET SD   S  N N 236 
MET CE   C  N N 237 
MET OXT  O  N N 238 
MET H    H  N N 239 
MET H2   H  N N 240 
MET HA   H  N N 241 
MET HB2  H  N N 242 
MET HB3  H  N N 243 
MET HG2  H  N N 244 
MET HG3  H  N N 245 
MET HE1  H  N N 246 
MET HE2  H  N N 247 
MET HE3  H  N N 248 
MET HXT  H  N N 249 
MSE N    N  N N 250 
MSE CA   C  N S 251 
MSE C    C  N N 252 
MSE O    O  N N 253 
MSE OXT  O  N N 254 
MSE CB   C  N N 255 
MSE CG   C  N N 256 
MSE SE   SE N N 257 
MSE CE   C  N N 258 
MSE H    H  N N 259 
MSE H2   H  N N 260 
MSE HA   H  N N 261 
MSE HXT  H  N N 262 
MSE HB2  H  N N 263 
MSE HB3  H  N N 264 
MSE HG2  H  N N 265 
MSE HG3  H  N N 266 
MSE HE1  H  N N 267 
MSE HE2  H  N N 268 
MSE HE3  H  N N 269 
PHE N    N  N N 270 
PHE CA   C  N S 271 
PHE C    C  N N 272 
PHE O    O  N N 273 
PHE CB   C  N N 274 
PHE CG   C  Y N 275 
PHE CD1  C  Y N 276 
PHE CD2  C  Y N 277 
PHE CE1  C  Y N 278 
PHE CE2  C  Y N 279 
PHE CZ   C  Y N 280 
PHE OXT  O  N N 281 
PHE H    H  N N 282 
PHE H2   H  N N 283 
PHE HA   H  N N 284 
PHE HB2  H  N N 285 
PHE HB3  H  N N 286 
PHE HD1  H  N N 287 
PHE HD2  H  N N 288 
PHE HE1  H  N N 289 
PHE HE2  H  N N 290 
PHE HZ   H  N N 291 
PHE HXT  H  N N 292 
PRO N    N  N N 293 
PRO CA   C  N S 294 
PRO C    C  N N 295 
PRO O    O  N N 296 
PRO CB   C  N N 297 
PRO CG   C  N N 298 
PRO CD   C  N N 299 
PRO OXT  O  N N 300 
PRO H    H  N N 301 
PRO HA   H  N N 302 
PRO HB2  H  N N 303 
PRO HB3  H  N N 304 
PRO HG2  H  N N 305 
PRO HG3  H  N N 306 
PRO HD2  H  N N 307 
PRO HD3  H  N N 308 
PRO HXT  H  N N 309 
SER N    N  N N 310 
SER CA   C  N S 311 
SER C    C  N N 312 
SER O    O  N N 313 
SER CB   C  N N 314 
SER OG   O  N N 315 
SER OXT  O  N N 316 
SER H    H  N N 317 
SER H2   H  N N 318 
SER HA   H  N N 319 
SER HB2  H  N N 320 
SER HB3  H  N N 321 
SER HG   H  N N 322 
SER HXT  H  N N 323 
THR N    N  N N 324 
THR CA   C  N S 325 
THR C    C  N N 326 
THR O    O  N N 327 
THR CB   C  N R 328 
THR OG1  O  N N 329 
THR CG2  C  N N 330 
THR OXT  O  N N 331 
THR H    H  N N 332 
THR H2   H  N N 333 
THR HA   H  N N 334 
THR HB   H  N N 335 
THR HG1  H  N N 336 
THR HG21 H  N N 337 
THR HG22 H  N N 338 
THR HG23 H  N N 339 
THR HXT  H  N N 340 
TRP N    N  N N 341 
TRP CA   C  N S 342 
TRP C    C  N N 343 
TRP O    O  N N 344 
TRP CB   C  N N 345 
TRP CG   C  Y N 346 
TRP CD1  C  Y N 347 
TRP CD2  C  Y N 348 
TRP NE1  N  Y N 349 
TRP CE2  C  Y N 350 
TRP CE3  C  Y N 351 
TRP CZ2  C  Y N 352 
TRP CZ3  C  Y N 353 
TRP CH2  C  Y N 354 
TRP OXT  O  N N 355 
TRP H    H  N N 356 
TRP H2   H  N N 357 
TRP HA   H  N N 358 
TRP HB2  H  N N 359 
TRP HB3  H  N N 360 
TRP HD1  H  N N 361 
TRP HE1  H  N N 362 
TRP HE3  H  N N 363 
TRP HZ2  H  N N 364 
TRP HZ3  H  N N 365 
TRP HH2  H  N N 366 
TRP HXT  H  N N 367 
TYR N    N  N N 368 
TYR CA   C  N S 369 
TYR C    C  N N 370 
TYR O    O  N N 371 
TYR CB   C  N N 372 
TYR CG   C  Y N 373 
TYR CD1  C  Y N 374 
TYR CD2  C  Y N 375 
TYR CE1  C  Y N 376 
TYR CE2  C  Y N 377 
TYR CZ   C  Y N 378 
TYR OH   O  N N 379 
TYR OXT  O  N N 380 
TYR H    H  N N 381 
TYR H2   H  N N 382 
TYR HA   H  N N 383 
TYR HB2  H  N N 384 
TYR HB3  H  N N 385 
TYR HD1  H  N N 386 
TYR HD2  H  N N 387 
TYR HE1  H  N N 388 
TYR HE2  H  N N 389 
TYR HH   H  N N 390 
TYR HXT  H  N N 391 
VAL N    N  N N 392 
VAL CA   C  N S 393 
VAL C    C  N N 394 
VAL O    O  N N 395 
VAL CB   C  N N 396 
VAL CG1  C  N N 397 
VAL CG2  C  N N 398 
VAL OXT  O  N N 399 
VAL H    H  N N 400 
VAL H2   H  N N 401 
VAL HA   H  N N 402 
VAL HB   H  N N 403 
VAL HG11 H  N N 404 
VAL HG12 H  N N 405 
VAL HG13 H  N N 406 
VAL HG21 H  N N 407 
VAL HG22 H  N N 408 
VAL HG23 H  N N 409 
VAL HXT  H  N N 410 
# 
loop_
_chem_comp_bond.comp_id 
_chem_comp_bond.atom_id_1 
_chem_comp_bond.atom_id_2 
_chem_comp_bond.value_order 
_chem_comp_bond.pdbx_aromatic_flag 
_chem_comp_bond.pdbx_stereo_config 
_chem_comp_bond.pdbx_ordinal 
ALA N   CA   sing N N 1   
ALA N   H    sing N N 2   
ALA N   H2   sing N N 3   
ALA CA  C    sing N N 4   
ALA CA  CB   sing N N 5   
ALA CA  HA   sing N N 6   
ALA C   O    doub N N 7   
ALA C   OXT  sing N N 8   
ALA CB  HB1  sing N N 9   
ALA CB  HB2  sing N N 10  
ALA CB  HB3  sing N N 11  
ALA OXT HXT  sing N N 12  
ARG N   CA   sing N N 13  
ARG N   H    sing N N 14  
ARG N   H2   sing N N 15  
ARG CA  C    sing N N 16  
ARG CA  CB   sing N N 17  
ARG CA  HA   sing N N 18  
ARG C   O    doub N N 19  
ARG C   OXT  sing N N 20  
ARG CB  CG   sing N N 21  
ARG CB  HB2  sing N N 22  
ARG CB  HB3  sing N N 23  
ARG CG  CD   sing N N 24  
ARG CG  HG2  sing N N 25  
ARG CG  HG3  sing N N 26  
ARG CD  NE   sing N N 27  
ARG CD  HD2  sing N N 28  
ARG CD  HD3  sing N N 29  
ARG NE  CZ   sing N N 30  
ARG NE  HE   sing N N 31  
ARG CZ  NH1  sing N N 32  
ARG CZ  NH2  doub N N 33  
ARG NH1 HH11 sing N N 34  
ARG NH1 HH12 sing N N 35  
ARG NH2 HH21 sing N N 36  
ARG NH2 HH22 sing N N 37  
ARG OXT HXT  sing N N 38  
ASN N   CA   sing N N 39  
ASN N   H    sing N N 40  
ASN N   H2   sing N N 41  
ASN CA  C    sing N N 42  
ASN CA  CB   sing N N 43  
ASN CA  HA   sing N N 44  
ASN C   O    doub N N 45  
ASN C   OXT  sing N N 46  
ASN CB  CG   sing N N 47  
ASN CB  HB2  sing N N 48  
ASN CB  HB3  sing N N 49  
ASN CG  OD1  doub N N 50  
ASN CG  ND2  sing N N 51  
ASN ND2 HD21 sing N N 52  
ASN ND2 HD22 sing N N 53  
ASN OXT HXT  sing N N 54  
ASP N   CA   sing N N 55  
ASP N   H    sing N N 56  
ASP N   H2   sing N N 57  
ASP CA  C    sing N N 58  
ASP CA  CB   sing N N 59  
ASP CA  HA   sing N N 60  
ASP C   O    doub N N 61  
ASP C   OXT  sing N N 62  
ASP CB  CG   sing N N 63  
ASP CB  HB2  sing N N 64  
ASP CB  HB3  sing N N 65  
ASP CG  OD1  doub N N 66  
ASP CG  OD2  sing N N 67  
ASP OD2 HD2  sing N N 68  
ASP OXT HXT  sing N N 69  
CYS N   CA   sing N N 70  
CYS N   H    sing N N 71  
CYS N   H2   sing N N 72  
CYS CA  C    sing N N 73  
CYS CA  CB   sing N N 74  
CYS CA  HA   sing N N 75  
CYS C   O    doub N N 76  
CYS C   OXT  sing N N 77  
CYS CB  SG   sing N N 78  
CYS CB  HB2  sing N N 79  
CYS CB  HB3  sing N N 80  
CYS SG  HG   sing N N 81  
CYS OXT HXT  sing N N 82  
GLN N   CA   sing N N 83  
GLN N   H    sing N N 84  
GLN N   H2   sing N N 85  
GLN CA  C    sing N N 86  
GLN CA  CB   sing N N 87  
GLN CA  HA   sing N N 88  
GLN C   O    doub N N 89  
GLN C   OXT  sing N N 90  
GLN CB  CG   sing N N 91  
GLN CB  HB2  sing N N 92  
GLN CB  HB3  sing N N 93  
GLN CG  CD   sing N N 94  
GLN CG  HG2  sing N N 95  
GLN CG  HG3  sing N N 96  
GLN CD  OE1  doub N N 97  
GLN CD  NE2  sing N N 98  
GLN NE2 HE21 sing N N 99  
GLN NE2 HE22 sing N N 100 
GLN OXT HXT  sing N N 101 
GLU N   CA   sing N N 102 
GLU N   H    sing N N 103 
GLU N   H2   sing N N 104 
GLU CA  C    sing N N 105 
GLU CA  CB   sing N N 106 
GLU CA  HA   sing N N 107 
GLU C   O    doub N N 108 
GLU C   OXT  sing N N 109 
GLU CB  CG   sing N N 110 
GLU CB  HB2  sing N N 111 
GLU CB  HB3  sing N N 112 
GLU CG  CD   sing N N 113 
GLU CG  HG2  sing N N 114 
GLU CG  HG3  sing N N 115 
GLU CD  OE1  doub N N 116 
GLU CD  OE2  sing N N 117 
GLU OE2 HE2  sing N N 118 
GLU OXT HXT  sing N N 119 
GLY N   CA   sing N N 120 
GLY N   H    sing N N 121 
GLY N   H2   sing N N 122 
GLY CA  C    sing N N 123 
GLY CA  HA2  sing N N 124 
GLY CA  HA3  sing N N 125 
GLY C   O    doub N N 126 
GLY C   OXT  sing N N 127 
GLY OXT HXT  sing N N 128 
HIS N   CA   sing N N 129 
HIS N   H    sing N N 130 
HIS N   H2   sing N N 131 
HIS CA  C    sing N N 132 
HIS CA  CB   sing N N 133 
HIS CA  HA   sing N N 134 
HIS C   O    doub N N 135 
HIS C   OXT  sing N N 136 
HIS CB  CG   sing N N 137 
HIS CB  HB2  sing N N 138 
HIS CB  HB3  sing N N 139 
HIS CG  ND1  sing Y N 140 
HIS CG  CD2  doub Y N 141 
HIS ND1 CE1  doub Y N 142 
HIS ND1 HD1  sing N N 143 
HIS CD2 NE2  sing Y N 144 
HIS CD2 HD2  sing N N 145 
HIS CE1 NE2  sing Y N 146 
HIS CE1 HE1  sing N N 147 
HIS NE2 HE2  sing N N 148 
HIS OXT HXT  sing N N 149 
HOH O   H1   sing N N 150 
HOH O   H2   sing N N 151 
ILE N   CA   sing N N 152 
ILE N   H    sing N N 153 
ILE N   H2   sing N N 154 
ILE CA  C    sing N N 155 
ILE CA  CB   sing N N 156 
ILE CA  HA   sing N N 157 
ILE C   O    doub N N 158 
ILE C   OXT  sing N N 159 
ILE CB  CG1  sing N N 160 
ILE CB  CG2  sing N N 161 
ILE CB  HB   sing N N 162 
ILE CG1 CD1  sing N N 163 
ILE CG1 HG12 sing N N 164 
ILE CG1 HG13 sing N N 165 
ILE CG2 HG21 sing N N 166 
ILE CG2 HG22 sing N N 167 
ILE CG2 HG23 sing N N 168 
ILE CD1 HD11 sing N N 169 
ILE CD1 HD12 sing N N 170 
ILE CD1 HD13 sing N N 171 
ILE OXT HXT  sing N N 172 
LEU N   CA   sing N N 173 
LEU N   H    sing N N 174 
LEU N   H2   sing N N 175 
LEU CA  C    sing N N 176 
LEU CA  CB   sing N N 177 
LEU CA  HA   sing N N 178 
LEU C   O    doub N N 179 
LEU C   OXT  sing N N 180 
LEU CB  CG   sing N N 181 
LEU CB  HB2  sing N N 182 
LEU CB  HB3  sing N N 183 
LEU CG  CD1  sing N N 184 
LEU CG  CD2  sing N N 185 
LEU CG  HG   sing N N 186 
LEU CD1 HD11 sing N N 187 
LEU CD1 HD12 sing N N 188 
LEU CD1 HD13 sing N N 189 
LEU CD2 HD21 sing N N 190 
LEU CD2 HD22 sing N N 191 
LEU CD2 HD23 sing N N 192 
LEU OXT HXT  sing N N 193 
LYS N   CA   sing N N 194 
LYS N   H    sing N N 195 
LYS N   H2   sing N N 196 
LYS CA  C    sing N N 197 
LYS CA  CB   sing N N 198 
LYS CA  HA   sing N N 199 
LYS C   O    doub N N 200 
LYS C   OXT  sing N N 201 
LYS CB  CG   sing N N 202 
LYS CB  HB2  sing N N 203 
LYS CB  HB3  sing N N 204 
LYS CG  CD   sing N N 205 
LYS CG  HG2  sing N N 206 
LYS CG  HG3  sing N N 207 
LYS CD  CE   sing N N 208 
LYS CD  HD2  sing N N 209 
LYS CD  HD3  sing N N 210 
LYS CE  NZ   sing N N 211 
LYS CE  HE2  sing N N 212 
LYS CE  HE3  sing N N 213 
LYS NZ  HZ1  sing N N 214 
LYS NZ  HZ2  sing N N 215 
LYS NZ  HZ3  sing N N 216 
LYS OXT HXT  sing N N 217 
MET N   CA   sing N N 218 
MET N   H    sing N N 219 
MET N   H2   sing N N 220 
MET CA  C    sing N N 221 
MET CA  CB   sing N N 222 
MET CA  HA   sing N N 223 
MET C   O    doub N N 224 
MET C   OXT  sing N N 225 
MET CB  CG   sing N N 226 
MET CB  HB2  sing N N 227 
MET CB  HB3  sing N N 228 
MET CG  SD   sing N N 229 
MET CG  HG2  sing N N 230 
MET CG  HG3  sing N N 231 
MET SD  CE   sing N N 232 
MET CE  HE1  sing N N 233 
MET CE  HE2  sing N N 234 
MET CE  HE3  sing N N 235 
MET OXT HXT  sing N N 236 
MSE N   CA   sing N N 237 
MSE N   H    sing N N 238 
MSE N   H2   sing N N 239 
MSE CA  C    sing N N 240 
MSE CA  CB   sing N N 241 
MSE CA  HA   sing N N 242 
MSE C   O    doub N N 243 
MSE C   OXT  sing N N 244 
MSE OXT HXT  sing N N 245 
MSE CB  CG   sing N N 246 
MSE CB  HB2  sing N N 247 
MSE CB  HB3  sing N N 248 
MSE CG  SE   sing N N 249 
MSE CG  HG2  sing N N 250 
MSE CG  HG3  sing N N 251 
MSE SE  CE   sing N N 252 
MSE CE  HE1  sing N N 253 
MSE CE  HE2  sing N N 254 
MSE CE  HE3  sing N N 255 
PHE N   CA   sing N N 256 
PHE N   H    sing N N 257 
PHE N   H2   sing N N 258 
PHE CA  C    sing N N 259 
PHE CA  CB   sing N N 260 
PHE CA  HA   sing N N 261 
PHE C   O    doub N N 262 
PHE C   OXT  sing N N 263 
PHE CB  CG   sing N N 264 
PHE CB  HB2  sing N N 265 
PHE CB  HB3  sing N N 266 
PHE CG  CD1  doub Y N 267 
PHE CG  CD2  sing Y N 268 
PHE CD1 CE1  sing Y N 269 
PHE CD1 HD1  sing N N 270 
PHE CD2 CE2  doub Y N 271 
PHE CD2 HD2  sing N N 272 
PHE CE1 CZ   doub Y N 273 
PHE CE1 HE1  sing N N 274 
PHE CE2 CZ   sing Y N 275 
PHE CE2 HE2  sing N N 276 
PHE CZ  HZ   sing N N 277 
PHE OXT HXT  sing N N 278 
PRO N   CA   sing N N 279 
PRO N   CD   sing N N 280 
PRO N   H    sing N N 281 
PRO CA  C    sing N N 282 
PRO CA  CB   sing N N 283 
PRO CA  HA   sing N N 284 
PRO C   O    doub N N 285 
PRO C   OXT  sing N N 286 
PRO CB  CG   sing N N 287 
PRO CB  HB2  sing N N 288 
PRO CB  HB3  sing N N 289 
PRO CG  CD   sing N N 290 
PRO CG  HG2  sing N N 291 
PRO CG  HG3  sing N N 292 
PRO CD  HD2  sing N N 293 
PRO CD  HD3  sing N N 294 
PRO OXT HXT  sing N N 295 
SER N   CA   sing N N 296 
SER N   H    sing N N 297 
SER N   H2   sing N N 298 
SER CA  C    sing N N 299 
SER CA  CB   sing N N 300 
SER CA  HA   sing N N 301 
SER C   O    doub N N 302 
SER C   OXT  sing N N 303 
SER CB  OG   sing N N 304 
SER CB  HB2  sing N N 305 
SER CB  HB3  sing N N 306 
SER OG  HG   sing N N 307 
SER OXT HXT  sing N N 308 
THR N   CA   sing N N 309 
THR N   H    sing N N 310 
THR N   H2   sing N N 311 
THR CA  C    sing N N 312 
THR CA  CB   sing N N 313 
THR CA  HA   sing N N 314 
THR C   O    doub N N 315 
THR C   OXT  sing N N 316 
THR CB  OG1  sing N N 317 
THR CB  CG2  sing N N 318 
THR CB  HB   sing N N 319 
THR OG1 HG1  sing N N 320 
THR CG2 HG21 sing N N 321 
THR CG2 HG22 sing N N 322 
THR CG2 HG23 sing N N 323 
THR OXT HXT  sing N N 324 
TRP N   CA   sing N N 325 
TRP N   H    sing N N 326 
TRP N   H2   sing N N 327 
TRP CA  C    sing N N 328 
TRP CA  CB   sing N N 329 
TRP CA  HA   sing N N 330 
TRP C   O    doub N N 331 
TRP C   OXT  sing N N 332 
TRP CB  CG   sing N N 333 
TRP CB  HB2  sing N N 334 
TRP CB  HB3  sing N N 335 
TRP CG  CD1  doub Y N 336 
TRP CG  CD2  sing Y N 337 
TRP CD1 NE1  sing Y N 338 
TRP CD1 HD1  sing N N 339 
TRP CD2 CE2  doub Y N 340 
TRP CD2 CE3  sing Y N 341 
TRP NE1 CE2  sing Y N 342 
TRP NE1 HE1  sing N N 343 
TRP CE2 CZ2  sing Y N 344 
TRP CE3 CZ3  doub Y N 345 
TRP CE3 HE3  sing N N 346 
TRP CZ2 CH2  doub Y N 347 
TRP CZ2 HZ2  sing N N 348 
TRP CZ3 CH2  sing Y N 349 
TRP CZ3 HZ3  sing N N 350 
TRP CH2 HH2  sing N N 351 
TRP OXT HXT  sing N N 352 
TYR N   CA   sing N N 353 
TYR N   H    sing N N 354 
TYR N   H2   sing N N 355 
TYR CA  C    sing N N 356 
TYR CA  CB   sing N N 357 
TYR CA  HA   sing N N 358 
TYR C   O    doub N N 359 
TYR C   OXT  sing N N 360 
TYR CB  CG   sing N N 361 
TYR CB  HB2  sing N N 362 
TYR CB  HB3  sing N N 363 
TYR CG  CD1  doub Y N 364 
TYR CG  CD2  sing Y N 365 
TYR CD1 CE1  sing Y N 366 
TYR CD1 HD1  sing N N 367 
TYR CD2 CE2  doub Y N 368 
TYR CD2 HD2  sing N N 369 
TYR CE1 CZ   doub Y N 370 
TYR CE1 HE1  sing N N 371 
TYR CE2 CZ   sing Y N 372 
TYR CE2 HE2  sing N N 373 
TYR CZ  OH   sing N N 374 
TYR OH  HH   sing N N 375 
TYR OXT HXT  sing N N 376 
VAL N   CA   sing N N 377 
VAL N   H    sing N N 378 
VAL N   H2   sing N N 379 
VAL CA  C    sing N N 380 
VAL CA  CB   sing N N 381 
VAL CA  HA   sing N N 382 
VAL C   O    doub N N 383 
VAL C   OXT  sing N N 384 
VAL CB  CG1  sing N N 385 
VAL CB  CG2  sing N N 386 
VAL CB  HB   sing N N 387 
VAL CG1 HG11 sing N N 388 
VAL CG1 HG12 sing N N 389 
VAL CG1 HG13 sing N N 390 
VAL CG2 HG21 sing N N 391 
VAL CG2 HG22 sing N N 392 
VAL CG2 HG23 sing N N 393 
VAL OXT HXT  sing N N 394 
# 
_atom_sites.entry_id                    2B02 
_atom_sites.fract_transf_matrix[1][1]   0.01709591 
_atom_sites.fract_transf_matrix[1][2]   0.00214289 
_atom_sites.fract_transf_matrix[1][3]   0.00546622 
_atom_sites.fract_transf_matrix[2][1]   0.00412927 
_atom_sites.fract_transf_matrix[2][2]   -0.01378319 
_atom_sites.fract_transf_matrix[2][3]   -0.00751119 
_atom_sites.fract_transf_matrix[3][1]   0.00263243 
_atom_sites.fract_transf_matrix[3][2]   0.00670845 
_atom_sites.fract_transf_matrix[3][3]   -0.01086298 
_atom_sites.fract_transf_vector[1]      0.368207 
_atom_sites.fract_transf_vector[2]      0.617496 
_atom_sites.fract_transf_vector[3]      0.292889 
# 
loop_
_atom_type.symbol 
C  
N  
O  
S  
SE 
# 
loop_
_atom_site.group_PDB 
_atom_site.id 
_atom_site.type_symbol 
_atom_site.label_atom_id 
_atom_site.label_alt_id 
_atom_site.label_comp_id 
_atom_site.label_asym_id 
_atom_site.label_entity_id 
_atom_site.label_seq_id 
_atom_site.pdbx_PDB_ins_code 
_atom_site.Cartn_x 
_atom_site.Cartn_y 
_atom_site.Cartn_z 
_atom_site.occupancy 
_atom_site.B_iso_or_equiv 
_atom_site.pdbx_formal_charge 
_atom_site.auth_seq_id 
_atom_site.auth_comp_id 
_atom_site.auth_asym_id 
_atom_site.auth_atom_id 
_atom_site.pdbx_PDB_model_num 
HETATM 1    N  N   . MSE A 1 3   ? 17.083  6.698   20.679  1.00 32.69  ? 354 MSE A N   1 
HETATM 2    C  CA  . MSE A 1 3   ? 17.398  6.414   19.246  1.00 34.24  ? 354 MSE A CA  1 
HETATM 3    C  C   . MSE A 1 3   ? 17.784  4.953   19.075  1.00 31.35  ? 354 MSE A C   1 
HETATM 4    O  O   . MSE A 1 3   ? 18.454  4.379   19.933  1.00 31.18  ? 354 MSE A O   1 
HETATM 5    C  CB  . MSE A 1 3   ? 18.555  7.294   18.781  1.00 33.88  ? 354 MSE A CB  1 
HETATM 6    C  CG  . MSE A 1 3   ? 18.452  7.820   17.355  1.00 37.01  ? 354 MSE A CG  1 
HETATM 7    SE SE  . MSE A 1 3   ? 20.197  8.498   16.764  1.00 42.37  ? 354 MSE A SE  1 
HETATM 8    C  CE  . MSE A 1 3   ? 21.036  6.736   16.558  1.00 40.61  ? 354 MSE A CE  1 
ATOM   9    N  N   . SER A 1 4   ? 17.366  4.351   17.966  1.00 29.17  ? 355 SER A N   1 
ATOM   10   C  CA  . SER A 1 4   ? 17.763  2.979   17.668  1.00 27.10  ? 355 SER A CA  1 
ATOM   11   C  C   . SER A 1 4   ? 17.872  2.728   16.169  1.00 25.83  ? 355 SER A C   1 
ATOM   12   O  O   . SER A 1 4   ? 17.265  3.433   15.367  1.00 24.46  ? 355 SER A O   1 
ATOM   13   C  CB  . SER A 1 4   ? 16.814  1.966   18.330  1.00 27.66  ? 355 SER A CB  1 
ATOM   14   O  OG  . SER A 1 4   ? 15.493  2.039   17.825  1.00 28.17  ? 355 SER A OG  1 
ATOM   15   N  N   . ASN A 1 5   ? 18.672  1.734   15.800  1.00 24.20  ? 356 ASN A N   1 
ATOM   16   C  CA  . ASN A 1 5   ? 18.732  1.279   14.412  1.00 23.49  ? 356 ASN A CA  1 
ATOM   17   C  C   . ASN A 1 5   ? 17.521  0.430   14.134  1.00 22.43  ? 356 ASN A C   1 
ATOM   18   O  O   . ASN A 1 5   ? 17.135  -0.396  14.957  1.00 23.04  ? 356 ASN A O   1 
ATOM   19   C  CB  . ASN A 1 5   ? 19.992  0.435   14.171  1.00 24.17  ? 356 ASN A CB  1 
ATOM   20   C  CG  . ASN A 1 5   ? 21.269  1.252   14.219  1.00 26.11  ? 356 ASN A CG  1 
ATOM   21   O  OD1 . ASN A 1 5   ? 21.249  2.478   14.095  1.00 30.79  ? 356 ASN A OD1 1 
ATOM   22   N  ND2 . ASN A 1 5   ? 22.401  0.568   14.395  1.00 29.13  ? 356 ASN A ND2 1 
ATOM   23   N  N   . VAL A 1 6   ? 16.910  0.634   12.978  1.00 20.48  ? 357 VAL A N   1 
ATOM   24   C  CA  . VAL A 1 6   ? 15.877  -0.270  12.507  1.00 19.65  ? 357 VAL A CA  1 
ATOM   25   C  C   . VAL A 1 6   ? 16.582  -1.153  11.487  1.00 19.56  ? 357 VAL A C   1 
ATOM   26   O  O   . VAL A 1 6   ? 16.605  -0.847  10.286  1.00 19.20  ? 357 VAL A O   1 
ATOM   27   C  CB  . VAL A 1 6   ? 14.667  0.490   11.878  1.00 19.84  ? 357 VAL A CB  1 
ATOM   28   C  CG1 . VAL A 1 6   ? 13.585  -0.480  11.375  1.00 19.65  ? 357 VAL A CG1 1 
ATOM   29   C  CG2 . VAL A 1 6   ? 14.073  1.470   12.890  1.00 19.34  ? 357 VAL A CG2 1 
ATOM   30   N  N   . SER A 1 7   ? 17.181  -2.226  11.996  1.00 19.49  ? 358 SER A N   1 
ATOM   31   C  CA  . SER A 1 7   ? 18.089  -3.063  11.215  1.00 20.58  ? 358 SER A CA  1 
ATOM   32   C  C   . SER A 1 7   ? 17.386  -3.852  10.130  1.00 20.66  ? 358 SER A C   1 
ATOM   33   O  O   . SER A 1 7   ? 17.955  -4.092  9.055   1.00 21.16  ? 358 SER A O   1 
ATOM   34   C  CB  . SER A 1 7   ? 18.857  -4.013  12.150  1.00 20.23  ? 358 SER A CB  1 
ATOM   35   O  OG  . SER A 1 7   ? 19.430  -3.313  13.249  1.00 24.82  ? 358 SER A OG  1 
ATOM   36   N  N   . GLN A 1 8   ? 16.139  -4.236  10.391  1.00 20.01  ? 359 GLN A N   1 
ATOM   37   C  CA  . GLN A 1 8   ? 15.367  -5.028  9.444   1.00 20.05  ? 359 GLN A CA  1 
ATOM   38   C  C   . GLN A 1 8   ? 13.992  -4.366  9.300   1.00 19.38  ? 359 GLN A C   1 
ATOM   39   O  O   . GLN A 1 8   ? 13.060  -4.687  10.033  1.00 19.43  ? 359 GLN A O   1 
ATOM   40   C  CB  . GLN A 1 8   ? 15.257  -6.477  9.920   1.00 20.58  ? 359 GLN A CB  1 
ATOM   41   C  CG  . GLN A 1 8   ? 16.602  -7.211  9.998   1.00 20.46  ? 359 GLN A CG  1 
ATOM   42   C  CD  . GLN A 1 8   ? 16.457  -8.642  10.459  1.00 22.12  ? 359 GLN A CD  1 
ATOM   43   O  OE1 . GLN A 1 8   ? 16.771  -8.966  11.608  1.00 24.58  ? 359 GLN A OE1 1 
ATOM   44   N  NE2 . GLN A 1 8   ? 15.989  -9.512  9.566   1.00 24.59  ? 359 GLN A NE2 1 
ATOM   45   N  N   . PRO A 1 9   ? 13.875  -3.400  8.369   1.00 19.07  ? 360 PRO A N   1 
ATOM   46   C  CA  . PRO A 1 9   ? 12.626  -2.662  8.183   1.00 19.16  ? 360 PRO A CA  1 
ATOM   47   C  C   . PRO A 1 9   ? 11.435  -3.590  7.953   1.00 19.59  ? 360 PRO A C   1 
ATOM   48   O  O   . PRO A 1 9   ? 11.565  -4.608  7.259   1.00 20.18  ? 360 PRO A O   1 
ATOM   49   C  CB  . PRO A 1 9   ? 12.892  -1.830  6.919   1.00 18.95  ? 360 PRO A CB  1 
ATOM   50   C  CG  . PRO A 1 9   ? 14.382  -1.662  6.898   1.00 18.53  ? 360 PRO A CG  1 
ATOM   51   C  CD  . PRO A 1 9   ? 14.941  -2.935  7.461   1.00 18.50  ? 360 PRO A CD  1 
ATOM   52   N  N   . THR A 1 10  ? 10.283  -3.207  8.505   1.00 19.77  ? 361 THR A N   1 
ATOM   53   C  CA  . THR A 1 10  ? 9.047   -3.965  8.302   1.00 19.80  ? 361 THR A CA  1 
ATOM   54   C  C   . THR A 1 10  ? 7.910   -3.024  7.916   1.00 18.87  ? 361 THR A C   1 
ATOM   55   O  O   . THR A 1 10  ? 6.735   -3.347  8.090   1.00 19.60  ? 361 THR A O   1 
ATOM   56   C  CB  . THR A 1 10  ? 8.639   -4.738  9.575   1.00 20.25  ? 361 THR A CB  1 
ATOM   57   O  OG1 . THR A 1 10  ? 8.617   -3.833  10.685  1.00 22.53  ? 361 THR A OG1 1 
ATOM   58   C  CG2 . THR A 1 10  ? 9.591   -5.900  9.862   1.00 22.22  ? 361 THR A CG2 1 
ATOM   59   N  N   . GLU A 1 11  ? 8.261   -1.855  7.380   1.00 17.64  ? 362 GLU A N   1 
ATOM   60   C  CA  . GLU A 1 11  ? 7.277   -0.908  6.894   1.00 17.27  ? 362 GLU A CA  1 
ATOM   61   C  C   . GLU A 1 11  ? 7.853   -0.182  5.693   1.00 16.53  ? 362 GLU A C   1 
ATOM   62   O  O   . GLU A 1 11  ? 9.037   0.132   5.669   1.00 16.88  ? 362 GLU A O   1 
ATOM   63   C  CB  . GLU A 1 11  ? 6.960   0.108   7.999   1.00 17.90  ? 362 GLU A CB  1 
ATOM   64   C  CG  . GLU A 1 11  ? 6.016   1.238   7.585   1.00 18.74  ? 362 GLU A CG  1 
ATOM   65   C  CD  . GLU A 1 11  ? 5.586   2.082   8.786   1.00 18.45  ? 362 GLU A CD  1 
ATOM   66   O  OE1 . GLU A 1 11  ? 4.811   1.561   9.622   1.00 20.60  ? 362 GLU A OE1 1 
ATOM   67   O  OE2 . GLU A 1 11  ? 6.031   3.249   8.916   1.00 18.17  ? 362 GLU A OE2 1 
ATOM   68   N  N   . PHE A 1 12  ? 7.013   0.089   4.695   1.00 16.15  ? 363 PHE A N   1 
ATOM   69   C  CA  . PHE A 1 12  ? 7.443   0.906   3.545   1.00 15.47  ? 363 PHE A CA  1 
ATOM   70   C  C   . PHE A 1 12  ? 6.297   1.752   3.042   1.00 15.47  ? 363 PHE A C   1 
ATOM   71   O  O   . PHE A 1 12  ? 5.132   1.402   3.236   1.00 16.70  ? 363 PHE A O   1 
ATOM   72   C  CB  . PHE A 1 12  ? 8.008   0.046   2.406   1.00 16.92  ? 363 PHE A CB  1 
ATOM   73   C  CG  . PHE A 1 12  ? 6.997   -0.832  1.739   1.00 16.00  ? 363 PHE A CG  1 
ATOM   74   C  CD1 . PHE A 1 12  ? 6.656   -2.071  2.290   1.00 16.16  ? 363 PHE A CD1 1 
ATOM   75   C  CD2 . PHE A 1 12  ? 6.392   -0.442  0.547   1.00 17.57  ? 363 PHE A CD2 1 
ATOM   76   C  CE1 . PHE A 1 12  ? 5.712   -2.889  1.670   1.00 17.81  ? 363 PHE A CE1 1 
ATOM   77   C  CE2 . PHE A 1 12  ? 5.449   -1.264  -0.089  1.00 18.60  ? 363 PHE A CE2 1 
ATOM   78   C  CZ  . PHE A 1 12  ? 5.126   -2.489  0.467   1.00 16.87  ? 363 PHE A CZ  1 
ATOM   79   N  N   . ILE A 1 13  ? 6.657   2.863   2.396   1.00 14.69  ? 364 ILE A N   1 
ATOM   80   C  CA  . ILE A 1 13  ? 5.683   3.758   1.783   1.00 15.00  ? 364 ILE A CA  1 
ATOM   81   C  C   . ILE A 1 13  ? 5.590   3.498   0.288   1.00 14.93  ? 364 ILE A C   1 
ATOM   82   O  O   . ILE A 1 13  ? 6.610   3.286   -0.397  1.00 15.85  ? 364 ILE A O   1 
ATOM   83   C  CB  . ILE A 1 13  ? 6.078   5.231   2.036   1.00 15.18  ? 364 ILE A CB  1 
ATOM   84   C  CG1 . ILE A 1 13  ? 6.005   5.541   3.540   1.00 14.97  ? 364 ILE A CG1 1 
ATOM   85   C  CG2 . ILE A 1 13  ? 5.175   6.197   1.256   1.00 17.02  ? 364 ILE A CG2 1 
ATOM   86   C  CD1 . ILE A 1 13  ? 6.893   6.774   3.940   1.00 16.46  ? 364 ILE A CD1 1 
ATOM   87   N  N   . SER A 1 14  ? 4.365   3.547   -0.218  1.00 14.76  ? 365 SER A N   1 
ATOM   88   C  CA  . SER A 1 14  ? 4.137   3.489   -1.656  1.00 15.24  ? 365 SER A CA  1 
ATOM   89   C  C   . SER A 1 14  ? 3.162   4.580   -2.051  1.00 15.11  ? 365 SER A C   1 
ATOM   90   O  O   . SER A 1 14  ? 2.372   5.074   -1.217  1.00 15.90  ? 365 SER A O   1 
ATOM   91   C  CB  . SER A 1 14  ? 3.596   2.112   -2.054  1.00 15.57  ? 365 SER A CB  1 
ATOM   92   O  OG  . SER A 1 14  ? 2.438   1.748   -1.326  1.00 16.73  ? 365 SER A OG  1 
ATOM   93   N  N   . ARG A 1 15  ? 3.224   4.982   -3.317  1.00 14.87  ? 366 ARG A N   1 
ATOM   94   C  CA  . ARG A 1 15  ? 2.166   5.810   -3.894  1.00 14.78  ? 366 ARG A CA  1 
ATOM   95   C  C   . ARG A 1 15  ? 1.492   5.030   -4.994  1.00 15.27  ? 366 ARG A C   1 
ATOM   96   O  O   . ARG A 1 15  ? 2.117   4.178   -5.634  1.00 15.30  ? 366 ARG A O   1 
ATOM   97   C  CB  . ARG A 1 15  ? 2.707   7.140   -4.422  1.00 16.31  ? 366 ARG A CB  1 
ATOM   98   C  CG  . ARG A 1 15  ? 3.508   7.888   -3.332  1.00 18.21  ? 366 ARG A CG  1 
ATOM   99   C  CD  . ARG A 1 15  ? 3.767   9.333   -3.622  1.00 21.18  ? 366 ARG A CD  1 
ATOM   100  N  NE  . ARG A 1 15  ? 4.618   9.470   -4.779  1.00 20.11  ? 366 ARG A NE  1 
ATOM   101  C  CZ  . ARG A 1 15  ? 5.820   10.029  -4.783  1.00 24.33  ? 366 ARG A CZ  1 
ATOM   102  N  NH1 . ARG A 1 15  ? 6.332   10.557  -3.675  1.00 28.38  ? 366 ARG A NH1 1 
ATOM   103  N  NH2 . ARG A 1 15  ? 6.506   10.069  -5.919  1.00 24.86  ? 366 ARG A NH2 1 
ATOM   104  N  N   . HIS A 1 16  ? 0.226   5.355   -5.210  1.00 15.20  ? 367 HIS A N   1 
ATOM   105  C  CA  . HIS A 1 16  ? -0.617  4.656   -6.174  1.00 15.08  ? 367 HIS A CA  1 
ATOM   106  C  C   . HIS A 1 16  ? -1.516  5.610   -6.921  1.00 16.32  ? 367 HIS A C   1 
ATOM   107  O  O   . HIS A 1 16  ? -1.837  6.700   -6.423  1.00 16.24  ? 367 HIS A O   1 
ATOM   108  C  CB  . HIS A 1 16  ? -1.516  3.653   -5.455  1.00 16.02  ? 367 HIS A CB  1 
ATOM   109  C  CG  . HIS A 1 16  ? -0.760  2.662   -4.628  1.00 15.87  ? 367 HIS A CG  1 
ATOM   110  N  ND1 . HIS A 1 16  ? -0.535  1.370   -5.048  1.00 15.92  ? 367 HIS A ND1 1 
ATOM   111  C  CD2 . HIS A 1 16  ? -0.143  2.783   -3.425  1.00 15.88  ? 367 HIS A CD2 1 
ATOM   112  C  CE1 . HIS A 1 16  ? 0.181   0.731   -4.136  1.00 16.35  ? 367 HIS A CE1 1 
ATOM   113  N  NE2 . HIS A 1 16  ? 0.443   1.568   -3.146  1.00 16.00  ? 367 HIS A NE2 1 
ATOM   114  N  N   . ASN A 1 17  ? -1.904  5.215   -8.135  1.00 16.23  ? 368 ASN A N   1 
ATOM   115  C  CA  . ASN A 1 17  ? -2.998  5.904   -8.782  1.00 16.83  ? 368 ASN A CA  1 
ATOM   116  C  C   . ASN A 1 17  ? -4.311  5.445   -8.161  1.00 17.82  ? 368 ASN A C   1 
ATOM   117  O  O   . ASN A 1 17  ? -4.332  4.560   -7.289  1.00 18.59  ? 368 ASN A O   1 
ATOM   118  C  CB  . ASN A 1 17  ? -2.957  5.726   -10.313 1.00 16.71  ? 368 ASN A CB  1 
ATOM   119  C  CG  . ASN A 1 17  ? -3.638  4.448   -10.783 1.00 16.87  ? 368 ASN A CG  1 
ATOM   120  O  OD1 . ASN A 1 17  ? -3.632  3.427   -10.091 1.00 17.49  ? 368 ASN A OD1 1 
ATOM   121  N  ND2 . ASN A 1 17  ? -4.264  4.511   -11.959 1.00 20.14  ? 368 ASN A ND2 1 
ATOM   122  N  N   . ILE A 1 18  ? -5.411  6.048   -8.598  1.00 18.84  ? 369 ILE A N   1 
ATOM   123  C  CA  . ILE A 1 18  ? -6.690  5.794   -7.948  1.00 20.32  ? 369 ILE A CA  1 
ATOM   124  C  C   . ILE A 1 18  ? -7.167  4.342   -8.124  1.00 20.50  ? 369 ILE A C   1 
ATOM   125  O  O   . ILE A 1 18  ? -8.024  3.867   -7.363  1.00 21.62  ? 369 ILE A O   1 
ATOM   126  C  CB  . ILE A 1 18  ? -7.743  6.821   -8.401  1.00 20.41  ? 369 ILE A CB  1 
ATOM   127  C  CG1 . ILE A 1 18  ? -7.927  6.761   -9.919  1.00 22.24  ? 369 ILE A CG1 1 
ATOM   128  C  CG2 . ILE A 1 18  ? -7.330  8.228   -7.907  1.00 20.85  ? 369 ILE A CG2 1 
ATOM   129  C  CD1 . ILE A 1 18  ? -9.040  7.653   -10.447 1.00 22.22  ? 369 ILE A CD1 1 
ATOM   130  N  N   . GLU A 1 19  ? -6.578  3.638   -9.099  1.00 21.13  ? 370 GLU A N   1 
ATOM   131  C  CA  . GLU A 1 19  ? -6.902  2.240   -9.381  1.00 22.14  ? 370 GLU A CA  1 
ATOM   132  C  C   . GLU A 1 19  ? -6.106  1.252   -8.532  1.00 21.23  ? 370 GLU A C   1 
ATOM   133  O  O   . GLU A 1 19  ? -6.443  0.069   -8.480  1.00 21.49  ? 370 GLU A O   1 
ATOM   134  C  CB  . GLU A 1 19  ? -6.604  1.898   -10.843 1.00 22.59  ? 370 GLU A CB  1 
ATOM   135  C  CG  . GLU A 1 19  ? -7.341  2.697   -11.898 1.00 24.54  ? 370 GLU A CG  1 
ATOM   136  C  CD  . GLU A 1 19  ? -6.848  2.357   -13.298 1.00 25.75  ? 370 GLU A CD  1 
ATOM   137  O  OE1 . GLU A 1 19  ? -7.658  1.832   -14.097 1.00 30.83  ? 370 GLU A OE1 1 
ATOM   138  O  OE2 . GLU A 1 19  ? -5.649  2.593   -13.608 1.00 28.65  ? 370 GLU A OE2 1 
ATOM   139  N  N   . GLY A 1 20  ? -5.026  1.715   -7.914  1.00 18.84  ? 371 GLY A N   1 
ATOM   140  C  CA  . GLY A 1 20  ? -4.182  0.832   -7.104  1.00 17.77  ? 371 GLY A CA  1 
ATOM   141  C  C   . GLY A 1 20  ? -2.806  0.527   -7.686  1.00 16.59  ? 371 GLY A C   1 
ATOM   142  O  O   . GLY A 1 20  ? -2.024  -0.186  -7.059  1.00 15.51  ? 371 GLY A O   1 
ATOM   143  N  N   . ILE A 1 21  ? -2.514  1.051   -8.883  1.00 16.51  ? 372 ILE A N   1 
ATOM   144  C  CA  . ILE A 1 21  ? -1.214  0.796   -9.498  1.00 16.53  ? 372 ILE A CA  1 
ATOM   145  C  C   . ILE A 1 21  ? -0.095  1.467   -8.712  1.00 15.72  ? 372 ILE A C   1 
ATOM   146  O  O   . ILE A 1 21  ? -0.180  2.665   -8.420  1.00 15.07  ? 372 ILE A O   1 
ATOM   147  C  CB  . ILE A 1 21  ? -1.147  1.296   -10.952 1.00 16.88  ? 372 ILE A CB  1 
ATOM   148  C  CG1 . ILE A 1 21  ? -2.191  0.586   -11.835 1.00 17.81  ? 372 ILE A CG1 1 
ATOM   149  C  CG2 . ILE A 1 21  ? 0.289   1.154   -11.493 1.00 17.52  ? 372 ILE A CG2 1 
ATOM   150  C  CD1 . ILE A 1 21  ? -2.288  1.132   -13.267 1.00 19.41  ? 372 ILE A CD1 1 
ATOM   151  N  N   . PHE A 1 22  ? 0.955   0.706   -8.404  1.00 15.42  ? 373 PHE A N   1 
ATOM   152  C  CA  . PHE A 1 22  ? 2.146   1.269   -7.745  1.00 15.11  ? 373 PHE A CA  1 
ATOM   153  C  C   . PHE A 1 22  ? 2.824   2.274   -8.674  1.00 15.04  ? 373 PHE A C   1 
ATOM   154  O  O   . PHE A 1 22  ? 3.232   1.917   -9.783  1.00 15.29  ? 373 PHE A O   1 
ATOM   155  C  CB  . PHE A 1 22  ? 3.200   0.196   -7.461  1.00 15.62  ? 373 PHE A CB  1 
ATOM   156  C  CG  . PHE A 1 22  ? 2.945   -0.668  -6.260  1.00 16.14  ? 373 PHE A CG  1 
ATOM   157  C  CD1 . PHE A 1 22  ? 2.417   -1.933  -6.412  1.00 16.72  ? 373 PHE A CD1 1 
ATOM   158  C  CD2 . PHE A 1 22  ? 3.353   -0.258  -4.987  1.00 16.56  ? 373 PHE A CD2 1 
ATOM   159  C  CE1 . PHE A 1 22  ? 2.248   -2.767  -5.291  1.00 16.81  ? 373 PHE A CE1 1 
ATOM   160  C  CE2 . PHE A 1 22  ? 3.187   -1.076  -3.858  1.00 16.82  ? 373 PHE A CE2 1 
ATOM   161  C  CZ  . PHE A 1 22  ? 2.628   -2.318  -4.015  1.00 16.27  ? 373 PHE A CZ  1 
ATOM   162  N  N   . THR A 1 23  ? 2.983   3.509   -8.206  1.00 15.17  ? 374 THR A N   1 
ATOM   163  C  CA  . THR A 1 23  ? 3.713   4.529   -8.979  1.00 15.14  ? 374 THR A CA  1 
ATOM   164  C  C   . THR A 1 23  ? 4.983   5.020   -8.266  1.00 15.84  ? 374 THR A C   1 
ATOM   165  O  O   . THR A 1 23  ? 5.816   5.714   -8.856  1.00 16.15  ? 374 THR A O   1 
ATOM   166  C  CB  . THR A 1 23  ? 2.812   5.716   -9.345  1.00 15.18  ? 374 THR A CB  1 
ATOM   167  O  OG1 . THR A 1 23  ? 2.367   6.360   -8.141  1.00 16.87  ? 374 THR A OG1 1 
ATOM   168  C  CG2 . THR A 1 23  ? 1.599   5.238   -10.163 1.00 16.09  ? 374 THR A CG2 1 
ATOM   169  N  N   . PHE A 1 24  ? 5.121   4.630   -7.001  1.00 16.12  ? 375 PHE A N   1 
ATOM   170  C  CA  . PHE A 1 24  ? 6.306   4.926   -6.194  1.00 15.92  ? 375 PHE A CA  1 
ATOM   171  C  C   . PHE A 1 24  ? 6.395   3.860   -5.118  1.00 16.04  ? 375 PHE A C   1 
ATOM   172  O  O   . PHE A 1 24  ? 5.369   3.456   -4.570  1.00 15.36  ? 375 PHE A O   1 
ATOM   173  C  CB  . PHE A 1 24  ? 6.186   6.285   -5.503  1.00 17.29  ? 375 PHE A CB  1 
ATOM   174  C  CG  . PHE A 1 24  ? 7.274   6.537   -4.485  1.00 17.09  ? 375 PHE A CG  1 
ATOM   175  C  CD1 . PHE A 1 24  ? 8.506   7.047   -4.888  1.00 21.70  ? 375 PHE A CD1 1 
ATOM   176  C  CD2 . PHE A 1 24  ? 7.087   6.201   -3.141  1.00 18.31  ? 375 PHE A CD2 1 
ATOM   177  C  CE1 . PHE A 1 24  ? 9.533   7.239   -3.956  1.00 22.85  ? 375 PHE A CE1 1 
ATOM   178  C  CE2 . PHE A 1 24  ? 8.101   6.396   -2.208  1.00 18.37  ? 375 PHE A CE2 1 
ATOM   179  C  CZ  . PHE A 1 24  ? 9.325   6.914   -2.620  1.00 20.50  ? 375 PHE A CZ  1 
ATOM   180  N  N   A VAL A 1 25  ? 7.608   3.410   -4.808  0.50 15.98  ? 376 VAL A N   1 
ATOM   181  N  N   B VAL A 1 25  ? 7.612   3.383   -4.846  0.50 15.83  ? 376 VAL A N   1 
ATOM   182  C  CA  A VAL A 1 25  ? 7.795   2.591   -3.622  0.50 16.04  ? 376 VAL A CA  1 
ATOM   183  C  CA  B VAL A 1 25  ? 7.866   2.533   -3.684  0.50 15.98  ? 376 VAL A CA  1 
ATOM   184  C  C   A VAL A 1 25  ? 9.210   2.719   -3.069  0.50 15.66  ? 376 VAL A C   1 
ATOM   185  C  C   B VAL A 1 25  ? 9.231   2.889   -3.102  0.50 15.48  ? 376 VAL A C   1 
ATOM   186  O  O   A VAL A 1 25  ? 10.183  2.569   -3.802  0.50 16.22  ? 376 VAL A O   1 
ATOM   187  O  O   B VAL A 1 25  ? 10.192  3.077   -3.850  0.50 15.72  ? 376 VAL A O   1 
ATOM   188  C  CB  A VAL A 1 25  ? 7.372   1.123   -3.864  0.50 16.23  ? 376 VAL A CB  1 
ATOM   189  C  CB  B VAL A 1 25  ? 7.853   1.024   -4.035  0.50 15.62  ? 376 VAL A CB  1 
ATOM   190  C  CG1 A VAL A 1 25  ? 8.279   0.443   -4.859  0.50 16.25  ? 376 VAL A CG1 1 
ATOM   191  C  CG1 B VAL A 1 25  ? 7.695   0.189   -2.763  0.50 17.24  ? 376 VAL A CG1 1 
ATOM   192  C  CG2 A VAL A 1 25  ? 7.300   0.365   -2.540  0.50 16.18  ? 376 VAL A CG2 1 
ATOM   193  C  CG2 B VAL A 1 25  ? 6.733   0.676   -5.013  0.50 16.80  ? 376 VAL A CG2 1 
ATOM   194  N  N   . ASP A 1 26  ? 9.314   3.024   -1.779  1.00 15.73  ? 377 ASP A N   1 
ATOM   195  C  CA  . ASP A 1 26  ? 10.630  3.189   -1.168  1.00 15.52  ? 377 ASP A CA  1 
ATOM   196  C  C   . ASP A 1 26  ? 11.318  1.833   -0.994  1.00 15.75  ? 377 ASP A C   1 
ATOM   197  O  O   . ASP A 1 26  ? 10.669  0.782   -0.972  1.00 16.47  ? 377 ASP A O   1 
ATOM   198  C  CB  . ASP A 1 26  ? 10.638  4.097   0.082   1.00 15.58  ? 377 ASP A CB  1 
ATOM   199  C  CG  . ASP A 1 26  ? 10.171  3.407   1.355   1.00 15.67  ? 377 ASP A CG  1 
ATOM   200  O  OD1 . ASP A 1 26  ? 10.769  2.387   1.750   1.00 16.49  ? 377 ASP A OD1 1 
ATOM   201  O  OD2 . ASP A 1 26  ? 9.239   3.938   1.994   1.00 16.98  ? 377 ASP A OD2 1 
ATOM   202  N  N   . HIS A 1 27  ? 12.635  1.884   -0.871  1.00 16.01  ? 378 HIS A N   1 
ATOM   203  C  CA  . HIS A 1 27  ? 13.452  0.678   -0.915  1.00 16.91  ? 378 HIS A CA  1 
ATOM   204  C  C   . HIS A 1 27  ? 13.282  -0.249  0.294   1.00 16.17  ? 378 HIS A C   1 
ATOM   205  O  O   . HIS A 1 27  ? 13.845  -1.355  0.290   1.00 17.10  ? 378 HIS A O   1 
ATOM   206  C  CB  . HIS A 1 27  ? 14.928  1.050   -1.059  1.00 17.45  ? 378 HIS A CB  1 
ATOM   207  C  CG  . HIS A 1 27  ? 15.518  1.687   0.168   1.00 19.25  ? 378 HIS A CG  1 
ATOM   208  N  ND1 . HIS A 1 27  ? 15.524  3.049   0.369   1.00 21.39  ? 378 HIS A ND1 1 
ATOM   209  C  CD2 . HIS A 1 27  ? 16.129  1.147   1.252   1.00 20.10  ? 378 HIS A CD2 1 
ATOM   210  C  CE1 . HIS A 1 27  ? 16.118  3.325   1.519   1.00 21.95  ? 378 HIS A CE1 1 
ATOM   211  N  NE2 . HIS A 1 27  ? 16.494  2.187   2.077   1.00 19.50  ? 378 HIS A NE2 1 
ATOM   212  N  N   . ARG A 1 28  ? 12.554  0.198   1.329   1.00 15.65  ? 379 ARG A N   1 
ATOM   213  C  CA  . ARG A 1 28  ? 12.269  -0.663  2.473   1.00 15.17  ? 379 ARG A CA  1 
ATOM   214  C  C   . ARG A 1 28  ? 11.317  -1.795  2.075   1.00 15.69  ? 379 ARG A C   1 
ATOM   215  O  O   . ARG A 1 28  ? 11.122  -2.742  2.848   1.00 16.18  ? 379 ARG A O   1 
ATOM   216  C  CB  . ARG A 1 28  ? 11.697  0.118   3.652   1.00 14.85  ? 379 ARG A CB  1 
ATOM   217  C  CG  . ARG A 1 28  ? 12.654  1.162   4.188   1.00 14.83  ? 379 ARG A CG  1 
ATOM   218  C  CD  . ARG A 1 28  ? 11.984  1.980   5.275   1.00 15.57  ? 379 ARG A CD  1 
ATOM   219  N  NE  . ARG A 1 28  ? 10.843  2.714   4.724   1.00 16.02  ? 379 ARG A NE  1 
ATOM   220  C  CZ  . ARG A 1 28  ? 9.913   3.318   5.456   1.00 15.20  ? 379 ARG A CZ  1 
ATOM   221  N  NH1 . ARG A 1 28  ? 9.946   3.255   6.784   1.00 16.30  ? 379 ARG A NH1 1 
ATOM   222  N  NH2 . ARG A 1 28  ? 8.934   3.975   4.838   1.00 15.95  ? 379 ARG A NH2 1 
ATOM   223  N  N   . CYS A 1 29  ? 10.762  -1.717  0.854   1.00 15.51  ? 380 CYS A N   1 
ATOM   224  C  CA  . CYS A 1 29  ? 9.923   -2.815  0.372   1.00 16.42  ? 380 CYS A CA  1 
ATOM   225  C  C   . CYS A 1 29  ? 10.713  -4.120  0.264   1.00 16.36  ? 380 CYS A C   1 
ATOM   226  O  O   . CYS A 1 29  ? 10.146  -5.195  0.432   1.00 18.10  ? 380 CYS A O   1 
ATOM   227  C  CB  . CYS A 1 29  ? 9.265   -2.475  -0.962  1.00 17.03  ? 380 CYS A CB  1 
ATOM   228  S  SG  . CYS A 1 29  ? 10.414  -2.129  -2.270  1.00 17.96  ? 380 CYS A SG  1 
ATOM   229  N  N   . VAL A 1 30  ? 12.013  -4.030  0.004   1.00 16.27  ? 381 VAL A N   1 
ATOM   230  C  CA  . VAL A 1 30  ? 12.847  -5.232  -0.118  1.00 16.40  ? 381 VAL A CA  1 
ATOM   231  C  C   . VAL A 1 30  ? 12.861  -6.022  1.183   1.00 16.45  ? 381 VAL A C   1 
ATOM   232  O  O   . VAL A 1 30  ? 12.630  -7.242  1.170   1.00 17.29  ? 381 VAL A O   1 
ATOM   233  C  CB  . VAL A 1 30  ? 14.294  -4.875  -0.525  1.00 16.30  ? 381 VAL A CB  1 
ATOM   234  C  CG1 . VAL A 1 30  ? 15.178  -6.123  -0.575  1.00 18.01  ? 381 VAL A CG1 1 
ATOM   235  C  CG2 . VAL A 1 30  ? 14.297  -4.170  -1.887  1.00 17.87  ? 381 VAL A CG2 1 
ATOM   236  N  N   . ALA A 1 31  ? 13.132  -5.337  2.296   1.00 16.17  ? 382 ALA A N   1 
ATOM   237  C  CA  . ALA A 1 31  ? 13.175  -6.003  3.594   1.00 16.99  ? 382 ALA A CA  1 
ATOM   238  C  C   . ALA A 1 31  ? 11.804  -6.434  4.056   1.00 17.13  ? 382 ALA A C   1 
ATOM   239  O  O   . ALA A 1 31  ? 11.665  -7.450  4.744   1.00 18.95  ? 382 ALA A O   1 
ATOM   240  C  CB  . ALA A 1 31  ? 13.843  -5.106  4.666   1.00 17.06  ? 382 ALA A CB  1 
ATOM   241  N  N   . THR A 1 32  ? 10.790  -5.647  3.684   1.00 16.74  ? 383 THR A N   1 
ATOM   242  C  CA  . THR A 1 32  ? 9.444   -5.879  4.176   1.00 17.13  ? 383 THR A CA  1 
ATOM   243  C  C   . THR A 1 32  ? 8.750   -7.011  3.439   1.00 16.88  ? 383 THR A C   1 
ATOM   244  O  O   . THR A 1 32  ? 8.211   -7.922  4.073   1.00 17.93  ? 383 THR A O   1 
ATOM   245  C  CB  . THR A 1 32  ? 8.580   -4.611  4.084   1.00 17.08  ? 383 THR A CB  1 
ATOM   246  O  OG1 . THR A 1 32  ? 9.258   -3.532  4.750   1.00 18.05  ? 383 THR A OG1 1 
ATOM   247  C  CG2 . THR A 1 32  ? 7.246   -4.862  4.786   1.00 18.63  ? 383 THR A CG2 1 
ATOM   248  N  N   . VAL A 1 33  ? 8.769   -6.965  2.108   1.00 16.66  ? 384 VAL A N   1 
ATOM   249  C  CA  . VAL A 1 33  ? 8.020   -7.957  1.333   1.00 18.41  ? 384 VAL A CA  1 
ATOM   250  C  C   . VAL A 1 33  ? 8.885   -8.765  0.339   1.00 17.13  ? 384 VAL A C   1 
ATOM   251  O  O   . VAL A 1 33  ? 8.382   -9.685  -0.319  1.00 18.25  ? 384 VAL A O   1 
ATOM   252  C  CB  . VAL A 1 33  ? 6.795   -7.276  0.585   1.00 16.62  ? 384 VAL A CB  1 
ATOM   253  C  CG1 . VAL A 1 33  ? 5.727   -6.787  1.588   1.00 18.76  ? 384 VAL A CG1 1 
ATOM   254  C  CG2 . VAL A 1 33  ? 7.244   -6.149  -0.360  1.00 18.77  ? 384 VAL A CG2 1 
ATOM   255  N  N   . GLY A 1 34  ? 10.175  -8.437  0.236   1.00 16.92  ? 385 GLY A N   1 
ATOM   256  C  CA  . GLY A 1 34  ? 11.109  -9.223  -0.580  1.00 17.36  ? 385 GLY A CA  1 
ATOM   257  C  C   . GLY A 1 34  ? 11.240  -8.833  -2.039  1.00 17.78  ? 385 GLY A C   1 
ATOM   258  O  O   . GLY A 1 34  ? 12.004  -9.457  -2.773  1.00 18.44  ? 385 GLY A O   1 
ATOM   259  N  N   . TYR A 1 35  ? 10.475  -7.838  -2.467  1.00 17.98  ? 386 TYR A N   1 
ATOM   260  C  CA  . TYR A 1 35  ? 10.508  -7.361  -3.849  1.00 18.88  ? 386 TYR A CA  1 
ATOM   261  C  C   . TYR A 1 35  ? 11.300  -6.068  -3.955  1.00 18.91  ? 386 TYR A C   1 
ATOM   262  O  O   . TYR A 1 35  ? 11.264  -5.233  -3.043  1.00 19.98  ? 386 TYR A O   1 
ATOM   263  C  CB  . TYR A 1 35  ? 9.089   -7.104  -4.364  1.00 18.92  ? 386 TYR A CB  1 
ATOM   264  C  CG  . TYR A 1 35  ? 8.266   -8.356  -4.535  1.00 19.62  ? 386 TYR A CG  1 
ATOM   265  C  CD1 . TYR A 1 35  ? 8.447   -9.176  -5.645  1.00 19.43  ? 386 TYR A CD1 1 
ATOM   266  C  CD2 . TYR A 1 35  ? 7.281   -8.709  -3.594  1.00 19.78  ? 386 TYR A CD2 1 
ATOM   267  C  CE1 . TYR A 1 35  ? 7.702   -10.336 -5.814  1.00 20.51  ? 386 TYR A CE1 1 
ATOM   268  C  CE2 . TYR A 1 35  ? 6.526   -9.864  -3.764  1.00 20.72  ? 386 TYR A CE2 1 
ATOM   269  C  CZ  . TYR A 1 35  ? 6.741   -10.666 -4.877  1.00 20.50  ? 386 TYR A CZ  1 
ATOM   270  O  OH  . TYR A 1 35  ? 6.020   -11.827 -5.105  1.00 23.48  ? 386 TYR A OH  1 
ATOM   271  N  N   . GLN A 1 36  ? 11.997  -5.912  -5.075  1.00 19.05  ? 387 GLN A N   1 
ATOM   272  C  CA  . GLN A 1 36  ? 12.637  -4.642  -5.389  1.00 19.40  ? 387 GLN A CA  1 
ATOM   273  C  C   . GLN A 1 36  ? 11.538  -3.698  -5.895  1.00 20.05  ? 387 GLN A C   1 
ATOM   274  O  O   . GLN A 1 36  ? 10.503  -4.163  -6.382  1.00 19.60  ? 387 GLN A O   1 
ATOM   275  C  CB  . GLN A 1 36  ? 13.738  -4.816  -6.438  1.00 19.31  ? 387 GLN A CB  1 
ATOM   276  C  CG  . GLN A 1 36  ? 14.956  -5.610  -5.969  1.00 19.31  ? 387 GLN A CG  1 
ATOM   277  C  CD  . GLN A 1 36  ? 15.804  -4.864  -4.948  1.00 20.48  ? 387 GLN A CD  1 
ATOM   278  O  OE1 . GLN A 1 36  ? 15.789  -3.636  -4.873  1.00 23.37  ? 387 GLN A OE1 1 
ATOM   279  N  NE2 . GLN A 1 36  ? 16.552  -5.618  -4.153  1.00 21.53  ? 387 GLN A NE2 1 
ATOM   280  N  N   . PRO A 1 37  ? 11.748  -2.375  -5.763  1.00 20.47  ? 388 PRO A N   1 
ATOM   281  C  CA  . PRO A 1 37  ? 10.758  -1.439  -6.294  1.00 20.63  ? 388 PRO A CA  1 
ATOM   282  C  C   . PRO A 1 37  ? 10.365  -1.761  -7.739  1.00 20.84  ? 388 PRO A C   1 
ATOM   283  O  O   . PRO A 1 37  ? 9.176   -1.686  -8.085  1.00 20.67  ? 388 PRO A O   1 
ATOM   284  C  CB  . PRO A 1 37  ? 11.490  -0.094  -6.208  1.00 21.06  ? 388 PRO A CB  1 
ATOM   285  C  CG  . PRO A 1 37  ? 12.334  -0.264  -4.980  1.00 21.05  ? 388 PRO A CG  1 
ATOM   286  C  CD  . PRO A 1 37  ? 12.849  -1.670  -5.077  1.00 21.31  ? 388 PRO A CD  1 
ATOM   287  N  N   . GLN A 1 38  ? 11.342  -2.156  -8.556  1.00 21.24  ? 389 GLN A N   1 
ATOM   288  C  CA  . GLN A 1 38  ? 11.103  -2.452  -9.977  1.00 21.86  ? 389 GLN A CA  1 
ATOM   289  C  C   . GLN A 1 38  ? 10.124  -3.605  -10.208 1.00 21.34  ? 389 GLN A C   1 
ATOM   290  O  O   . GLN A 1 38  ? 9.496   -3.698  -11.272 1.00 21.28  ? 389 GLN A O   1 
ATOM   291  C  CB  . GLN A 1 38  ? 12.420  -2.748  -10.701 1.00 23.29  ? 389 GLN A CB  1 
ATOM   292  C  CG  . GLN A 1 38  ? 13.513  -1.727  -10.453 1.00 27.28  ? 389 GLN A CG  1 
ATOM   293  C  CD  . GLN A 1 38  ? 14.396  -2.105  -9.268  1.00 29.69  ? 389 GLN A CD  1 
ATOM   294  O  OE1 . GLN A 1 38  ? 14.200  -1.611  -8.159  1.00 29.58  ? 389 GLN A OE1 1 
ATOM   295  N  NE2 . GLN A 1 38  ? 15.377  -2.989  -9.506  1.00 32.89  ? 389 GLN A NE2 1 
ATOM   296  N  N   . GLU A 1 39  ? 10.023  -4.494  -9.222  1.00 19.72  ? 390 GLU A N   1 
ATOM   297  C  CA  . GLU A 1 39  ? 9.128   -5.648  -9.307  1.00 19.13  ? 390 GLU A CA  1 
ATOM   298  C  C   . GLU A 1 39  ? 7.694   -5.312  -8.914  1.00 18.94  ? 390 GLU A C   1 
ATOM   299  O  O   . GLU A 1 39  ? 6.787   -6.130  -9.085  1.00 19.76  ? 390 GLU A O   1 
ATOM   300  C  CB  . GLU A 1 39  ? 9.635   -6.777  -8.414  1.00 18.94  ? 390 GLU A CB  1 
ATOM   301  C  CG  . GLU A 1 39  ? 11.015  -7.295  -8.790  1.00 19.70  ? 390 GLU A CG  1 
ATOM   302  C  CD  . GLU A 1 39  ? 11.481  -8.389  -7.843  1.00 20.12  ? 390 GLU A CD  1 
ATOM   303  O  OE1 . GLU A 1 39  ? 11.176  -9.567  -8.096  1.00 24.63  ? 390 GLU A OE1 1 
ATOM   304  O  OE2 . GLU A 1 39  ? 12.151  -8.058  -6.849  1.00 22.11  ? 390 GLU A OE2 1 
ATOM   305  N  N   . LEU A 1 40  ? 7.502   -4.107  -8.368  1.00 17.97  ? 391 LEU A N   1 
ATOM   306  C  CA  . LEU A 1 40  ? 6.178   -3.659  -7.925  1.00 16.76  ? 391 LEU A CA  1 
ATOM   307  C  C   . LEU A 1 40  ? 5.621   -2.547  -8.810  1.00 16.11  ? 391 LEU A C   1 
ATOM   308  O  O   . LEU A 1 40  ? 4.421   -2.487  -9.095  1.00 15.62  ? 391 LEU A O   1 
ATOM   309  C  CB  . LEU A 1 40  ? 6.257   -3.142  -6.478  1.00 16.74  ? 391 LEU A CB  1 
ATOM   310  C  CG  . LEU A 1 40  ? 6.735   -4.128  -5.406  1.00 16.52  ? 391 LEU A CG  1 
ATOM   311  C  CD1 . LEU A 1 40  ? 6.809   -3.454  -4.043  1.00 18.18  ? 391 LEU A CD1 1 
ATOM   312  C  CD2 . LEU A 1 40  ? 5.837   -5.364  -5.337  1.00 19.52  ? 391 LEU A CD2 1 
ATOM   313  N  N   . LEU A 1 41  ? 6.498   -1.643  -9.221  1.00 16.74  ? 392 LEU A N   1 
ATOM   314  C  CA  . LEU A 1 41  ? 6.063   -0.471  -9.974  1.00 16.88  ? 392 LEU A CA  1 
ATOM   315  C  C   . LEU A 1 41  ? 5.337   -0.872  -11.252 1.00 16.72  ? 392 LEU A C   1 
ATOM   316  O  O   . LEU A 1 41  ? 5.803   -1.755  -11.988 1.00 17.59  ? 392 LEU A O   1 
ATOM   317  C  CB  . LEU A 1 41  ? 7.258   0.415   -10.317 1.00 16.41  ? 392 LEU A CB  1 
ATOM   318  C  CG  . LEU A 1 41  ? 7.900   1.109   -9.124  1.00 17.68  ? 392 LEU A CG  1 
ATOM   319  C  CD1 . LEU A 1 41  ? 9.282   1.608   -9.518  1.00 17.81  ? 392 LEU A CD1 1 
ATOM   320  C  CD2 . LEU A 1 41  ? 7.007   2.237   -8.672  1.00 18.22  ? 392 LEU A CD2 1 
ATOM   321  N  N   . GLY A 1 42  ? 4.205   -0.220  -11.500 1.00 16.13  ? 393 GLY A N   1 
ATOM   322  C  CA  . GLY A 1 42  ? 3.389   -0.527  -12.671 1.00 16.31  ? 393 GLY A CA  1 
ATOM   323  C  C   . GLY A 1 42  ? 2.377   -1.641  -12.489 1.00 16.54  ? 393 GLY A C   1 
ATOM   324  O  O   . GLY A 1 42  ? 1.489   -1.816  -13.333 1.00 17.71  ? 393 GLY A O   1 
ATOM   325  N  N   . LYS A 1 43  ? 2.514   -2.414  -11.412 1.00 16.56  ? 394 LYS A N   1 
ATOM   326  C  CA  . LYS A 1 43  ? 1.552   -3.473  -11.097 1.00 17.72  ? 394 LYS A CA  1 
ATOM   327  C  C   . LYS A 1 43  ? 0.515   -2.945  -10.110 1.00 17.16  ? 394 LYS A C   1 
ATOM   328  O  O   . LYS A 1 43  ? 0.775   -1.979  -9.388  1.00 17.55  ? 394 LYS A O   1 
ATOM   329  C  CB  . LYS A 1 43  ? 2.268   -4.708  -10.527 1.00 17.76  ? 394 LYS A CB  1 
ATOM   330  C  CG  . LYS A 1 43  ? 3.278   -5.338  -11.488 1.00 19.68  ? 394 LYS A CG  1 
ATOM   331  C  CD  . LYS A 1 43  ? 3.986   -6.517  -10.839 1.00 20.90  ? 394 LYS A CD  1 
ATOM   332  C  CE  . LYS A 1 43  ? 4.750   -7.297  -11.891 1.00 26.17  ? 394 LYS A CE  1 
ATOM   333  N  NZ  . LYS A 1 43  ? 5.936   -6.540  -12.370 1.00 29.84  ? 394 LYS A NZ  1 
ATOM   334  N  N   . ASN A 1 44  ? -0.661  -3.560  -10.078 1.00 17.27  ? 395 ASN A N   1 
ATOM   335  C  CA  . ASN A 1 44  ? -1.668  -3.185  -9.105  1.00 17.26  ? 395 ASN A CA  1 
ATOM   336  C  C   . ASN A 1 44  ? -1.356  -3.838  -7.768  1.00 17.34  ? 395 ASN A C   1 
ATOM   337  O  O   . ASN A 1 44  ? -0.975  -5.015  -7.721  1.00 17.12  ? 395 ASN A O   1 
ATOM   338  C  CB  . ASN A 1 44  ? -3.058  -3.602  -9.569  1.00 17.73  ? 395 ASN A CB  1 
ATOM   339  C  CG  . ASN A 1 44  ? -4.136  -2.809  -8.892  1.00 18.72  ? 395 ASN A CG  1 
ATOM   340  O  OD1 . ASN A 1 44  ? -4.298  -2.866  -7.672  1.00 19.78  ? 395 ASN A OD1 1 
ATOM   341  N  ND2 . ASN A 1 44  ? -4.861  -2.007  -9.685  1.00 20.12  ? 395 ASN A ND2 1 
ATOM   342  N  N   . ILE A 1 45  ? -1.518  -3.082  -6.678  1.00 16.83  ? 396 ILE A N   1 
ATOM   343  C  CA  . ILE A 1 45  ? -1.307  -3.665  -5.342  1.00 18.41  ? 396 ILE A CA  1 
ATOM   344  C  C   . ILE A 1 45  ? -2.227  -4.884  -5.144  1.00 17.73  ? 396 ILE A C   1 
ATOM   345  O  O   . ILE A 1 45  ? -1.875  -5.807  -4.412  1.00 17.28  ? 396 ILE A O   1 
ATOM   346  C  CB  . ILE A 1 45  ? -1.464  -2.617  -4.195  1.00 18.07  ? 396 ILE A CB  1 
ATOM   347  C  CG1 . ILE A 1 45  ? -1.030  -3.231  -2.844  1.00 18.36  ? 396 ILE A CG1 1 
ATOM   348  C  CG2 . ILE A 1 45  ? -2.862  -2.076  -4.143  1.00 19.78  ? 396 ILE A CG2 1 
ATOM   349  C  CD1 . ILE A 1 45  ? -0.838  -2.237  -1.711  1.00 21.49  ? 396 ILE A CD1 1 
ATOM   350  N  N   . VAL A 1 46  ? -3.381  -4.897  -5.807  1.00 17.45  ? 397 VAL A N   1 
ATOM   351  C  CA  . VAL A 1 46  ? -4.329  -6.004  -5.646  1.00 17.54  ? 397 VAL A CA  1 
ATOM   352  C  C   . VAL A 1 46  ? -3.721  -7.312  -6.164  1.00 17.43  ? 397 VAL A C   1 
ATOM   353  O  O   . VAL A 1 46  ? -4.082  -8.396  -5.688  1.00 17.02  ? 397 VAL A O   1 
ATOM   354  C  CB  . VAL A 1 46  ? -5.703  -5.668  -6.280  1.00 17.48  ? 397 VAL A CB  1 
ATOM   355  C  CG1 . VAL A 1 46  ? -6.668  -6.839  -6.170  1.00 18.59  ? 397 VAL A CG1 1 
ATOM   356  C  CG2 . VAL A 1 46  ? -6.321  -4.474  -5.584  1.00 18.80  ? 397 VAL A CG2 1 
ATOM   357  N  N   . GLU A 1 47  ? -2.769  -7.232  -7.099  1.00 17.17  ? 398 GLU A N   1 
ATOM   358  C  CA  . GLU A 1 47  ? -2.084  -8.440  -7.598  1.00 17.59  ? 398 GLU A CA  1 
ATOM   359  C  C   . GLU A 1 47  ? -1.237  -9.154  -6.530  1.00 17.28  ? 398 GLU A C   1 
ATOM   360  O  O   . GLU A 1 47  ? -0.798  -10.299 -6.723  1.00 18.32  ? 398 GLU A O   1 
ATOM   361  C  CB  . GLU A 1 47  ? -1.176  -8.127  -8.786  1.00 18.16  ? 398 GLU A CB  1 
ATOM   362  C  CG  . GLU A 1 47  ? -1.860  -7.543  -9.985  1.00 20.17  ? 398 GLU A CG  1 
ATOM   363  C  CD  . GLU A 1 47  ? -0.848  -7.126  -11.041 1.00 24.05  ? 398 GLU A CD  1 
ATOM   364  O  OE1 . GLU A 1 47  ? 0.074   -7.925  -11.343 1.00 27.02  ? 398 GLU A OE1 1 
ATOM   365  O  OE2 . GLU A 1 47  ? -0.973  -5.996  -11.558 1.00 25.16  ? 398 GLU A OE2 1 
ATOM   366  N  N   . PHE A 1 48  ? -0.980  -8.453  -5.435  1.00 16.46  ? 399 PHE A N   1 
ATOM   367  C  CA  . PHE A 1 48  ? -0.139  -8.987  -4.361  1.00 16.78  ? 399 PHE A CA  1 
ATOM   368  C  C   . PHE A 1 48  ? -0.983  -9.359  -3.163  1.00 16.90  ? 399 PHE A C   1 
ATOM   369  O  O   . PHE A 1 48  ? -0.463  -9.802  -2.147  1.00 18.74  ? 399 PHE A O   1 
ATOM   370  C  CB  . PHE A 1 48  ? 0.957   -7.961  -3.976  1.00 17.20  ? 399 PHE A CB  1 
ATOM   371  C  CG  . PHE A 1 48  ? 1.966   -7.750  -5.074  1.00 16.43  ? 399 PHE A CG  1 
ATOM   372  C  CD1 . PHE A 1 48  ? 1.722   -6.834  -6.092  1.00 17.57  ? 399 PHE A CD1 1 
ATOM   373  C  CD2 . PHE A 1 48  ? 3.135   -8.519  -5.117  1.00 16.49  ? 399 PHE A CD2 1 
ATOM   374  C  CE1 . PHE A 1 48  ? 2.637   -6.671  -7.151  1.00 18.00  ? 399 PHE A CE1 1 
ATOM   375  C  CE2 . PHE A 1 48  ? 4.043   -8.363  -6.171  1.00 18.02  ? 399 PHE A CE2 1 
ATOM   376  C  CZ  . PHE A 1 48  ? 3.797   -7.427  -7.189  1.00 18.69  ? 399 PHE A CZ  1 
ATOM   377  N  N   . CYS A 1 49  ? -2.295  -9.186  -3.302  1.00 16.21  ? 400 CYS A N   1 
ATOM   378  C  CA  . CYS A 1 49  ? -3.237  -9.336  -2.204  1.00 15.80  ? 400 CYS A CA  1 
ATOM   379  C  C   . CYS A 1 49  ? -3.848  -10.748 -2.197  1.00 15.36  ? 400 CYS A C   1 
ATOM   380  O  O   . CYS A 1 49  ? -4.208  -11.280 -3.244  1.00 15.54  ? 400 CYS A O   1 
ATOM   381  C  CB  . CYS A 1 49  ? -4.350  -8.308  -2.367  1.00 15.65  ? 400 CYS A CB  1 
ATOM   382  S  SG  . CYS A 1 49  ? -5.560  -8.280  -1.032  1.00 17.56  ? 400 CYS A SG  1 
ATOM   383  N  N   . HIS A 1 50  ? -3.956  -11.350 -1.007  1.00 14.98  ? 401 HIS A N   1 
ATOM   384  C  CA  . HIS A 1 50  ? -4.650  -12.632 -0.858  1.00 14.56  ? 401 HIS A CA  1 
ATOM   385  C  C   . HIS A 1 50  ? -6.030  -12.534 -1.519  1.00 14.49  ? 401 HIS A C   1 
ATOM   386  O  O   . HIS A 1 50  ? -6.751  -11.562 -1.288  1.00 14.11  ? 401 HIS A O   1 
ATOM   387  C  CB  . HIS A 1 50  ? -4.795  -12.964 0.635   1.00 15.18  ? 401 HIS A CB  1 
ATOM   388  C  CG  . HIS A 1 50  ? -5.246  -14.365 0.903   1.00 15.66  ? 401 HIS A CG  1 
ATOM   389  N  ND1 . HIS A 1 50  ? -6.467  -14.854 0.486   1.00 16.34  ? 401 HIS A ND1 1 
ATOM   390  C  CD2 . HIS A 1 50  ? -4.627  -15.394 1.527   1.00 16.76  ? 401 HIS A CD2 1 
ATOM   391  C  CE1 . HIS A 1 50  ? -6.583  -16.121 0.854   1.00 17.71  ? 401 HIS A CE1 1 
ATOM   392  N  NE2 . HIS A 1 50  ? -5.481  -16.470 1.496   1.00 17.53  ? 401 HIS A NE2 1 
ATOM   393  N  N   . PRO A 1 51  ? -6.402  -13.515 -2.369  1.00 14.34  ? 402 PRO A N   1 
ATOM   394  C  CA  . PRO A 1 51  ? -7.736  -13.429 -2.993  1.00 14.11  ? 402 PRO A CA  1 
ATOM   395  C  C   . PRO A 1 51  ? -8.905  -13.126 -2.040  1.00 14.71  ? 402 PRO A C   1 
ATOM   396  O  O   . PRO A 1 51  ? -9.834  -12.414 -2.429  1.00 14.28  ? 402 PRO A O   1 
ATOM   397  C  CB  . PRO A 1 51  ? -7.890  -14.784 -3.709  1.00 14.63  ? 402 PRO A CB  1 
ATOM   398  C  CG  . PRO A 1 51  ? -6.471  -15.171 -4.040  1.00 14.65  ? 402 PRO A CG  1 
ATOM   399  C  CD  . PRO A 1 51  ? -5.631  -14.675 -2.868  1.00 14.29  ? 402 PRO A CD  1 
ATOM   400  N  N   A GLU A 1 52  ? -8.850  -13.649 -0.812  0.50 14.65  ? 403 GLU A N   1 
ATOM   401  N  N   B GLU A 1 52  ? -8.857  -13.640 -0.813  0.50 14.62  ? 403 GLU A N   1 
ATOM   402  C  CA  A GLU A 1 52  ? -9.908  -13.419 0.186   0.50 15.75  ? 403 GLU A CA  1 
ATOM   403  C  CA  B GLU A 1 52  ? -9.953  -13.413 0.133   0.50 15.84  ? 403 GLU A CA  1 
ATOM   404  C  C   A GLU A 1 52  ? -10.014 -11.958 0.614   0.50 15.82  ? 403 GLU A C   1 
ATOM   405  C  C   B GLU A 1 52  ? -9.994  -11.985 0.685   0.50 15.74  ? 403 GLU A C   1 
ATOM   406  O  O   A GLU A 1 52  ? -11.077 -11.511 1.056   0.50 15.76  ? 403 GLU A O   1 
ATOM   407  O  O   B GLU A 1 52  ? -11.008 -11.582 1.269   0.50 15.42  ? 403 GLU A O   1 
ATOM   408  C  CB  A GLU A 1 52  ? -9.689  -14.283 1.440   0.50 16.02  ? 403 GLU A CB  1 
ATOM   409  C  CB  B GLU A 1 52  ? -9.922  -14.439 1.276   0.50 15.69  ? 403 GLU A CB  1 
ATOM   410  C  CG  A GLU A 1 52  ? -9.927  -15.775 1.263   0.50 17.09  ? 403 GLU A CG  1 
ATOM   411  C  CG  B GLU A 1 52  ? -10.278 -15.855 0.865   0.50 17.97  ? 403 GLU A CG  1 
ATOM   412  C  CD  A GLU A 1 52  ? -9.966  -16.543 2.585   0.50 16.95  ? 403 GLU A CD  1 
ATOM   413  C  CD  B GLU A 1 52  ? -10.232 -16.843 2.021   0.50 17.66  ? 403 GLU A CD  1 
ATOM   414  O  OE1 A GLU A 1 52  ? -9.303  -16.125 3.560   0.50 18.35  ? 403 GLU A OE1 1 
ATOM   415  O  OE1 B GLU A 1 52  ? -10.836 -16.573 3.083   0.50 19.92  ? 403 GLU A OE1 1 
ATOM   416  O  OE2 A GLU A 1 52  ? -10.674 -17.574 2.643   0.50 18.87  ? 403 GLU A OE2 1 
ATOM   417  O  OE2 B GLU A 1 52  ? -9.595  -17.905 1.864   0.50 20.36  ? 403 GLU A OE2 1 
ATOM   418  N  N   . ASP A 1 53  ? -8.908  -11.228 0.505   1.00 15.73  ? 404 ASP A N   1 
ATOM   419  C  CA  . ASP A 1 53  ? -8.844  -9.850  0.985   1.00 16.56  ? 404 ASP A CA  1 
ATOM   420  C  C   . ASP A 1 53  ? -8.989  -8.838  -0.141  1.00 16.47  ? 404 ASP A C   1 
ATOM   421  O  O   . ASP A 1 53  ? -8.909  -7.631  0.106   1.00 17.18  ? 404 ASP A O   1 
ATOM   422  C  CB  . ASP A 1 53  ? -7.507  -9.600  1.726   1.00 16.68  ? 404 ASP A CB  1 
ATOM   423  C  CG  . ASP A 1 53  ? -7.274  -10.570 2.878   1.00 20.48  ? 404 ASP A CG  1 
ATOM   424  O  OD1 . ASP A 1 53  ? -6.096  -10.786 3.236   1.00 20.74  ? 404 ASP A OD1 1 
ATOM   425  O  OD2 . ASP A 1 53  ? -8.251  -11.141 3.421   1.00 23.73  ? 404 ASP A OD2 1 
ATOM   426  N  N   . GLN A 1 54  ? -9.233  -9.294  -1.376  1.00 16.74  ? 405 GLN A N   1 
ATOM   427  C  CA  . GLN A 1 54  ? -9.174  -8.373  -2.517  1.00 16.50  ? 405 GLN A CA  1 
ATOM   428  C  C   . GLN A 1 54  ? -10.321 -7.380  -2.567  1.00 17.09  ? 405 GLN A C   1 
ATOM   429  O  O   . GLN A 1 54  ? -10.129 -6.253  -3.007  1.00 17.30  ? 405 GLN A O   1 
ATOM   430  C  CB  . GLN A 1 54  ? -9.032  -9.135  -3.847  1.00 16.91  ? 405 GLN A CB  1 
ATOM   431  C  CG  . GLN A 1 54  ? -7.633  -9.704  -4.000  1.00 16.74  ? 405 GLN A CG  1 
ATOM   432  C  CD  . GLN A 1 54  ? -7.337  -10.380 -5.325  1.00 17.39  ? 405 GLN A CD  1 
ATOM   433  O  OE1 . GLN A 1 54  ? -6.247  -10.948 -5.490  1.00 19.93  ? 405 GLN A OE1 1 
ATOM   434  N  NE2 . GLN A 1 54  ? -8.271  -10.329 -6.265  1.00 17.79  ? 405 GLN A NE2 1 
ATOM   435  N  N   . GLN A 1 55  ? -11.498 -7.782  -2.107  1.00 16.61  ? 406 GLN A N   1 
ATOM   436  C  CA  . GLN A 1 55  ? -12.617 -6.846  -2.049  1.00 17.09  ? 406 GLN A CA  1 
ATOM   437  C  C   . GLN A 1 55  ? -12.352 -5.768  -1.001  1.00 18.05  ? 406 GLN A C   1 
ATOM   438  O  O   . GLN A 1 55  ? -12.628 -4.589  -1.242  1.00 18.32  ? 406 GLN A O   1 
ATOM   439  C  CB  . GLN A 1 55  ? -13.940 -7.561  -1.766  1.00 16.62  ? 406 GLN A CB  1 
ATOM   440  C  CG  . GLN A 1 55  ? -15.144 -6.607  -1.619  1.00 16.59  ? 406 GLN A CG  1 
ATOM   441  C  CD  . GLN A 1 55  ? -15.438 -5.778  -2.856  1.00 17.30  ? 406 GLN A CD  1 
ATOM   442  O  OE1 . GLN A 1 55  ? -15.052 -6.117  -3.981  1.00 16.56  ? 406 GLN A OE1 1 
ATOM   443  N  NE2 . GLN A 1 55  ? -16.160 -4.675  -2.651  1.00 17.76  ? 406 GLN A NE2 1 
ATOM   444  N  N   . LEU A 1 56  ? -11.812 -6.169  0.149   1.00 18.91  ? 407 LEU A N   1 
ATOM   445  C  CA  . LEU A 1 56  ? -11.464 -5.218  1.198   1.00 20.43  ? 407 LEU A CA  1 
ATOM   446  C  C   . LEU A 1 56  ? -10.503 -4.156  0.666   1.00 20.47  ? 407 LEU A C   1 
ATOM   447  O  O   . LEU A 1 56  ? -10.705 -2.946  0.874   1.00 20.57  ? 407 LEU A O   1 
ATOM   448  C  CB  . LEU A 1 56  ? -10.842 -5.967  2.367   1.00 21.27  ? 407 LEU A CB  1 
ATOM   449  C  CG  . LEU A 1 56  ? -10.434 -5.153  3.577   1.00 23.91  ? 407 LEU A CG  1 
ATOM   450  C  CD1 . LEU A 1 56  ? -11.663 -4.582  4.257   1.00 27.48  ? 407 LEU A CD1 1 
ATOM   451  C  CD2 . LEU A 1 56  ? -9.698  -6.087  4.503   1.00 26.73  ? 407 LEU A CD2 1 
ATOM   452  N  N   A LEU A 1 57  ? -9.454  -4.608  -0.012  0.50 20.48  ? 408 LEU A N   1 
ATOM   453  N  N   B LEU A 1 57  ? -9.468  -4.596  -0.044  0.50 19.99  ? 408 LEU A N   1 
ATOM   454  C  CA  A LEU A 1 57  ? -8.452  -3.704  -0.547  0.50 20.63  ? 408 LEU A CA  1 
ATOM   455  C  CA  B LEU A 1 57  ? -8.443  -3.682  -0.544  0.50 19.71  ? 408 LEU A CA  1 
ATOM   456  C  C   A LEU A 1 57  ? -9.080  -2.775  -1.587  0.50 20.54  ? 408 LEU A C   1 
ATOM   457  C  C   B LEU A 1 57  ? -8.944  -2.806  -1.700  0.50 20.06  ? 408 LEU A C   1 
ATOM   458  O  O   A LEU A 1 57  ? -8.910  -1.553  -1.529  0.50 20.69  ? 408 LEU A O   1 
ATOM   459  O  O   B LEU A 1 57  ? -8.538  -1.649  -1.842  0.50 20.66  ? 408 LEU A O   1 
ATOM   460  C  CB  A LEU A 1 57  ? -7.291  -4.512  -1.129  0.50 20.97  ? 408 LEU A CB  1 
ATOM   461  C  CB  B LEU A 1 57  ? -7.184  -4.467  -0.925  0.50 19.39  ? 408 LEU A CB  1 
ATOM   462  C  CG  A LEU A 1 57  ? -5.996  -3.776  -1.460  0.50 21.36  ? 408 LEU A CG  1 
ATOM   463  C  CG  B LEU A 1 57  ? -5.943  -3.657  -1.292  0.50 18.44  ? 408 LEU A CG  1 
ATOM   464  C  CD1 A LEU A 1 57  ? -4.827  -4.739  -1.490  0.50 21.76  ? 408 LEU A CD1 1 
ATOM   465  C  CD1 B LEU A 1 57  ? -5.475  -2.815  -0.116  0.50 13.59  ? 408 LEU A CD1 1 
ATOM   466  C  CD2 A LEU A 1 57  ? -6.120  -3.060  -2.788  0.50 22.91  ? 408 LEU A CD2 1 
ATOM   467  C  CD2 B LEU A 1 57  ? -4.839  -4.579  -1.784  0.50 19.11  ? 408 LEU A CD2 1 
ATOM   468  N  N   . ARG A 1 58  ? -9.844  -3.354  -2.514  1.00 20.17  ? 409 ARG A N   1 
ATOM   469  C  CA  . ARG A 1 58  ? -10.526 -2.577  -3.553  1.00 20.88  ? 409 ARG A CA  1 
ATOM   470  C  C   . ARG A 1 58  ? -11.446 -1.516  -2.954  1.00 20.91  ? 409 ARG A C   1 
ATOM   471  O  O   . ARG A 1 58  ? -11.461 -0.373  -3.407  1.00 21.91  ? 409 ARG A O   1 
ATOM   472  C  CB  . ARG A 1 58  ? -11.336 -3.503  -4.462  1.00 21.39  ? 409 ARG A CB  1 
ATOM   473  C  CG  . ARG A 1 58  ? -10.476 -4.202  -5.490  1.00 23.96  ? 409 ARG A CG  1 
ATOM   474  C  CD  . ARG A 1 58  ? -11.218 -5.357  -6.149  1.00 26.96  ? 409 ARG A CD  1 
ATOM   475  N  NE  . ARG A 1 58  ? -10.314 -6.155  -6.970  1.00 29.76  ? 409 ARG A NE  1 
ATOM   476  C  CZ  . ARG A 1 58  ? -10.543 -7.415  -7.326  1.00 31.75  ? 409 ARG A CZ  1 
ATOM   477  N  NH1 . ARG A 1 58  ? -11.662 -8.015  -6.941  1.00 32.01  ? 409 ARG A NH1 1 
ATOM   478  N  NH2 . ARG A 1 58  ? -9.654  -8.075  -8.063  1.00 32.52  ? 409 ARG A NH2 1 
ATOM   479  N  N   . ASP A 1 59  ? -12.192 -1.895  -1.921  1.00 20.72  ? 410 ASP A N   1 
ATOM   480  C  CA  . ASP A 1 59  ? -13.110 -0.965  -1.276  1.00 20.73  ? 410 ASP A CA  1 
ATOM   481  C  C   . ASP A 1 59  ? -12.348 0.188   -0.609  1.00 20.37  ? 410 ASP A C   1 
ATOM   482  O  O   . ASP A 1 59  ? -12.818 1.331   -0.608  1.00 19.54  ? 410 ASP A O   1 
ATOM   483  C  CB  . ASP A 1 59  ? -13.983 -1.664  -0.247  1.00 21.84  ? 410 ASP A CB  1 
ATOM   484  C  CG  . ASP A 1 59  ? -15.234 -0.885  0.046   1.00 25.65  ? 410 ASP A CG  1 
ATOM   485  O  OD1 . ASP A 1 59  ? -15.933 -0.502  -0.919  1.00 30.31  ? 410 ASP A OD1 1 
ATOM   486  O  OD2 . ASP A 1 59  ? -15.508 -0.656  1.238   1.00 32.24  ? 410 ASP A OD2 1 
ATOM   487  N  N   A SER A 1 60  ? -11.187 -0.113  -0.032  0.50 20.03  ? 411 SER A N   1 
ATOM   488  N  N   B SER A 1 60  ? -11.185 -0.124  -0.043  0.50 20.03  ? 411 SER A N   1 
ATOM   489  C  CA  A SER A 1 60  ? -10.335 0.938   0.532   0.50 20.01  ? 411 SER A CA  1 
ATOM   490  C  CA  B SER A 1 60  ? -10.307 0.898   0.529   0.50 20.06  ? 411 SER A CA  1 
ATOM   491  C  C   A SER A 1 60  ? -9.966  1.992   -0.516  0.50 20.26  ? 411 SER A C   1 
ATOM   492  C  C   B SER A 1 60  ? -9.948  1.975   -0.501  0.50 20.27  ? 411 SER A C   1 
ATOM   493  O  O   A SER A 1 60  ? -10.126 3.200   -0.270  0.50 20.22  ? 411 SER A O   1 
ATOM   494  O  O   B SER A 1 60  ? -10.102 3.178   -0.230  0.50 20.29  ? 411 SER A O   1 
ATOM   495  C  CB  A SER A 1 60  ? -9.072  0.346   1.161   0.50 20.15  ? 411 SER A CB  1 
ATOM   496  C  CB  B SER A 1 60  ? -9.039  0.253   1.097   0.50 20.12  ? 411 SER A CB  1 
ATOM   497  O  OG  A SER A 1 60  ? -8.221  1.377   1.650   0.50 19.61  ? 411 SER A OG  1 
ATOM   498  O  OG  B SER A 1 60  ? -8.083  0.001   0.079   0.50 19.78  ? 411 SER A OG  1 
ATOM   499  N  N   . PHE A 1 61  ? -9.479  1.549   -1.677  1.00 20.45  ? 412 PHE A N   1 
ATOM   500  C  CA  . PHE A 1 61  ? -9.114  2.476   -2.762  1.00 20.59  ? 412 PHE A CA  1 
ATOM   501  C  C   . PHE A 1 61  ? -10.305 3.293   -3.263  1.00 21.72  ? 412 PHE A C   1 
ATOM   502  O  O   . PHE A 1 61  ? -10.179 4.485   -3.565  1.00 22.07  ? 412 PHE A O   1 
ATOM   503  C  CB  . PHE A 1 61  ? -8.385  1.763   -3.916  1.00 21.32  ? 412 PHE A CB  1 
ATOM   504  C  CG  . PHE A 1 61  ? -6.919  1.576   -3.651  1.00 21.25  ? 412 PHE A CG  1 
ATOM   505  C  CD1 . PHE A 1 61  ? -6.463  0.465   -2.963  1.00 22.79  ? 412 PHE A CD1 1 
ATOM   506  C  CD2 . PHE A 1 61  ? -6.005  2.541   -4.028  1.00 20.80  ? 412 PHE A CD2 1 
ATOM   507  C  CE1 . PHE A 1 61  ? -5.095  0.304   -2.669  1.00 22.65  ? 412 PHE A CE1 1 
ATOM   508  C  CE2 . PHE A 1 61  ? -4.647  2.400   -3.734  1.00 21.20  ? 412 PHE A CE2 1 
ATOM   509  C  CZ  . PHE A 1 61  ? -4.186  1.291   -3.054  1.00 21.16  ? 412 PHE A CZ  1 
ATOM   510  N  N   . GLN A 1 62  ? -11.465 2.648   -3.336  1.00 21.79  ? 413 GLN A N   1 
ATOM   511  C  CA  . GLN A 1 62  ? -12.679 3.345   -3.754  1.00 23.08  ? 413 GLN A CA  1 
ATOM   512  C  C   . GLN A 1 62  ? -13.061 4.435   -2.754  1.00 22.72  ? 413 GLN A C   1 
ATOM   513  O  O   . GLN A 1 62  ? -13.363 5.578   -3.137  1.00 22.27  ? 413 GLN A O   1 
ATOM   514  C  CB  . GLN A 1 62  ? -13.823 2.350   -3.940  1.00 23.51  ? 413 GLN A CB  1 
ATOM   515  C  CG  . GLN A 1 62  ? -13.529 1.310   -5.010  1.00 25.82  ? 413 GLN A CG  1 
ATOM   516  C  CD  . GLN A 1 62  ? -14.610 0.259   -5.190  1.00 25.87  ? 413 GLN A CD  1 
ATOM   517  O  OE1 . GLN A 1 62  ? -14.866 -0.169  -6.314  1.00 31.46  ? 413 GLN A OE1 1 
ATOM   518  N  NE2 . GLN A 1 62  ? -15.237 -0.173  -4.098  1.00 29.33  ? 413 GLN A NE2 1 
ATOM   519  N  N   . GLN A 1 63  ? -13.022 4.090   -1.473  1.00 21.56  ? 414 GLN A N   1 
ATOM   520  C  CA  . GLN A 1 63  ? -13.439 5.014   -0.413  1.00 21.18  ? 414 GLN A CA  1 
ATOM   521  C  C   . GLN A 1 63  ? -12.481 6.184   -0.200  1.00 20.23  ? 414 GLN A C   1 
ATOM   522  O  O   . GLN A 1 63  ? -12.916 7.315   0.051   1.00 19.65  ? 414 GLN A O   1 
ATOM   523  C  CB  . GLN A 1 63  ? -13.646 4.276   0.911   1.00 21.89  ? 414 GLN A CB  1 
ATOM   524  C  CG  . GLN A 1 63  ? -14.918 3.450   0.963   1.00 24.34  ? 414 GLN A CG  1 
ATOM   525  C  CD  . GLN A 1 63  ? -15.218 2.944   2.360   1.00 29.20  ? 414 GLN A CD  1 
ATOM   526  O  OE1 . GLN A 1 63  ? -15.009 3.651   3.356   1.00 30.98  ? 414 GLN A OE1 1 
ATOM   527  N  NE2 . GLN A 1 63  ? -15.718 1.712   2.444   1.00 31.89  ? 414 GLN A NE2 1 
ATOM   528  N  N   A VAL A 1 64  ? -11.176 5.932   -0.274  0.50 19.80  ? 415 VAL A N   1 
ATOM   529  N  N   B VAL A 1 64  ? -11.187 5.916   -0.330  0.50 19.87  ? 415 VAL A N   1 
ATOM   530  C  CA  A VAL A 1 64  ? -10.217 7.009   -0.026  0.50 19.58  ? 415 VAL A CA  1 
ATOM   531  C  CA  B VAL A 1 64  ? -10.179 6.927   -0.070  0.50 19.73  ? 415 VAL A CA  1 
ATOM   532  C  C   A VAL A 1 64  ? -10.355 8.124   -1.058  0.50 19.62  ? 415 VAL A C   1 
ATOM   533  C  C   B VAL A 1 64  ? -10.264 8.074   -1.080  0.50 19.76  ? 415 VAL A C   1 
ATOM   534  O  O   A VAL A 1 64  ? -10.114 9.291   -0.749  0.50 19.12  ? 415 VAL A O   1 
ATOM   535  O  O   B VAL A 1 64  ? -9.902  9.211   -0.778  0.50 19.22  ? 415 VAL A O   1 
ATOM   536  C  CB  A VAL A 1 64  ? -8.736  6.529   0.048   0.50 19.86  ? 415 VAL A CB  1 
ATOM   537  C  CB  B VAL A 1 64  ? -8.762  6.300   -0.027  0.50 20.06  ? 415 VAL A CB  1 
ATOM   538  C  CG1 A VAL A 1 64  ? -8.458  5.841   1.375   0.50 19.68  ? 415 VAL A CG1 1 
ATOM   539  C  CG1 B VAL A 1 64  ? -8.074  6.336   -1.402  0.50 20.15  ? 415 VAL A CG1 1 
ATOM   540  C  CG2 A VAL A 1 64  ? -8.373  5.626   -1.131  0.50 20.30  ? 415 VAL A CG2 1 
ATOM   541  C  CG2 B VAL A 1 64  ? -7.926  6.998   1.007   0.50 20.44  ? 415 VAL A CG2 1 
ATOM   542  N  N   . VAL A 1 65  ? -10.750 7.758   -2.280  1.00 19.30  ? 416 VAL A N   1 
ATOM   543  C  CA  . VAL A 1 65  ? -10.880 8.731   -3.363  1.00 20.55  ? 416 VAL A CA  1 
ATOM   544  C  C   . VAL A 1 65  ? -12.189 9.517   -3.255  1.00 20.72  ? 416 VAL A C   1 
ATOM   545  O  O   . VAL A 1 65  ? -12.250 10.685  -3.622  1.00 20.00  ? 416 VAL A O   1 
ATOM   546  C  CB  . VAL A 1 65  ? -10.738 8.025   -4.734  1.00 20.62  ? 416 VAL A CB  1 
ATOM   547  C  CG1 . VAL A 1 65  ? -11.130 8.940   -5.901  1.00 23.13  ? 416 VAL A CG1 1 
ATOM   548  C  CG2 . VAL A 1 65  ? -9.316  7.507   -4.913  1.00 21.87  ? 416 VAL A CG2 1 
ATOM   549  N  N   . LYS A 1 66  ? -13.230 8.892   -2.715  1.00 21.31  ? 417 LYS A N   1 
ATOM   550  C  CA  . LYS A 1 66  ? -14.526 9.580   -2.571  1.00 22.35  ? 417 LYS A CA  1 
ATOM   551  C  C   . LYS A 1 66  ? -14.463 10.754  -1.616  1.00 22.26  ? 417 LYS A C   1 
ATOM   552  O  O   . LYS A 1 66  ? -15.012 11.833  -1.893  1.00 23.18  ? 417 LYS A O   1 
ATOM   553  C  CB  . LYS A 1 66  ? -15.603 8.621   -2.088  1.00 23.26  ? 417 LYS A CB  1 
ATOM   554  C  CG  . LYS A 1 66  ? -16.104 7.670   -3.137  1.00 25.70  ? 417 LYS A CG  1 
ATOM   555  C  CD  . LYS A 1 66  ? -17.329 6.914   -2.623  1.00 29.55  ? 417 LYS A CD  1 
ATOM   556  C  CE  . LYS A 1 66  ? -18.160 6.318   -3.761  1.00 31.62  ? 417 LYS A CE  1 
ATOM   557  N  NZ  . LYS A 1 66  ? -17.401 5.312   -4.557  1.00 33.62  ? 417 LYS A NZ  1 
ATOM   558  N  N   . LEU A 1 67  ? -13.831 10.533  -0.465  1.00 21.09  ? 418 LEU A N   1 
ATOM   559  C  CA  . LEU A 1 67  ? -13.666 11.569  0.538   1.00 20.84  ? 418 LEU A CA  1 
ATOM   560  C  C   . LEU A 1 67  ? -12.198 11.958  0.548   1.00 19.97  ? 418 LEU A C   1 
ATOM   561  O  O   . LEU A 1 67  ? -11.416 11.458  1.351   1.00 20.37  ? 418 LEU A O   1 
ATOM   562  C  CB  . LEU A 1 67  ? -14.094 11.060  1.924   1.00 21.45  ? 418 LEU A CB  1 
ATOM   563  C  CG  . LEU A 1 67  ? -15.557 11.227  2.339   1.00 22.80  ? 418 LEU A CG  1 
ATOM   564  C  CD1 . LEU A 1 67  ? -15.812 10.474  3.627   1.00 23.88  ? 418 LEU A CD1 1 
ATOM   565  C  CD2 . LEU A 1 67  ? -15.936 12.692  2.491   1.00 23.28  ? 418 LEU A CD2 1 
ATOM   566  N  N   . LYS A 1 68  ? -11.827 12.849  -0.365  1.00 19.24  ? 419 LYS A N   1 
ATOM   567  C  CA  . LYS A 1 68  ? -10.430 13.205  -0.557  1.00 18.73  ? 419 LYS A CA  1 
ATOM   568  C  C   . LYS A 1 68  ? -9.838  13.728  0.734   1.00 18.07  ? 419 LYS A C   1 
ATOM   569  O  O   . LYS A 1 68  ? -10.378 14.638  1.355   1.00 18.37  ? 419 LYS A O   1 
ATOM   570  C  CB  . LYS A 1 68  ? -10.305 14.283  -1.630  1.00 19.67  ? 419 LYS A CB  1 
ATOM   571  C  CG  . LYS A 1 68  ? -10.452 13.761  -3.039  1.00 21.42  ? 419 LYS A CG  1 
ATOM   572  C  CD  . LYS A 1 68  ? -10.809 14.871  -4.031  1.00 22.93  ? 419 LYS A CD  1 
ATOM   573  C  CE  . LYS A 1 68  ? -9.790  16.013  -4.090  1.00 24.33  ? 419 LYS A CE  1 
ATOM   574  N  NZ  . LYS A 1 68  ? -10.174 17.046  -5.128  1.00 24.21  ? 419 LYS A NZ  1 
ATOM   575  N  N   . GLY A 1 69  ? -8.704  13.163  1.127   1.00 16.54  ? 420 GLY A N   1 
ATOM   576  C  CA  . GLY A 1 69  ? -8.030  13.610  2.339   1.00 16.88  ? 420 GLY A CA  1 
ATOM   577  C  C   . GLY A 1 69  ? -8.362  12.775  3.565   1.00 16.90  ? 420 GLY A C   1 
ATOM   578  O  O   . GLY A 1 69  ? -7.638  12.853  4.558   1.00 17.82  ? 420 GLY A O   1 
ATOM   579  N  N   . GLN A 1 70  ? -9.432  11.974  3.514   1.00 16.17  ? 421 GLN A N   1 
ATOM   580  C  CA  . GLN A 1 70  ? -9.718  11.077  4.646   1.00 15.95  ? 421 GLN A CA  1 
ATOM   581  C  C   . GLN A 1 70  ? -8.664  9.970   4.693   1.00 15.93  ? 421 GLN A C   1 
ATOM   582  O  O   . GLN A 1 70  ? -8.129  9.553   3.658   1.00 15.47  ? 421 GLN A O   1 
ATOM   583  C  CB  . GLN A 1 70  ? -11.148 10.480  4.590   1.00 16.57  ? 421 GLN A CB  1 
ATOM   584  C  CG  . GLN A 1 70  ? -11.319 9.244   3.666   1.00 18.97  ? 421 GLN A CG  1 
ATOM   585  C  CD  . GLN A 1 70  ? -12.576 8.380   3.952   1.00 18.91  ? 421 GLN A CD  1 
ATOM   586  O  OE1 . GLN A 1 70  ? -13.180 7.817   3.021   1.00 23.42  ? 421 GLN A OE1 1 
ATOM   587  N  NE2 . GLN A 1 70  ? -12.955 8.261   5.220   1.00 20.38  ? 421 GLN A NE2 1 
ATOM   588  N  N   . VAL A 1 71  ? -8.384  9.482   5.895   1.00 15.49  ? 422 VAL A N   1 
ATOM   589  C  CA  . VAL A 1 71  ? -7.415  8.415   6.095   1.00 15.94  ? 422 VAL A CA  1 
ATOM   590  C  C   . VAL A 1 71  ? -8.140  7.135   6.452   1.00 16.67  ? 422 VAL A C   1 
ATOM   591  O  O   . VAL A 1 71  ? -9.031  7.131   7.328   1.00 16.33  ? 422 VAL A O   1 
ATOM   592  C  CB  . VAL A 1 71  ? -6.406  8.778   7.213   1.00 15.91  ? 422 VAL A CB  1 
ATOM   593  C  CG1 . VAL A 1 71  ? -5.295  7.737   7.289   1.00 17.02  ? 422 VAL A CG1 1 
ATOM   594  C  CG2 . VAL A 1 71  ? -5.812  10.179  6.979   1.00 17.29  ? 422 VAL A CG2 1 
ATOM   595  N  N   . LEU A 1 72  ? -7.778  6.049   5.760   1.00 16.94  ? 423 LEU A N   1 
ATOM   596  C  CA  . LEU A 1 72  ? -8.307  4.711   6.053   1.00 18.09  ? 423 LEU A CA  1 
ATOM   597  C  C   . LEU A 1 72  ? -7.181  3.769   6.445   1.00 18.65  ? 423 LEU A C   1 
ATOM   598  O  O   . LEU A 1 72  ? -6.024  3.994   6.103   1.00 19.02  ? 423 LEU A O   1 
ATOM   599  C  CB  . LEU A 1 72  ? -9.055  4.136   4.847   1.00 19.08  ? 423 LEU A CB  1 
ATOM   600  C  CG  . LEU A 1 72  ? -10.217 4.921   4.229   1.00 21.47  ? 423 LEU A CG  1 
ATOM   601  C  CD1 . LEU A 1 72  ? -10.793 4.131   3.041   1.00 24.25  ? 423 LEU A CD1 1 
ATOM   602  C  CD2 . LEU A 1 72  ? -11.301 5.191   5.248   1.00 23.99  ? 423 LEU A CD2 1 
ATOM   603  N  N   . SER A 1 73  ? -7.523  2.729   7.194   1.00 18.76  ? 424 SER A N   1 
ATOM   604  C  CA  . SER A 1 73  ? -6.578  1.678   7.520   1.00 19.73  ? 424 SER A CA  1 
ATOM   605  C  C   . SER A 1 73  ? -7.184  0.351   7.108   1.00 19.88  ? 424 SER A C   1 
ATOM   606  O  O   . SER A 1 73  ? -8.348  0.059   7.398   1.00 21.13  ? 424 SER A O   1 
ATOM   607  C  CB  . SER A 1 73  ? -6.315  1.661   9.018   1.00 20.61  ? 424 SER A CB  1 
ATOM   608  O  OG  . SER A 1 73  ? -5.328  0.701   9.355   1.00 23.50  ? 424 SER A OG  1 
ATOM   609  N  N   . VAL A 1 74  ? -6.401  -0.455  6.419   1.00 19.25  ? 425 VAL A N   1 
ATOM   610  C  CA  . VAL A 1 74  ? -6.905  -1.747  5.973   1.00 20.42  ? 425 VAL A CA  1 
ATOM   611  C  C   . VAL A 1 74  ? -5.884  -2.803  6.354   1.00 20.14  ? 425 VAL A C   1 
ATOM   612  O  O   . VAL A 1 74  ? -4.672  -2.581  6.262   1.00 19.25  ? 425 VAL A O   1 
ATOM   613  C  CB  . VAL A 1 74  ? -7.236  -1.751  4.447   1.00 21.30  ? 425 VAL A CB  1 
ATOM   614  C  CG1 . VAL A 1 74  ? -5.991  -1.591  3.586   1.00 23.55  ? 425 VAL A CG1 1 
ATOM   615  C  CG2 . VAL A 1 74  ? -8.015  -2.990  4.045   1.00 23.29  ? 425 VAL A CG2 1 
HETATM 616  N  N   A MSE A 1 75  ? -6.392  -3.959  6.783   0.50 19.31  ? 426 MSE A N   1 
HETATM 617  N  N   B MSE A 1 75  ? -6.394  -3.932  6.833   0.50 21.08  ? 426 MSE A N   1 
HETATM 618  C  CA  A MSE A 1 75  ? -5.566  -5.089  7.194   0.50 19.68  ? 426 MSE A CA  1 
HETATM 619  C  CA  B MSE A 1 75  ? -5.559  -5.074  7.119   0.50 23.77  ? 426 MSE A CA  1 
HETATM 620  C  C   A MSE A 1 75  ? -5.780  -6.242  6.216   0.50 19.68  ? 426 MSE A C   1 
HETATM 621  C  C   B MSE A 1 75  ? -5.809  -6.122  6.060   0.50 21.58  ? 426 MSE A C   1 
HETATM 622  O  O   A MSE A 1 75  ? -6.888  -6.778  6.137   0.50 19.67  ? 426 MSE A O   1 
HETATM 623  O  O   B MSE A 1 75  ? -6.952  -6.451  5.751   0.50 21.33  ? 426 MSE A O   1 
HETATM 624  C  CB  A MSE A 1 75  ? -5.961  -5.519  8.615   0.50 20.15  ? 426 MSE A CB  1 
HETATM 625  C  CB  B MSE A 1 75  ? -5.844  -5.624  8.511   0.50 23.67  ? 426 MSE A CB  1 
HETATM 626  C  CG  A MSE A 1 75  ? -5.250  -6.763  9.122   0.50 20.45  ? 426 MSE A CG  1 
HETATM 627  C  CG  B MSE A 1 75  ? -5.077  -4.907  9.592   0.50 26.33  ? 426 MSE A CG  1 
HETATM 628  SE SE  A MSE A 1 75  ? -3.421  -6.383  9.676   0.50 23.09  ? 426 MSE A SE  1 
HETATM 629  SE SE  B MSE A 1 75  ? -4.825  -6.050  11.133  0.50 33.67  ? 426 MSE A SE  1 
HETATM 630  C  CE  A MSE A 1 75  ? -3.799  -5.287  11.267  0.50 22.54  ? 426 MSE A CE  1 
HETATM 631  C  CE  B MSE A 1 75  ? -3.634  -7.395  10.390  0.50 31.14  ? 426 MSE A CE  1 
ATOM   632  N  N   . PHE A 1 76  ? -4.728  -6.617  5.479   1.00 19.70  ? 427 PHE A N   1 
ATOM   633  C  CA  . PHE A 1 76  ? -4.828  -7.630  4.416   1.00 19.08  ? 427 PHE A CA  1 
ATOM   634  C  C   . PHE A 1 76  ? -3.550  -8.447  4.343   1.00 18.81  ? 427 PHE A C   1 
ATOM   635  O  O   . PHE A 1 76  ? -2.537  -8.051  4.929   1.00 19.39  ? 427 PHE A O   1 
ATOM   636  C  CB  . PHE A 1 76  ? -5.141  -6.968  3.062   1.00 18.65  ? 427 PHE A CB  1 
ATOM   637  C  CG  . PHE A 1 76  ? -3.990  -6.194  2.477   1.00 17.46  ? 427 PHE A CG  1 
ATOM   638  C  CD1 . PHE A 1 76  ? -3.227  -6.727  1.445   1.00 18.60  ? 427 PHE A CD1 1 
ATOM   639  C  CD2 . PHE A 1 76  ? -3.669  -4.920  2.960   1.00 18.19  ? 427 PHE A CD2 1 
ATOM   640  C  CE1 . PHE A 1 76  ? -2.170  -6.022  0.896   1.00 17.90  ? 427 PHE A CE1 1 
ATOM   641  C  CE2 . PHE A 1 76  ? -2.604  -4.208  2.412   1.00 18.61  ? 427 PHE A CE2 1 
ATOM   642  C  CZ  . PHE A 1 76  ? -1.857  -4.762  1.389   1.00 18.79  ? 427 PHE A CZ  1 
ATOM   643  N  N   . ARG A 1 77  ? -3.596  -9.573  3.641   1.00 17.38  ? 428 ARG A N   1 
ATOM   644  C  CA  . ARG A 1 77  ? -2.410  -10.394 3.431   1.00 17.11  ? 428 ARG A CA  1 
ATOM   645  C  C   . ARG A 1 77  ? -1.750  -10.075 2.093   1.00 17.17  ? 428 ARG A C   1 
ATOM   646  O  O   . ARG A 1 77  ? -2.415  -10.071 1.036   1.00 17.00  ? 428 ARG A O   1 
ATOM   647  C  CB  . ARG A 1 77  ? -2.768  -11.874 3.521   1.00 17.41  ? 428 ARG A CB  1 
ATOM   648  C  CG  . ARG A 1 77  ? -2.961  -12.386 4.946   1.00 17.82  ? 428 ARG A CG  1 
ATOM   649  C  CD  . ARG A 1 77  ? -3.764  -13.688 4.973   1.00 21.26  ? 428 ARG A CD  1 
ATOM   650  N  NE  . ARG A 1 77  ? -5.145  -13.423 4.563   1.00 20.76  ? 428 ARG A NE  1 
ATOM   651  C  CZ  . ARG A 1 77  ? -6.126  -14.325 4.518   1.00 22.72  ? 428 ARG A CZ  1 
ATOM   652  N  NH1 . ARG A 1 77  ? -5.902  -15.597 4.863   1.00 20.99  ? 428 ARG A NH1 1 
ATOM   653  N  NH2 . ARG A 1 77  ? -7.336  -13.946 4.120   1.00 23.45  ? 428 ARG A NH2 1 
ATOM   654  N  N   . PHE A 1 78  ? -0.436  -9.819  2.150   1.00 16.29  ? 429 PHE A N   1 
ATOM   655  C  CA  . PHE A 1 78  ? 0.383   -9.453  0.994   1.00 17.04  ? 429 PHE A CA  1 
ATOM   656  C  C   . PHE A 1 78  ? 1.328   -10.639 0.696   1.00 17.91  ? 429 PHE A C   1 
ATOM   657  O  O   . PHE A 1 78  ? 1.935   -11.198 1.633   1.00 18.28  ? 429 PHE A O   1 
ATOM   658  C  CB  . PHE A 1 78  ? 1.195   -8.206  1.386   1.00 17.33  ? 429 PHE A CB  1 
ATOM   659  C  CG  . PHE A 1 78  ? 1.885   -7.502  0.240   1.00 16.98  ? 429 PHE A CG  1 
ATOM   660  C  CD1 . PHE A 1 78  ? 1.452   -6.243  -0.182  1.00 19.67  ? 429 PHE A CD1 1 
ATOM   661  C  CD2 . PHE A 1 78  ? 2.989   -8.062  -0.376  1.00 18.78  ? 429 PHE A CD2 1 
ATOM   662  C  CE1 . PHE A 1 78  ? 2.112   -5.584  -1.223  1.00 20.31  ? 429 PHE A CE1 1 
ATOM   663  C  CE2 . PHE A 1 78  ? 3.646   -7.410  -1.422  1.00 19.96  ? 429 PHE A CE2 1 
ATOM   664  C  CZ  . PHE A 1 78  ? 3.199   -6.171  -1.847  1.00 20.35  ? 429 PHE A CZ  1 
ATOM   665  N  N   A ARG A 1 79  ? 1.468   -11.041 -0.566  0.50 18.17  ? 430 ARG A N   1 
ATOM   666  N  N   B ARG A 1 79  ? 1.461   -11.005 -0.577  0.50 18.25  ? 430 ARG A N   1 
ATOM   667  C  CA  A ARG A 1 79  ? 2.345   -12.180 -0.872  0.50 19.42  ? 430 ARG A CA  1 
ATOM   668  C  CA  B ARG A 1 79  ? 2.362   -12.083 -0.960  0.50 19.57  ? 430 ARG A CA  1 
ATOM   669  C  C   A ARG A 1 79  ? 3.797   -11.751 -1.016  0.50 19.49  ? 430 ARG A C   1 
ATOM   670  C  C   B ARG A 1 79  ? 3.798   -11.584 -0.885  0.50 19.44  ? 430 ARG A C   1 
ATOM   671  O  O   A ARG A 1 79  ? 4.152   -10.956 -1.902  0.50 19.70  ? 430 ARG A O   1 
ATOM   672  O  O   B ARG A 1 79  ? 4.143   -10.568 -1.487  0.50 19.41  ? 430 ARG A O   1 
ATOM   673  C  CB  A ARG A 1 79  ? 1.875   -13.009 -2.080  0.50 19.89  ? 430 ARG A CB  1 
ATOM   674  C  CB  B ARG A 1 79  ? 2.033   -12.646 -2.355  0.50 20.27  ? 430 ARG A CB  1 
ATOM   675  C  CG  A ARG A 1 79  ? 1.625   -12.214 -3.348  0.50 19.96  ? 430 ARG A CG  1 
ATOM   676  C  CG  B ARG A 1 79  ? 2.357   -11.730 -3.516  0.50 20.67  ? 430 ARG A CG  1 
ATOM   677  C  CD  A ARG A 1 79  ? 1.406   -13.142 -4.540  0.50 20.37  ? 430 ARG A CD  1 
ATOM   678  C  CD  B ARG A 1 79  ? 2.003   -12.325 -4.882  0.50 20.81  ? 430 ARG A CD  1 
ATOM   679  N  NE  A ARG A 1 79  ? 1.170   -12.401 -5.783  0.50 21.90  ? 430 ARG A NE  1 
ATOM   680  N  NE  B ARG A 1 79  ? 2.786   -13.515 -5.234  0.50 22.13  ? 430 ARG A NE  1 
ATOM   681  C  CZ  A ARG A 1 79  ? 2.124   -11.921 -6.579  0.50 22.58  ? 430 ARG A CZ  1 
ATOM   682  C  CZ  B ARG A 1 79  ? 2.266   -14.683 -5.605  0.50 23.18  ? 430 ARG A CZ  1 
ATOM   683  N  NH1 A ARG A 1 79  ? 3.410   -12.091 -6.282  0.50 23.26  ? 430 ARG A NH1 1 
ATOM   684  N  NH1 B ARG A 1 79  ? 0.950   -14.842 -5.679  0.50 23.52  ? 430 ARG A NH1 1 
ATOM   685  N  NH2 A ARG A 1 79  ? 1.783   -11.262 -7.680  0.50 21.81  ? 430 ARG A NH2 1 
ATOM   686  N  NH2 B ARG A 1 79  ? 3.069   -15.696 -5.906  0.50 22.95  ? 430 ARG A NH2 1 
ATOM   687  N  N   . SER A 1 80  ? 4.624   -12.285 -0.125  1.00 19.36  ? 431 SER A N   1 
ATOM   688  C  CA  . SER A 1 80  ? 6.042   -11.966 -0.115  1.00 19.28  ? 431 SER A CA  1 
ATOM   689  C  C   . SER A 1 80  ? 6.737   -12.705 -1.242  1.00 19.19  ? 431 SER A C   1 
ATOM   690  O  O   . SER A 1 80  ? 6.240   -13.730 -1.744  1.00 18.84  ? 431 SER A O   1 
ATOM   691  C  CB  . SER A 1 80  ? 6.682   -12.334 1.226   1.00 19.88  ? 431 SER A CB  1 
ATOM   692  O  OG  . SER A 1 80  ? 6.894   -13.725 1.329   1.00 22.19  ? 431 SER A OG  1 
ATOM   693  N  N   . LYS A 1 81  ? 7.902   -12.207 -1.621  1.00 18.83  ? 432 LYS A N   1 
ATOM   694  C  CA  . LYS A 1 81  ? 8.742   -12.880 -2.614  1.00 20.46  ? 432 LYS A CA  1 
ATOM   695  C  C   . LYS A 1 81  ? 9.136   -14.287 -2.148  1.00 20.76  ? 432 LYS A C   1 
ATOM   696  O  O   . LYS A 1 81  ? 9.405   -15.159 -2.967  1.00 21.57  ? 432 LYS A O   1 
ATOM   697  C  CB  . LYS A 1 81  ? 9.987   -12.029 -2.861  1.00 20.77  ? 432 LYS A CB  1 
ATOM   698  C  CG  . LYS A 1 81  ? 11.009  -12.594 -3.831  1.00 25.26  ? 432 LYS A CG  1 
ATOM   699  C  CD  . LYS A 1 81  ? 10.750  -12.102 -5.222  1.00 27.03  ? 432 LYS A CD  1 
ATOM   700  C  CE  . LYS A 1 81  ? 11.961  -12.310 -6.112  1.00 29.00  ? 432 LYS A CE  1 
ATOM   701  N  NZ  . LYS A 1 81  ? 11.587  -12.153 -7.531  1.00 30.43  ? 432 LYS A NZ  1 
ATOM   702  N  N   . ASN A 1 82  ? 9.160   -14.487 -0.832  1.00 21.16  ? 433 ASN A N   1 
ATOM   703  C  CA  . ASN A 1 82  ? 9.491   -15.778 -0.228  1.00 22.03  ? 433 ASN A CA  1 
ATOM   704  C  C   . ASN A 1 82  ? 8.289   -16.719 -0.142  1.00 21.65  ? 433 ASN A C   1 
ATOM   705  O  O   . ASN A 1 82  ? 8.359   -17.774 0.497   1.00 22.12  ? 433 ASN A O   1 
ATOM   706  C  CB  . ASN A 1 82  ? 10.115  -15.531 1.144   1.00 22.42  ? 433 ASN A CB  1 
ATOM   707  C  CG  . ASN A 1 82  ? 11.379  -14.682 1.048   1.00 24.85  ? 433 ASN A CG  1 
ATOM   708  O  OD1 . ASN A 1 82  ? 11.418  -13.527 1.506   1.00 28.34  ? 433 ASN A OD1 1 
ATOM   709  N  ND2 . ASN A 1 82  ? 12.400  -15.228 0.402   1.00 24.76  ? 433 ASN A ND2 1 
ATOM   710  N  N   . GLN A 1 83  ? 7.206   -16.333 -0.814  1.00 21.33  ? 434 GLN A N   1 
ATOM   711  C  CA  . GLN A 1 83  ? 6.002   -17.156 -0.953  1.00 21.61  ? 434 GLN A CA  1 
ATOM   712  C  C   . GLN A 1 83  ? 5.336   -17.428 0.399   1.00 21.04  ? 434 GLN A C   1 
ATOM   713  O  O   . GLN A 1 83  ? 4.926   -18.549 0.702   1.00 21.43  ? 434 GLN A O   1 
ATOM   714  C  CB  . GLN A 1 83  ? 6.306   -18.452 -1.721  1.00 22.15  ? 434 GLN A CB  1 
ATOM   715  C  CG  . GLN A 1 83  ? 6.670   -18.224 -3.180  1.00 26.12  ? 434 GLN A CG  1 
ATOM   716  C  CD  . GLN A 1 83  ? 7.153   -19.499 -3.845  1.00 29.74  ? 434 GLN A CD  1 
ATOM   717  O  OE1 . GLN A 1 83  ? 6.476   -20.052 -4.707  1.00 32.94  ? 434 GLN A OE1 1 
ATOM   718  N  NE2 . GLN A 1 83  ? 8.319   -19.991 -3.423  1.00 31.08  ? 434 GLN A NE2 1 
ATOM   719  N  N   . GLU A 1 84  ? 5.247   -16.382 1.213   1.00 20.60  ? 435 GLU A N   1 
ATOM   720  C  CA  . GLU A 1 84  ? 4.375   -16.418 2.379   1.00 20.66  ? 435 GLU A CA  1 
ATOM   721  C  C   . GLU A 1 84  ? 3.439   -15.226 2.394   1.00 18.81  ? 435 GLU A C   1 
ATOM   722  O  O   . GLU A 1 84  ? 3.752   -14.163 1.860   1.00 18.76  ? 435 GLU A O   1 
ATOM   723  C  CB  . GLU A 1 84  ? 5.149   -16.557 3.694   1.00 21.82  ? 435 GLU A CB  1 
ATOM   724  C  CG  . GLU A 1 84  ? 6.182   -15.526 3.958   1.00 25.41  ? 435 GLU A CG  1 
ATOM   725  C  CD  . GLU A 1 84  ? 6.963   -15.818 5.233   1.00 29.42  ? 435 GLU A CD  1 
ATOM   726  O  OE1 . GLU A 1 84  ? 6.948   -16.976 5.708   1.00 33.03  ? 435 GLU A OE1 1 
ATOM   727  O  OE2 . GLU A 1 84  ? 7.597   -14.881 5.753   1.00 33.54  ? 435 GLU A OE2 1 
ATOM   728  N  N   . TRP A 1 85  ? 2.262   -15.424 2.972   1.00 17.87  ? 436 TRP A N   1 
ATOM   729  C  CA  . TRP A 1 85  ? 1.327   -14.326 3.209   1.00 16.89  ? 436 TRP A CA  1 
ATOM   730  C  C   . TRP A 1 85  ? 1.797   -13.544 4.429   1.00 16.89  ? 436 TRP A C   1 
ATOM   731  O  O   . TRP A 1 85  ? 1.988   -14.110 5.520   1.00 17.81  ? 436 TRP A O   1 
ATOM   732  C  CB  . TRP A 1 85  ? -0.091  -14.854 3.449   1.00 17.41  ? 436 TRP A CB  1 
ATOM   733  C  CG  . TRP A 1 85  ? -0.711  -15.505 2.251   1.00 16.21  ? 436 TRP A CG  1 
ATOM   734  C  CD1 . TRP A 1 85  ? -1.156  -16.797 2.162   1.00 16.35  ? 436 TRP A CD1 1 
ATOM   735  C  CD2 . TRP A 1 85  ? -0.958  -14.903 0.968   1.00 14.37  ? 436 TRP A CD2 1 
ATOM   736  N  NE1 . TRP A 1 85  ? -1.672  -17.036 0.911   1.00 15.84  ? 436 TRP A NE1 1 
ATOM   737  C  CE2 . TRP A 1 85  ? -1.566  -15.894 0.155   1.00 14.28  ? 436 TRP A CE2 1 
ATOM   738  C  CE3 . TRP A 1 85  ? -0.741  -13.625 0.435   1.00 15.12  ? 436 TRP A CE3 1 
ATOM   739  C  CZ2 . TRP A 1 85  ? -1.938  -15.647 -1.181  1.00 15.16  ? 436 TRP A CZ2 1 
ATOM   740  C  CZ3 . TRP A 1 85  ? -1.130  -13.379 -0.880  1.00 15.58  ? 436 TRP A CZ3 1 
ATOM   741  C  CH2 . TRP A 1 85  ? -1.703  -14.395 -1.675  1.00 15.59  ? 436 TRP A CH2 1 
ATOM   742  N  N   . LEU A 1 86  ? 1.978   -12.238 4.231   1.00 15.91  ? 437 LEU A N   1 
ATOM   743  C  CA  . LEU A 1 86  ? 2.349   -11.360 5.324   1.00 16.90  ? 437 LEU A CA  1 
ATOM   744  C  C   . LEU A 1 86  ? 1.174   -10.478 5.671   1.00 17.32  ? 437 LEU A C   1 
ATOM   745  O  O   . LEU A 1 86  ? 0.592   -9.843  4.782   1.00 17.73  ? 437 LEU A O   1 
ATOM   746  C  CB  . LEU A 1 86  ? 3.526   -10.478 4.904   1.00 17.35  ? 437 LEU A CB  1 
ATOM   747  C  CG  . LEU A 1 86  ? 4.790   -11.208 4.481   1.00 17.85  ? 437 LEU A CG  1 
ATOM   748  C  CD1 . LEU A 1 86  ? 5.806   -10.214 3.966   1.00 20.54  ? 437 LEU A CD1 1 
ATOM   749  C  CD2 . LEU A 1 86  ? 5.386   -12.028 5.601   1.00 19.92  ? 437 LEU A CD2 1 
ATOM   750  N  N   . TRP A 1 87  ? 0.815   -10.439 6.952   1.00 17.40  ? 438 TRP A N   1 
ATOM   751  C  CA  . TRP A 1 87  ? -0.224  -9.519  7.398   1.00 18.39  ? 438 TRP A CA  1 
ATOM   752  C  C   . TRP A 1 87  ? 0.266   -8.091  7.323   1.00 18.17  ? 438 TRP A C   1 
ATOM   753  O  O   . TRP A 1 87  ? 1.295   -7.743  7.908   1.00 17.99  ? 438 TRP A O   1 
ATOM   754  C  CB  . TRP A 1 87  ? -0.698  -9.869  8.800   1.00 19.50  ? 438 TRP A CB  1 
ATOM   755  C  CG  . TRP A 1 87  ? -1.689  -10.987 8.760   1.00 21.39  ? 438 TRP A CG  1 
ATOM   756  C  CD1 . TRP A 1 87  ? -1.484  -12.280 9.127   1.00 24.37  ? 438 TRP A CD1 1 
ATOM   757  C  CD2 . TRP A 1 87  ? -3.045  -10.905 8.302   1.00 22.09  ? 438 TRP A CD2 1 
ATOM   758  N  NE1 . TRP A 1 87  ? -2.635  -13.021 8.928   1.00 24.35  ? 438 TRP A NE1 1 
ATOM   759  C  CE2 . TRP A 1 87  ? -3.610  -12.195 8.432   1.00 24.20  ? 438 TRP A CE2 1 
ATOM   760  C  CE3 . TRP A 1 87  ? -3.841  -9.864  7.797   1.00 23.66  ? 438 TRP A CE3 1 
ATOM   761  C  CZ2 . TRP A 1 87  ? -4.936  -12.467 8.076   1.00 23.66  ? 438 TRP A CZ2 1 
ATOM   762  C  CZ3 . TRP A 1 87  ? -5.154  -10.133 7.448   1.00 23.65  ? 438 TRP A CZ3 1 
ATOM   763  C  CH2 . TRP A 1 87  ? -5.683  -11.422 7.581   1.00 23.10  ? 438 TRP A CH2 1 
HETATM 764  N  N   A MSE A 1 88  ? -0.444  -7.289  6.539   0.50 17.83  ? 439 MSE A N   1 
HETATM 765  N  N   B MSE A 1 88  ? -0.505  -7.263  6.626   0.50 18.00  ? 439 MSE A N   1 
HETATM 766  C  CA  A MSE A 1 88  ? -0.129  -5.880  6.389   0.50 17.32  ? 439 MSE A CA  1 
HETATM 767  C  CA  B MSE A 1 88  ? -0.122  -5.901  6.285   0.50 17.59  ? 439 MSE A CA  1 
HETATM 768  C  C   A MSE A 1 88  ? -1.245  -5.043  6.968   0.50 17.39  ? 439 MSE A C   1 
HETATM 769  C  C   B MSE A 1 88  ? -1.208  -4.921  6.759   0.50 17.46  ? 439 MSE A C   1 
HETATM 770  O  O   A MSE A 1 88  ? -2.431  -5.360  6.832   0.50 17.53  ? 439 MSE A O   1 
HETATM 771  O  O   B MSE A 1 88  ? -2.372  -5.046  6.355   0.50 17.51  ? 439 MSE A O   1 
HETATM 772  C  CB  A MSE A 1 88  ? 0.051   -5.509  4.918   0.50 17.52  ? 439 MSE A CB  1 
HETATM 773  C  CB  B MSE A 1 88  ? 0.035   -5.831  4.760   0.50 17.92  ? 439 MSE A CB  1 
HETATM 774  C  CG  A MSE A 1 88  ? 0.924   -6.459  4.160   0.50 18.08  ? 439 MSE A CG  1 
HETATM 775  C  CG  B MSE A 1 88  ? 0.797   -4.650  4.215   0.50 19.02  ? 439 MSE A CG  1 
HETATM 776  SE SE  A MSE A 1 88  ? 2.757   -6.432  4.728   0.50 19.79  ? 439 MSE A SE  1 
HETATM 777  SE SE  B MSE A 1 88  ? 2.682   -4.645  4.739   0.50 21.71  ? 439 MSE A SE  1 
HETATM 778  C  CE  A MSE A 1 88  ? 3.293   -4.762  3.905   0.50 18.63  ? 439 MSE A CE  1 
HETATM 779  C  CE  B MSE A 1 88  ? 3.219   -6.459  4.246   0.50 19.98  ? 439 MSE A CE  1 
ATOM   780  N  N   . ARG A 1 89  ? -0.834  -3.972  7.625   1.00 17.25  ? 440 ARG A N   1 
ATOM   781  C  CA  . ARG A 1 89  ? -1.745  -2.912  8.046   1.00 17.35  ? 440 ARG A CA  1 
ATOM   782  C  C   . ARG A 1 89  ? -1.311  -1.689  7.239   1.00 17.68  ? 440 ARG A C   1 
ATOM   783  O  O   . ARG A 1 89  ? -0.198  -1.158  7.445   1.00 17.69  ? 440 ARG A O   1 
ATOM   784  C  CB  . ARG A 1 89  ? -1.640  -2.646  9.540   1.00 18.19  ? 440 ARG A CB  1 
ATOM   785  C  CG  . ARG A 1 89  ? -2.605  -1.573  10.013  1.00 21.51  ? 440 ARG A CG  1 
ATOM   786  C  CD  . ARG A 1 89  ? -2.346  -1.167  11.472  1.00 26.60  ? 440 ARG A CD  1 
ATOM   787  N  NE  . ARG A 1 89  ? -1.017  -0.578  11.676  1.00 31.47  ? 440 ARG A NE  1 
ATOM   788  C  CZ  . ARG A 1 89  ? -0.131  -0.977  12.594  1.00 33.24  ? 440 ARG A CZ  1 
ATOM   789  N  NH1 . ARG A 1 89  ? -0.411  -1.969  13.434  1.00 35.26  ? 440 ARG A NH1 1 
ATOM   790  N  NH2 . ARG A 1 89  ? 1.042   -0.364  12.688  1.00 36.89  ? 440 ARG A NH2 1 
ATOM   791  N  N   . THR A 1 90  ? -2.174  -1.268  6.318   1.00 17.12  ? 441 THR A N   1 
ATOM   792  C  CA  . THR A 1 90  ? -1.855  -0.170  5.421   1.00 17.32  ? 441 THR A CA  1 
ATOM   793  C  C   . THR A 1 90  ? -2.778  1.008   5.717   1.00 17.16  ? 441 THR A C   1 
ATOM   794  O  O   . THR A 1 90  ? -4.002  0.857   5.710   1.00 17.92  ? 441 THR A O   1 
ATOM   795  C  CB  . THR A 1 90  ? -2.015  -0.625  3.955   1.00 17.67  ? 441 THR A CB  1 
ATOM   796  O  OG1 . THR A 1 90  ? -0.947  -1.541  3.630   1.00 17.91  ? 441 THR A OG1 1 
ATOM   797  C  CG2 . THR A 1 90  ? -2.005  0.575   2.982   1.00 18.74  ? 441 THR A CG2 1 
ATOM   798  N  N   . SER A 1 91  ? -2.198  2.169   5.980   1.00 16.50  ? 442 SER A N   1 
ATOM   799  C  CA  . SER A 1 91  ? -3.009  3.383   5.993   1.00 16.37  ? 442 SER A CA  1 
ATOM   800  C  C   . SER A 1 91  ? -2.945  3.992   4.599   1.00 15.88  ? 442 SER A C   1 
ATOM   801  O  O   . SER A 1 91  ? -1.911  3.922   3.924   1.00 16.45  ? 442 SER A O   1 
ATOM   802  C  CB  . SER A 1 91  ? -2.517  4.384   7.029   1.00 17.99  ? 442 SER A CB  1 
ATOM   803  O  OG  . SER A 1 91  ? -1.198  4.811   6.747   1.00 18.15  ? 442 SER A OG  1 
ATOM   804  N  N   A SER A 1 92  ? -4.054  4.594   4.181   0.80 15.84  ? 443 SER A N   1 
ATOM   805  N  N   B SER A 1 92  ? -4.043  4.599   4.162   0.20 16.01  ? 443 SER A N   1 
ATOM   806  C  CA  A SER A 1 92  ? -4.172  5.190   2.858   0.80 15.50  ? 443 SER A CA  1 
ATOM   807  C  CA  B SER A 1 92  ? -4.086  5.212   2.838   0.20 15.85  ? 443 SER A CA  1 
ATOM   808  C  C   A SER A 1 92  ? -4.862  6.548   2.905   0.80 15.15  ? 443 SER A C   1 
ATOM   809  C  C   B SER A 1 92  ? -4.912  6.489   2.807   0.20 15.57  ? 443 SER A C   1 
ATOM   810  O  O   A SER A 1 92  ? -5.814  6.739   3.667   0.80 16.26  ? 443 SER A O   1 
ATOM   811  O  O   B SER A 1 92  ? -5.970  6.576   3.438   0.20 15.71  ? 443 SER A O   1 
ATOM   812  C  CB  A SER A 1 92  ? -5.018  4.296   1.940   0.80 16.36  ? 443 SER A CB  1 
ATOM   813  C  CB  B SER A 1 92  ? -4.636  4.228   1.806   0.20 16.28  ? 443 SER A CB  1 
ATOM   814  O  OG  A SER A 1 92  ? -4.472  2.993   1.830   0.80 16.87  ? 443 SER A OG  1 
ATOM   815  O  OG  B SER A 1 92  ? -6.002  3.960   2.059   0.20 17.06  ? 443 SER A OG  1 
ATOM   816  N  N   . PHE A 1 93  ? -4.430  7.470   2.051   1.00 15.29  ? 444 PHE A N   1 
ATOM   817  C  CA  . PHE A 1 93  ? -5.146  8.745   1.893   1.00 15.22  ? 444 PHE A CA  1 
ATOM   818  C  C   . PHE A 1 93  ? -4.720  9.383   0.598   1.00 14.53  ? 444 PHE A C   1 
ATOM   819  O  O   . PHE A 1 93  ? -3.634  9.084   0.091   1.00 14.95  ? 444 PHE A O   1 
ATOM   820  C  CB  . PHE A 1 93  ? -4.872  9.712   3.065   1.00 15.60  ? 444 PHE A CB  1 
ATOM   821  C  CG  . PHE A 1 93  ? -3.433  10.115  3.200   1.00 15.40  ? 444 PHE A CG  1 
ATOM   822  C  CD1 . PHE A 1 93  ? -2.515  9.285   3.838   1.00 15.43  ? 444 PHE A CD1 1 
ATOM   823  C  CD2 . PHE A 1 93  ? -2.994  11.332  2.695   1.00 15.88  ? 444 PHE A CD2 1 
ATOM   824  C  CE1 . PHE A 1 93  ? -1.172  9.651   3.954   1.00 16.28  ? 444 PHE A CE1 1 
ATOM   825  C  CE2 . PHE A 1 93  ? -1.639  11.713  2.818   1.00 16.29  ? 444 PHE A CE2 1 
ATOM   826  C  CZ  . PHE A 1 93  ? -0.741  10.844  3.445   1.00 15.92  ? 444 PHE A CZ  1 
ATOM   827  N  N   . THR A 1 94  ? -5.566  10.242  0.045   1.00 15.03  ? 445 THR A N   1 
ATOM   828  C  CA  . THR A 1 94  ? -5.169  10.985  -1.141  1.00 15.22  ? 445 THR A CA  1 
ATOM   829  C  C   . THR A 1 94  ? -4.408  12.232  -0.746  1.00 16.54  ? 445 THR A C   1 
ATOM   830  O  O   . THR A 1 94  ? -4.745  12.929  0.236   1.00 16.73  ? 445 THR A O   1 
ATOM   831  C  CB  . THR A 1 94  ? -6.349  11.386  -2.040  1.00 15.04  ? 445 THR A CB  1 
ATOM   832  O  OG1 . THR A 1 94  ? -7.240  12.228  -1.294  1.00 14.98  ? 445 THR A OG1 1 
ATOM   833  C  CG2 . THR A 1 94  ? -7.084  10.150  -2.560  1.00 16.17  ? 445 THR A CG2 1 
ATOM   834  N  N   . PHE A 1 95  ? -3.362  12.498  -1.517  1.00 17.16  ? 446 PHE A N   1 
ATOM   835  C  CA  . PHE A 1 95  ? -2.615  13.717  -1.385  1.00 17.71  ? 446 PHE A CA  1 
ATOM   836  C  C   . PHE A 1 95  ? -3.118  14.662  -2.476  1.00 18.44  ? 446 PHE A C   1 
ATOM   837  O  O   . PHE A 1 95  ? -3.139  14.298  -3.651  1.00 18.10  ? 446 PHE A O   1 
ATOM   838  C  CB  . PHE A 1 95  ? -1.112  13.447  -1.546  1.00 18.90  ? 446 PHE A CB  1 
ATOM   839  C  CG  . PHE A 1 95  ? -0.286  14.699  -1.551  1.00 20.59  ? 446 PHE A CG  1 
ATOM   840  C  CD1 . PHE A 1 95  ? 0.069   15.304  -0.362  1.00 21.31  ? 446 PHE A CD1 1 
ATOM   841  C  CD2 . PHE A 1 95  ? 0.091   15.298  -2.756  1.00 23.53  ? 446 PHE A CD2 1 
ATOM   842  C  CE1 . PHE A 1 95  ? 0.827   16.494  -0.357  1.00 23.25  ? 446 PHE A CE1 1 
ATOM   843  C  CE2 . PHE A 1 95  ? 0.836   16.496  -2.768  1.00 24.07  ? 446 PHE A CE2 1 
ATOM   844  C  CZ  . PHE A 1 95  ? 1.200   17.087  -1.561  1.00 22.65  ? 446 PHE A CZ  1 
ATOM   845  N  N   . GLN A 1 96  ? -3.511  15.868  -2.073  1.00 18.88  ? 447 GLN A N   1 
ATOM   846  C  CA  . GLN A 1 96  ? -4.060  16.887  -2.977  1.00 18.85  ? 447 GLN A CA  1 
ATOM   847  C  C   . GLN A 1 96  ? -2.994  17.898  -3.331  1.00 19.09  ? 447 GLN A C   1 
ATOM   848  O  O   . GLN A 1 96  ? -2.241  18.348  -2.462  1.00 20.10  ? 447 GLN A O   1 
ATOM   849  C  CB  . GLN A 1 96  ? -5.216  17.639  -2.296  1.00 19.24  ? 447 GLN A CB  1 
ATOM   850  C  CG  . GLN A 1 96  ? -6.559  16.910  -2.275  1.00 20.17  ? 447 GLN A CG  1 
ATOM   851  C  CD  . GLN A 1 96  ? -6.475  15.540  -1.628  1.00 19.03  ? 447 GLN A CD  1 
ATOM   852  O  OE1 . GLN A 1 96  ? -6.519  14.533  -2.313  1.00 19.41  ? 447 GLN A OE1 1 
ATOM   853  N  NE2 . GLN A 1 96  ? -6.349  15.503  -0.300  1.00 20.39  ? 447 GLN A NE2 1 
ATOM   854  N  N   . ASN A 1 97  ? -2.952  18.300  -4.597  1.00 19.87  ? 448 ASN A N   1 
ATOM   855  C  CA  . ASN A 1 97  ? -2.084  19.409  -4.962  1.00 20.16  ? 448 ASN A CA  1 
ATOM   856  C  C   . ASN A 1 97  ? -2.488  20.663  -4.178  1.00 20.70  ? 448 ASN A C   1 
ATOM   857  O  O   . ASN A 1 97  ? -3.676  20.990  -4.107  1.00 20.30  ? 448 ASN A O   1 
ATOM   858  C  CB  . ASN A 1 97  ? -2.179  19.684  -6.452  1.00 20.64  ? 448 ASN A CB  1 
ATOM   859  C  CG  . ASN A 1 97  ? -1.194  20.724  -6.900  1.00 20.03  ? 448 ASN A CG  1 
ATOM   860  O  OD1 . ASN A 1 97  ? -1.507  21.914  -6.946  1.00 21.22  ? 448 ASN A OD1 1 
ATOM   861  N  ND2 . ASN A 1 97  ? 0.026   20.283  -7.213  1.00 21.43  ? 448 ASN A ND2 1 
ATOM   862  N  N   . PRO A 1 98  ? -1.509  21.374  -3.574  1.00 21.13  ? 449 PRO A N   1 
ATOM   863  C  CA  . PRO A 1 98  ? -1.877  22.520  -2.757  1.00 21.66  ? 449 PRO A CA  1 
ATOM   864  C  C   . PRO A 1 98  ? -2.447  23.698  -3.541  1.00 21.26  ? 449 PRO A C   1 
ATOM   865  O  O   . PRO A 1 98  ? -3.078  24.558  -2.945  1.00 21.69  ? 449 PRO A O   1 
ATOM   866  C  CB  . PRO A 1 98  ? -0.550  22.922  -2.104  1.00 22.03  ? 449 PRO A CB  1 
ATOM   867  C  CG  . PRO A 1 98  ? 0.487   22.465  -3.062  1.00 22.03  ? 449 PRO A CG  1 
ATOM   868  C  CD  . PRO A 1 98  ? -0.052  21.142  -3.560  1.00 21.65  ? 449 PRO A CD  1 
ATOM   869  N  N   . TYR A 1 99  ? -2.221  23.727  -4.857  1.00 20.98  ? 450 TYR A N   1 
ATOM   870  C  CA  . TYR A 1 99  ? -2.649  24.855  -5.705  1.00 21.35  ? 450 TYR A CA  1 
ATOM   871  C  C   . TYR A 1 99  ? -3.936  24.592  -6.480  1.00 21.49  ? 450 TYR A C   1 
ATOM   872  O  O   . TYR A 1 99  ? -4.716  25.523  -6.738  1.00 21.88  ? 450 TYR A O   1 
ATOM   873  C  CB  . TYR A 1 99  ? -1.527  25.251  -6.671  1.00 21.51  ? 450 TYR A CB  1 
ATOM   874  C  CG  . TYR A 1 99  ? -0.243  25.603  -5.969  1.00 20.80  ? 450 TYR A CG  1 
ATOM   875  C  CD1 . TYR A 1 99  ? -0.168  26.727  -5.143  1.00 21.03  ? 450 TYR A CD1 1 
ATOM   876  C  CD2 . TYR A 1 99  ? 0.888   24.823  -6.121  1.00 22.03  ? 450 TYR A CD2 1 
ATOM   877  C  CE1 . TYR A 1 99  ? 1.002   27.049  -4.486  1.00 21.38  ? 450 TYR A CE1 1 
ATOM   878  C  CE2 . TYR A 1 99  ? 2.070   25.138  -5.467  1.00 22.53  ? 450 TYR A CE2 1 
ATOM   879  C  CZ  . TYR A 1 99  ? 2.115   26.252  -4.652  1.00 22.71  ? 450 TYR A CZ  1 
ATOM   880  O  OH  . TYR A 1 99  ? 3.280   26.575  -3.998  1.00 25.37  ? 450 TYR A OH  1 
ATOM   881  N  N   . SER A 1 100 ? -4.145  23.337  -6.875  1.00 21.93  ? 451 SER A N   1 
ATOM   882  C  CA  . SER A 1 100 ? -5.303  22.960  -7.687  1.00 22.18  ? 451 SER A CA  1 
ATOM   883  C  C   . SER A 1 100 ? -6.326  22.139  -6.892  1.00 22.58  ? 451 SER A C   1 
ATOM   884  O  O   . SER A 1 100 ? -7.473  22.001  -7.319  1.00 23.01  ? 451 SER A O   1 
ATOM   885  C  CB  . SER A 1 100 ? -4.842  22.144  -8.897  1.00 21.85  ? 451 SER A CB  1 
ATOM   886  O  OG  . SER A 1 100 ? -4.368  20.878  -8.454  1.00 21.15  ? 451 SER A OG  1 
ATOM   887  N  N   . ASP A 1 101 ? -5.884  21.568  -5.764  1.00 22.87  ? 452 ASP A N   1 
ATOM   888  C  CA  . ASP A 1 101 ? -6.678  20.664  -4.907  1.00 23.15  ? 452 ASP A CA  1 
ATOM   889  C  C   . ASP A 1 101 ? -7.054  19.320  -5.552  1.00 23.02  ? 452 ASP A C   1 
ATOM   890  O  O   . ASP A 1 101 ? -7.834  18.555  -4.981  1.00 23.00  ? 452 ASP A O   1 
ATOM   891  C  CB  . ASP A 1 101 ? -7.913  21.354  -4.316  1.00 24.03  ? 452 ASP A CB  1 
ATOM   892  C  CG  . ASP A 1 101 ? -8.426  20.658  -3.052  1.00 25.80  ? 452 ASP A CG  1 
ATOM   893  O  OD1 . ASP A 1 101 ? -7.602  20.333  -2.156  1.00 27.89  ? 452 ASP A OD1 1 
ATOM   894  O  OD2 . ASP A 1 101 ? -9.653  20.414  -2.954  1.00 27.57  ? 452 ASP A OD2 1 
ATOM   895  N  N   . GLU A 1 102 ? -6.467  19.012  -6.707  1.00 22.34  ? 453 GLU A N   1 
ATOM   896  C  CA  . GLU A 1 102 ? -6.714  17.727  -7.367  1.00 22.34  ? 453 GLU A CA  1 
ATOM   897  C  C   . GLU A 1 102 ? -5.932  16.614  -6.674  1.00 21.57  ? 453 GLU A C   1 
ATOM   898  O  O   . GLU A 1 102 ? -4.865  16.856  -6.106  1.00 21.68  ? 453 GLU A O   1 
ATOM   899  C  CB  . GLU A 1 102 ? -6.324  17.795  -8.842  1.00 22.04  ? 453 GLU A CB  1 
ATOM   900  C  CG  . GLU A 1 102 ? -7.191  18.765  -9.649  1.00 22.99  ? 453 GLU A CG  1 
ATOM   901  C  CD  . GLU A 1 102 ? -6.717  18.961  -11.086 1.00 23.47  ? 453 GLU A CD  1 
ATOM   902  O  OE1 . GLU A 1 102 ? -5.704  18.348  -11.480 1.00 29.70  ? 453 GLU A OE1 1 
ATOM   903  O  OE2 . GLU A 1 102 ? -7.364  19.720  -11.827 1.00 27.77  ? 453 GLU A OE2 1 
ATOM   904  N  N   . ILE A 1 103 ? -6.448  15.393  -6.755  1.00 21.45  ? 454 ILE A N   1 
ATOM   905  C  CA  . ILE A 1 103 ? -5.710  14.219  -6.252  1.00 20.81  ? 454 ILE A CA  1 
ATOM   906  C  C   . ILE A 1 103 ? -4.468  14.012  -7.101  1.00 21.92  ? 454 ILE A C   1 
ATOM   907  O  O   . ILE A 1 103 ? -4.582  13.885  -8.323  1.00 21.95  ? 454 ILE A O   1 
ATOM   908  C  CB  . ILE A 1 103 ? -6.566  12.928  -6.332  1.00 20.39  ? 454 ILE A CB  1 
ATOM   909  C  CG1 . ILE A 1 103 ? -7.848  13.098  -5.525  1.00 20.18  ? 454 ILE A CG1 1 
ATOM   910  C  CG2 . ILE A 1 103 ? -5.764  11.677  -5.885  1.00 19.30  ? 454 ILE A CG2 1 
ATOM   911  C  CD1 . ILE A 1 103 ? -8.819  11.934  -5.650  1.00 20.49  ? 454 ILE A CD1 1 
ATOM   912  N  N   . GLU A 1 104 ? -3.302  14.013  -6.460  1.00 21.74  ? 455 GLU A N   1 
ATOM   913  C  CA  . GLU A 1 104 ? -2.037  13.734  -7.129  1.00 22.36  ? 455 GLU A CA  1 
ATOM   914  C  C   . GLU A 1 104 ? -1.773  12.242  -7.083  1.00 21.58  ? 455 GLU A C   1 
ATOM   915  O  O   . GLU A 1 104 ? -1.381  11.640  -8.075  1.00 21.55  ? 455 GLU A O   1 
ATOM   916  C  CB  . GLU A 1 104 ? -0.890  14.459  -6.439  1.00 23.32  ? 455 GLU A CB  1 
ATOM   917  C  CG  . GLU A 1 104 ? -0.846  15.964  -6.698  1.00 26.60  ? 455 GLU A CG  1 
ATOM   918  C  CD  . GLU A 1 104 ? 0.489   16.569  -6.309  1.00 31.16  ? 455 GLU A CD  1 
ATOM   919  O  OE1 . GLU A 1 104 ? 1.511   15.847  -6.342  1.00 34.93  ? 455 GLU A OE1 1 
ATOM   920  O  OE2 . GLU A 1 104 ? 0.530   17.767  -5.973  1.00 33.62  ? 455 GLU A OE2 1 
ATOM   921  N  N   . TYR A 1 105 ? -2.006  11.646  -5.919  1.00 20.57  ? 456 TYR A N   1 
ATOM   922  C  CA  . TYR A 1 105 ? -1.784  10.216  -5.737  1.00 20.22  ? 456 TYR A CA  1 
ATOM   923  C  C   . TYR A 1 105 ? -2.389  9.781   -4.413  1.00 19.27  ? 456 TYR A C   1 
ATOM   924  O  O   . TYR A 1 105 ? -2.845  10.626  -3.630  1.00 18.59  ? 456 TYR A O   1 
ATOM   925  C  CB  . TYR A 1 105 ? -0.280  9.861   -5.817  1.00 22.98  ? 456 TYR A CB  1 
ATOM   926  C  CG  . TYR A 1 105 ? 0.645   10.825  -5.108  1.00 24.79  ? 456 TYR A CG  1 
ATOM   927  C  CD1 . TYR A 1 105 ? 1.415   11.735  -5.826  1.00 28.28  ? 456 TYR A CD1 1 
ATOM   928  C  CD2 . TYR A 1 105 ? 0.762   10.816  -3.719  1.00 27.96  ? 456 TYR A CD2 1 
ATOM   929  C  CE1 . TYR A 1 105 ? 2.280   12.632  -5.179  1.00 28.91  ? 456 TYR A CE1 1 
ATOM   930  C  CE2 . TYR A 1 105 ? 1.619   11.702  -3.062  1.00 28.81  ? 456 TYR A CE2 1 
ATOM   931  C  CZ  . TYR A 1 105 ? 2.374   12.604  -3.796  1.00 28.94  ? 456 TYR A CZ  1 
ATOM   932  O  OH  . TYR A 1 105 ? 3.221   13.465  -3.130  1.00 28.88  ? 456 TYR A OH  1 
ATOM   933  N  N   . ILE A 1 106 ? -2.439  8.468   -4.198  1.00 17.14  ? 457 ILE A N   1 
ATOM   934  C  CA  . ILE A 1 106 ? -2.798  7.890   -2.916  1.00 16.66  ? 457 ILE A CA  1 
ATOM   935  C  C   . ILE A 1 106 ? -1.499  7.478   -2.250  1.00 16.25  ? 457 ILE A C   1 
ATOM   936  O  O   . ILE A 1 106 ? -0.648  6.862   -2.892  1.00 16.12  ? 457 ILE A O   1 
ATOM   937  C  CB  . ILE A 1 106 ? -3.702  6.651   -3.115  1.00 16.42  ? 457 ILE A CB  1 
ATOM   938  C  CG1 . ILE A 1 106 ? -5.063  7.093   -3.670  1.00 17.38  ? 457 ILE A CG1 1 
ATOM   939  C  CG2 . ILE A 1 106 ? -3.900  5.871   -1.814  1.00 18.33  ? 457 ILE A CG2 1 
ATOM   940  C  CD1 . ILE A 1 106 ? -5.881  5.927   -4.272  1.00 21.44  ? 457 ILE A CD1 1 
ATOM   941  N  N   . ILE A 1 107 ? -1.329  7.874   -0.986  1.00 15.86  ? 458 ILE A N   1 
ATOM   942  C  CA  . ILE A 1 107 ? -0.149  7.516   -0.205  1.00 16.51  ? 458 ILE A CA  1 
ATOM   943  C  C   . ILE A 1 107 ? -0.511  6.375   0.712   1.00 15.49  ? 458 ILE A C   1 
ATOM   944  O  O   . ILE A 1 107 ? -1.425  6.515   1.522   1.00 15.47  ? 458 ILE A O   1 
ATOM   945  C  CB  . ILE A 1 107 ? 0.348   8.706   0.653   1.00 16.47  ? 458 ILE A CB  1 
ATOM   946  C  CG1 . ILE A 1 107 ? 0.733   9.873   -0.266  1.00 19.13  ? 458 ILE A CG1 1 
ATOM   947  C  CG2 . ILE A 1 107 ? 1.506   8.274   1.548   1.00 17.85  ? 458 ILE A CG2 1 
ATOM   948  C  CD1 . ILE A 1 107 ? 1.321   11.107  0.474   1.00 19.60  ? 458 ILE A CD1 1 
ATOM   949  N  N   . CYS A 1 108 ? 0.212   5.259   0.573   1.00 15.02  ? 459 CYS A N   1 
ATOM   950  C  CA  . CYS A 1 108 ? 0.036   4.093   1.430   1.00 15.53  ? 459 CYS A CA  1 
ATOM   951  C  C   . CYS A 1 108 ? 1.255   3.877   2.307   1.00 15.30  ? 459 CYS A C   1 
ATOM   952  O  O   . CYS A 1 108 ? 2.384   3.889   1.827   1.00 16.03  ? 459 CYS A O   1 
ATOM   953  C  CB  . CYS A 1 108 ? -0.183  2.835   0.569   1.00 15.30  ? 459 CYS A CB  1 
ATOM   954  S  SG  . CYS A 1 108 ? -1.772  2.831   -0.314  1.00 17.39  ? 459 CYS A SG  1 
ATOM   955  N  N   . THR A 1 109 ? 1.016   3.688   3.601   1.00 15.43  ? 460 THR A N   1 
ATOM   956  C  CA  . THR A 1 109 ? 2.088   3.310   4.516   1.00 15.72  ? 460 THR A CA  1 
ATOM   957  C  C   . THR A 1 109 ? 1.793   1.892   4.937   1.00 15.63  ? 460 THR A C   1 
ATOM   958  O  O   . THR A 1 109 ? 0.798   1.643   5.613   1.00 16.10  ? 460 THR A O   1 
ATOM   959  C  CB  . THR A 1 109 ? 2.126   4.247   5.739   1.00 15.67  ? 460 THR A CB  1 
ATOM   960  O  OG1 . THR A 1 109 ? 2.210   5.597   5.249   1.00 16.20  ? 460 THR A OG1 1 
ATOM   961  C  CG2 . THR A 1 109 ? 3.312   3.925   6.645   1.00 18.84  ? 460 THR A CG2 1 
ATOM   962  N  N   . ASN A 1 110 ? 2.653   0.969   4.498   1.00 15.37  ? 461 ASN A N   1 
ATOM   963  C  CA  . ASN A 1 110 ? 2.384   -0.479  4.560   1.00 15.07  ? 461 ASN A CA  1 
ATOM   964  C  C   . ASN A 1 110 ? 3.226   -1.118  5.643   1.00 15.19  ? 461 ASN A C   1 
ATOM   965  O  O   . ASN A 1 110 ? 4.449   -1.163  5.523   1.00 16.18  ? 461 ASN A O   1 
ATOM   966  C  CB  . ASN A 1 110 ? 2.707   -1.115  3.207   1.00 16.13  ? 461 ASN A CB  1 
ATOM   967  C  CG  . ASN A 1 110 ? 2.026   -0.410  2.066   1.00 17.04  ? 461 ASN A CG  1 
ATOM   968  O  OD1 . ASN A 1 110 ? 0.806   -0.491  1.917   1.00 18.65  ? 461 ASN A OD1 1 
ATOM   969  N  ND2 . ASN A 1 110 ? 2.805   0.316   1.260   1.00 17.56  ? 461 ASN A ND2 1 
ATOM   970  N  N   . THR A 1 111 ? 2.578   -1.594  6.711   1.00 16.36  ? 462 THR A N   1 
ATOM   971  C  CA  . THR A 1 111 ? 3.296   -2.102  7.876   1.00 16.83  ? 462 THR A CA  1 
ATOM   972  C  C   . THR A 1 111 ? 3.062   -3.598  8.034   1.00 16.84  ? 462 THR A C   1 
ATOM   973  O  O   . THR A 1 111 ? 1.916   -4.031  8.174   1.00 17.81  ? 462 THR A O   1 
ATOM   974  C  CB  . THR A 1 111 ? 2.791   -1.423  9.166   1.00 16.82  ? 462 THR A CB  1 
ATOM   975  O  OG1 . THR A 1 111 ? 2.804   0.003   8.990   1.00 18.18  ? 462 THR A OG1 1 
ATOM   976  C  CG2 . THR A 1 111 ? 3.648   -1.815  10.353  1.00 17.90  ? 462 THR A CG2 1 
ATOM   977  N  N   . ASN A 1 112 ? 4.132   -4.396  8.037   1.00 16.91  ? 463 ASN A N   1 
ATOM   978  C  CA  . ASN A 1 112 ? 3.986   -5.825  8.298   1.00 18.23  ? 463 ASN A CA  1 
ATOM   979  C  C   . ASN A 1 112 ? 3.788   -6.019  9.798   1.00 18.75  ? 463 ASN A C   1 
ATOM   980  O  O   . ASN A 1 112 ? 4.661   -5.674  10.602  1.00 19.48  ? 463 ASN A O   1 
ATOM   981  C  CB  . ASN A 1 112 ? 5.232   -6.568  7.775   1.00 18.38  ? 463 ASN A CB  1 
ATOM   982  C  CG  . ASN A 1 112 ? 5.196   -8.085  8.020   1.00 18.08  ? 463 ASN A CG  1 
ATOM   983  O  OD1 . ASN A 1 112 ? 6.252   -8.703  8.163   1.00 21.25  ? 463 ASN A OD1 1 
ATOM   984  N  ND2 . ASN A 1 112 ? 4.004   -8.683  8.034   1.00 19.15  ? 463 ASN A ND2 1 
ATOM   985  N  N   A VAL A 1 113 ? 2.626   -6.557  10.163  0.50 18.83  ? 464 VAL A N   1 
ATOM   986  N  N   B VAL A 1 113 ? 2.636   -6.566  10.180  0.50 19.77  ? 464 VAL A N   1 
ATOM   987  C  CA  A VAL A 1 113 ? 2.288   -6.806  11.563  0.50 19.03  ? 464 VAL A CA  1 
ATOM   988  C  CA  B VAL A 1 113 ? 2.326   -6.793  11.595  0.50 20.86  ? 464 VAL A CA  1 
ATOM   989  C  C   A VAL A 1 113 ? 2.064   -8.296  11.828  0.50 19.18  ? 464 VAL A C   1 
ATOM   990  C  C   B VAL A 1 113 ? 2.501   -8.266  11.989  0.50 21.10  ? 464 VAL A C   1 
ATOM   991  O  O   A VAL A 1 113 ? 2.038   -9.106  10.900  0.50 18.27  ? 464 VAL A O   1 
ATOM   992  O  O   B VAL A 1 113 ? 2.167   -8.674  13.107  0.50 21.86  ? 464 VAL A O   1 
ATOM   993  C  CB  A VAL A 1 113 ? 1.065   -5.957  12.007  0.50 19.05  ? 464 VAL A CB  1 
ATOM   994  C  CB  B VAL A 1 113 ? 0.917   -6.250  11.967  0.50 20.95  ? 464 VAL A CB  1 
ATOM   995  C  CG1 A VAL A 1 113 ? 1.404   -4.469  11.971  0.50 20.05  ? 464 VAL A CG1 1 
ATOM   996  C  CG1 B VAL A 1 113 ? 0.835   -4.736  11.710  0.50 21.60  ? 464 VAL A CG1 1 
ATOM   997  C  CG2 A VAL A 1 113 ? -0.157  -6.237  11.125  0.50 18.22  ? 464 VAL A CG2 1 
ATOM   998  C  CG2 B VAL A 1 113 ? -0.180  -6.983  11.203  0.50 21.80  ? 464 VAL A CG2 1 
HETATM 999  O  O   . HOH B 2 .   ? -8.226  10.305  1.043   1.00 14.30  ? 1   HOH A O   1 
HETATM 1000 O  O   . HOH B 2 .   ? 7.241   4.656   6.936   1.00 18.07  ? 2   HOH A O   1 
HETATM 1001 O  O   . HOH B 2 .   ? -0.313  6.505   4.473   1.00 15.15  ? 3   HOH A O   1 
HETATM 1002 O  O   . HOH B 2 .   ? -12.152 -9.026  0.759   1.00 19.00  ? 4   HOH A O   1 
HETATM 1003 O  O   . HOH B 2 .   ? 18.266  -0.086  8.355   1.00 23.99  ? 5   HOH A O   1 
HETATM 1004 O  O   . HOH B 2 .   ? 8.414   -7.884  6.842   1.00 26.35  ? 6   HOH A O   1 
HETATM 1005 O  O   . HOH B 2 .   ? 2.843   -11.333 8.904   1.00 24.45  ? 7   HOH A O   1 
HETATM 1006 O  O   . HOH B 2 .   ? 16.407  -8.436  -4.234  1.00 27.02  ? 8   HOH A O   1 
HETATM 1007 O  O   . HOH B 2 .   ? -4.907  18.533  -13.750 1.00 27.45  ? 9   HOH A O   1 
HETATM 1008 O  O   . HOH B 2 .   ? -13.834 14.608  -1.848  1.00 26.41  ? 10  HOH A O   1 
HETATM 1009 O  O   . HOH B 2 .   ? -3.185  16.906  0.572   1.00 25.83  ? 11  HOH A O   1 
HETATM 1010 O  O   . HOH B 2 .   ? 13.772  -9.172  -4.849  1.00 24.29  ? 12  HOH A O   1 
HETATM 1011 O  O   . HOH B 2 .   ? 5.430   4.466   11.421  1.00 25.15  ? 13  HOH A O   1 
HETATM 1012 O  O   . HOH B 2 .   ? 0.467   1.661   8.433   1.00 24.37  ? 14  HOH A O   1 
HETATM 1013 O  O   . HOH B 2 .   ? 10.221  -0.885  10.082  1.00 25.82  ? 15  HOH A O   1 
HETATM 1014 O  O   . HOH B 2 .   ? -5.015  -18.846 2.758   1.00 24.77  ? 16  HOH A O   1 
HETATM 1015 O  O   . HOH B 2 .   ? -0.473  5.858   9.086   1.00 24.10  ? 17  HOH A O   1 
HETATM 1016 O  O   . HOH B 2 .   ? 10.035  -10.371 3.378   1.00 43.97  ? 18  HOH A O   1 
HETATM 1017 O  O   . HOH B 2 .   ? 4.048   8.477   -7.431  1.00 25.51  ? 19  HOH A O   1 
HETATM 1018 O  O   . HOH B 2 .   ? 5.665   7.412   -11.054 1.00 28.01  ? 20  HOH A O   1 
HETATM 1019 O  O   . HOH B 2 .   ? 1.826   -18.072 4.114   1.00 29.19  ? 21  HOH A O   1 
HETATM 1020 O  O   . HOH B 2 .   ? -13.696 -8.037  -5.389  1.00 25.73  ? 22  HOH A O   1 
HETATM 1021 O  O   . HOH B 2 .   ? -6.078  1.778   3.597   1.00 24.43  ? 23  HOH A O   1 
HETATM 1022 O  O   . HOH B 2 .   ? 10.790  0.781   8.031   1.00 27.52  ? 24  HOH A O   1 
HETATM 1023 O  O   . HOH B 2 .   ? -15.443 6.285   3.475   1.00 34.17  ? 25  HOH A O   1 
HETATM 1024 O  O   . HOH B 2 .   ? 12.514  -7.212  7.730   1.00 29.43  ? 26  HOH A O   1 
HETATM 1025 O  O   . HOH B 2 .   ? 6.156   -3.636  11.580  1.00 32.63  ? 27  HOH A O   1 
HETATM 1026 O  O   . HOH B 2 .   ? 12.137  3.245   -7.478  1.00 48.58  ? 28  HOH A O   1 
HETATM 1027 O  O   . HOH B 2 .   ? 0.452   8.158   -8.990  1.00 33.25  ? 29  HOH A O   1 
HETATM 1028 O  O   . HOH B 2 .   ? 8.596   5.809   -8.898  1.00 24.53  ? 30  HOH A O   1 
HETATM 1029 O  O   A HOH B 2 .   ? 9.627   4.324   -6.793  0.50 14.93  ? 31  HOH A O   1 
HETATM 1030 O  O   B HOH B 2 .   ? 10.674  5.186   -6.379  0.50 27.07  ? 31  HOH A O   1 
HETATM 1031 O  O   . HOH B 2 .   ? 14.615  -2.992  2.498   1.00 21.54  ? 32  HOH A O   1 
HETATM 1032 O  O   . HOH B 2 .   ? -5.180  28.210  -6.215  1.00 30.66  ? 33  HOH A O   1 
HETATM 1033 O  O   . HOH B 2 .   ? -6.400  2.272   -0.195  1.00 25.10  ? 34  HOH A O   1 
HETATM 1034 O  O   . HOH B 2 .   ? -14.389 6.039   -5.635  1.00 42.48  ? 35  HOH A O   1 
HETATM 1035 O  O   . HOH B 2 .   ? -11.638 8.217   7.707   1.00 26.15  ? 36  HOH A O   1 
HETATM 1036 O  O   . HOH B 2 .   ? -7.758  -19.095 1.763   1.00 31.29  ? 37  HOH A O   1 
HETATM 1037 O  O   . HOH B 2 .   ? 12.525  3.591   -5.122  1.00 45.81  ? 38  HOH A O   1 
HETATM 1038 O  O   . HOH B 2 .   ? -8.186  19.794  0.606   1.00 31.68  ? 39  HOH A O   1 
HETATM 1039 O  O   . HOH B 2 .   ? -2.763  19.591  -10.104 1.00 32.53  ? 40  HOH A O   1 
HETATM 1040 O  O   . HOH B 2 .   ? -13.441 12.807  -4.687  1.00 43.12  ? 41  HOH A O   1 
HETATM 1041 O  O   . HOH B 2 .   ? -2.078  9.135   -9.396  1.00 29.64  ? 42  HOH A O   1 
HETATM 1042 O  O   . HOH B 2 .   ? 6.276   10.134  0.482   0.50 36.70  ? 43  HOH A O   1 
HETATM 1043 O  O   A HOH B 2 .   ? -9.921  15.194  -8.763  0.50 20.80  ? 44  HOH A O   1 
HETATM 1044 O  O   B HOH B 2 .   ? -9.498  15.509  -7.722  0.50 28.99  ? 44  HOH A O   1 
HETATM 1045 O  O   . HOH B 2 .   ? -2.830  1.757   9.666   1.00 29.15  ? 45  HOH A O   1 
HETATM 1046 O  O   . HOH B 2 .   ? -3.851  -13.268 -5.756  1.00 43.29  ? 46  HOH A O   1 
HETATM 1047 O  O   . HOH B 2 .   ? 9.044   -12.806 3.289   1.00 44.82  ? 47  HOH A O   1 
HETATM 1048 O  O   . HOH B 2 .   ? 3.437   29.610  -3.270  1.00 39.26  ? 48  HOH A O   1 
HETATM 1049 O  O   . HOH B 2 .   ? -4.867  -2.232  -12.493 1.00 43.07  ? 49  HOH A O   1 
HETATM 1050 O  O   . HOH B 2 .   ? 6.662   -8.763  -9.698  1.00 42.35  ? 50  HOH A O   1 
HETATM 1051 O  O   . HOH B 2 .   ? 19.886  -0.103  18.133  1.00 44.68  ? 51  HOH A O   1 
HETATM 1052 O  O   . HOH B 2 .   ? 10.758  -9.031  7.094   1.00 50.14  ? 52  HOH A O   1 
HETATM 1053 O  O   . HOH B 2 .   ? 13.859  4.418   -0.802  1.00 30.86  ? 53  HOH A O   1 
HETATM 1054 O  O   . HOH B 2 .   ? -3.177  -16.567 6.110   1.00 45.92  ? 54  HOH A O   1 
HETATM 1055 O  O   . HOH B 2 .   ? 4.896   11.624  -0.944  1.00 39.88  ? 55  HOH A O   1 
HETATM 1056 O  O   . HOH B 2 .   ? 5.261   13.925  -1.893  1.00 80.17  ? 56  HOH A O   1 
HETATM 1057 O  O   . HOH B 2 .   ? 19.597  6.935   22.279  1.00 47.66  ? 57  HOH A O   1 
HETATM 1058 O  O   . HOH B 2 .   ? -0.954  -15.308 7.021   1.00 50.08  ? 58  HOH A O   1 
HETATM 1059 O  O   A HOH B 2 .   ? -16.342 3.777   -2.040  0.50 42.28  ? 59  HOH A O   1 
HETATM 1060 O  O   B HOH B 2 .   ? -16.855 3.935   -1.347  0.50 39.61  ? 59  HOH A O   1 
HETATM 1061 O  O   . HOH B 2 .   ? -10.800 0.044   -6.427  1.00 50.11  ? 60  HOH A O   1 
HETATM 1062 O  O   . HOH B 2 .   ? -8.534  -1.354  -7.254  1.00 41.38  ? 61  HOH A O   1 
HETATM 1063 O  O   . HOH B 2 .   ? -10.340 4.347   -6.376  1.00 34.37  ? 62  HOH A O   1 
HETATM 1064 O  O   . HOH B 2 .   ? 13.011  5.517   -7.118  1.00 49.28  ? 63  HOH A O   1 
HETATM 1065 O  O   . HOH B 2 .   ? -0.515  -5.038  -14.003 1.00 44.55  ? 64  HOH A O   1 
HETATM 1066 O  O   . HOH B 2 .   ? 8.636   -1.721  -13.192 1.00 34.55  ? 65  HOH A O   1 
HETATM 1067 O  O   . HOH B 2 .   ? 5.989   1.415   12.080  1.00 41.29  ? 66  HOH A O   1 
HETATM 1068 O  O   . HOH B 2 .   ? 11.234  -3.386  11.787  1.00 35.31  ? 67  HOH A O   1 
HETATM 1069 O  O   . HOH B 2 .   ? -10.919 18.603  -1.240  1.00 37.54  ? 68  HOH A O   1 
HETATM 1070 O  O   . HOH B 2 .   ? -5.167  21.441  -1.634  1.00 37.40  ? 69  HOH A O   1 
HETATM 1071 O  O   . HOH B 2 .   ? -3.975  2.696   -15.794 1.00 45.38  ? 70  HOH A O   1 
HETATM 1072 O  O   . HOH B 2 .   ? 0.268   -10.741 12.934  1.00 43.43  ? 71  HOH A O   1 
HETATM 1073 O  O   . HOH B 2 .   ? -2.085  -3.996  13.849  1.00 46.66  ? 72  HOH A O   1 
HETATM 1074 O  O   . HOH B 2 .   ? 16.465  -7.207  13.341  1.00 59.01  ? 73  HOH A O   1 
HETATM 1075 O  O   . HOH B 2 .   ? -2.919  -10.335 12.471  1.00 43.98  ? 74  HOH A O   1 
HETATM 1076 O  O   . HOH B 2 .   ? 7.629   -13.633 -7.193  1.00 42.30  ? 75  HOH A O   1 
HETATM 1077 O  O   . HOH B 2 .   ? -8.923  -8.512  6.627   1.00 43.94  ? 76  HOH A O   1 
HETATM 1078 O  O   . HOH B 2 .   ? -5.932  -1.641  10.292  1.00 49.31  ? 77  HOH A O   1 
HETATM 1079 O  O   . HOH B 2 .   ? -8.447  -1.826  9.953   1.00 49.62  ? 78  HOH A O   1 
HETATM 1080 O  O   . HOH B 2 .   ? -17.262 -4.220  -0.093  1.00 44.53  ? 79  HOH A O   1 
HETATM 1081 O  O   . HOH B 2 .   ? 6.855   -4.194  -12.258 1.00 34.83  ? 80  HOH A O   1 
HETATM 1082 O  O   . HOH B 2 .   ? 6.429   9.543   -9.197  1.00 48.43  ? 81  HOH A O   1 
HETATM 1083 O  O   . HOH B 2 .   ? -8.897  -4.202  -8.456  1.00 52.68  ? 82  HOH A O   1 
HETATM 1084 O  O   . HOH B 2 .   ? 3.786   21.835  -4.546  1.00 37.76  ? 83  HOH A O   1 
HETATM 1085 O  O   . HOH B 2 .   ? -1.148  19.465  -0.282  1.00 39.18  ? 84  HOH A O   1 
HETATM 1086 O  O   . HOH B 2 .   ? -5.764  11.062  -9.701  1.00 42.97  ? 85  HOH A O   1 
HETATM 1087 O  O   . HOH B 2 .   ? 12.335  -6.313  12.188  1.00 38.69  ? 86  HOH A O   1 
HETATM 1088 O  O   . HOH B 2 .   ? 4.403   -10.728 -8.521  1.00 46.18  ? 87  HOH A O   1 
HETATM 1089 O  O   . HOH B 2 .   ? 3.012   19.602  -3.153  1.00 43.04  ? 88  HOH A O   1 
HETATM 1090 O  O   . HOH B 2 .   ? -12.733 5.103   -7.419  1.00 43.03  ? 89  HOH A O   1 
HETATM 1091 O  O   . HOH B 2 .   ? 15.959  -1.166  -4.143  1.00 52.06  ? 90  HOH A O   1 
HETATM 1092 O  O   . HOH B 2 .   ? 12.375  -16.506 -2.827  1.00 53.91  ? 91  HOH A O   1 
HETATM 1093 O  O   . HOH B 2 .   ? 5.036   15.001  -4.299  1.00 51.76  ? 92  HOH A O   1 
HETATM 1094 O  O   . HOH B 2 .   ? 8.758   -10.512 -8.858  1.00 49.50  ? 93  HOH A O   1 
HETATM 1095 O  O   . HOH B 2 .   ? 3.301   -10.307 14.736  1.00 47.24  ? 94  HOH A O   1 
HETATM 1096 O  O   . HOH B 2 .   ? -18.024 0.208   1.782   1.00 65.12  ? 95  HOH A O   1 
HETATM 1097 O  O   . HOH B 2 .   ? 9.600   8.286   -8.284  1.00 43.66  ? 96  HOH A O   1 
HETATM 1098 O  O   . HOH B 2 .   ? 7.000   -11.172 9.010   1.00 43.97  ? 97  HOH A O   1 
HETATM 1099 O  O   . HOH B 2 .   ? 0.498   -3.324  15.619  1.00 72.29  ? 98  HOH A O   1 
HETATM 1100 O  O   . HOH B 2 .   ? 0.140   12.742  -10.045 1.00 49.45  ? 99  HOH A O   1 
HETATM 1101 O  O   . HOH B 2 .   ? 14.887  -1.000  16.611  1.00 46.35  ? 100 HOH A O   1 
HETATM 1102 O  O   . HOH B 2 .   ? 13.645  -3.326  14.876  1.00 57.31  ? 101 HOH A O   1 
HETATM 1103 O  O   . HOH B 2 .   ? 9.812   1.375   11.215  1.00 49.95  ? 102 HOH A O   1 
HETATM 1104 O  O   . HOH B 2 .   ? 10.567  2.077   13.864  1.00 47.23  ? 103 HOH A O   1 
HETATM 1105 O  O   . HOH B 2 .   ? 5.110   -14.408 -4.047  1.00 44.00  ? 104 HOH A O   1 
HETATM 1106 O  O   . HOH B 2 .   ? 6.652   -8.639  11.948  1.00 45.54  ? 105 HOH A O   1 
HETATM 1107 O  O   . HOH B 2 .   ? -1.161  3.175   10.762  1.00 42.08  ? 106 HOH A O   1 
HETATM 1108 O  O   . HOH B 2 .   ? -1.464  -13.925 -6.809  1.00 38.95  ? 107 HOH A O   1 
HETATM 1109 O  O   . HOH B 2 .   ? -1.794  -12.399 -4.769  1.00 42.96  ? 108 HOH A O   1 
HETATM 1110 O  O   . HOH B 2 .   ? -2.463  -7.964  13.596  1.00 104.10 ? 109 HOH A O   1 
HETATM 1111 O  O   . HOH B 2 .   ? 14.716  -4.304  13.010  1.00 35.43  ? 110 HOH A O   1 
HETATM 1112 O  O   . HOH B 2 .   ? 7.805   -1.003  11.229  1.00 33.43  ? 111 HOH A O   1 
# 
